data_7KPK
# 
_entry.id   7KPK 
# 
_audit_conform.dict_name       mmcif_pdbx.dic 
_audit_conform.dict_version    5.380 
_audit_conform.dict_location   http://mmcif.pdb.org/dictionaries/ascii/mmcif_pdbx.dic 
# 
loop_
_database_2.database_id 
_database_2.database_code 
_database_2.pdbx_database_accession 
_database_2.pdbx_DOI 
PDB   7KPK         pdb_00007kpk 10.2210/pdb7kpk/pdb 
WWPDB D_1000252905 ?            ?                   
# 
_pdbx_database_status.status_code                     REL 
_pdbx_database_status.status_code_sf                  REL 
_pdbx_database_status.status_code_mr                  ? 
_pdbx_database_status.entry_id                        7KPK 
_pdbx_database_status.recvd_initial_deposition_date   2020-11-11 
_pdbx_database_status.SG_entry                        N 
_pdbx_database_status.deposit_site                    RCSB 
_pdbx_database_status.process_site                    RCSB 
_pdbx_database_status.status_code_cs                  ? 
_pdbx_database_status.status_code_nmr_data            ? 
_pdbx_database_status.methods_development_category    ? 
_pdbx_database_status.pdb_format_compatible           Y 
# 
loop_
_audit_author.name 
_audit_author.pdbx_ordinal 
_audit_author.identifier_ORCID 
'Usher, E.T.' 1 ? 
'Boal, A.K.'  2 ? 
# 
_citation.abstract                  ? 
_citation.abstract_id_CAS           ? 
_citation.book_id_ISBN              ? 
_citation.book_publisher            ? 
_citation.book_publisher_city       ? 
_citation.book_title                ? 
_citation.coordinate_linkage        ? 
_citation.country                   US 
_citation.database_id_Medline       ? 
_citation.details                   ? 
_citation.id                        primary 
_citation.journal_abbrev            J.Biol.Chem. 
_citation.journal_id_ASTM           JBCHA3 
_citation.journal_id_CSD            0071 
_citation.journal_id_ISSN           1083-351X 
_citation.journal_full              ? 
_citation.journal_issue             ? 
_citation.journal_volume            296 
_citation.language                  ? 
_citation.page_first                100693 
_citation.page_last                 100693 
_citation.title                     
'Intrinsically disordered substrates dictate SPOP subnuclear localization and ubiquitination activity.' 
_citation.year                      2021 
_citation.database_id_CSD           ? 
_citation.pdbx_database_id_DOI      10.1016/j.jbc.2021.100693 
_citation.pdbx_database_id_PubMed   33894201 
_citation.unpublished_flag          ? 
# 
loop_
_citation_author.citation_id 
_citation_author.name 
_citation_author.ordinal 
_citation_author.identifier_ORCID 
primary 'Usher, E.T.'     1 ? 
primary 'Sabri, N.'       2 ? 
primary 'Rohac, R.'       3 ? 
primary 'Boal, A.K.'      4 ? 
primary 'Mittag, T.'      5 ? 
primary 'Showalter, S.A.' 6 ? 
# 
_cell.angle_alpha                  90.000 
_cell.angle_alpha_esd              ? 
_cell.angle_beta                   101.430 
_cell.angle_beta_esd               ? 
_cell.angle_gamma                  90.000 
_cell.angle_gamma_esd              ? 
_cell.entry_id                     7KPK 
_cell.details                      ? 
_cell.formula_units_Z              ? 
_cell.length_a                     61.796 
_cell.length_a_esd                 ? 
_cell.length_b                     53.985 
_cell.length_b_esd                 ? 
_cell.length_c                     41.556 
_cell.length_c_esd                 ? 
_cell.volume                       135883.751 
_cell.volume_esd                   ? 
_cell.Z_PDB                        4 
_cell.reciprocal_angle_alpha       ? 
_cell.reciprocal_angle_beta        ? 
_cell.reciprocal_angle_gamma       ? 
_cell.reciprocal_angle_alpha_esd   ? 
_cell.reciprocal_angle_beta_esd    ? 
_cell.reciprocal_angle_gamma_esd   ? 
_cell.reciprocal_length_a          ? 
_cell.reciprocal_length_b          ? 
_cell.reciprocal_length_c          ? 
_cell.reciprocal_length_a_esd      ? 
_cell.reciprocal_length_b_esd      ? 
_cell.reciprocal_length_c_esd      ? 
_cell.pdbx_unique_axis             ? 
# 
_symmetry.entry_id                         7KPK 
_symmetry.cell_setting                     ? 
_symmetry.Int_Tables_number                5 
_symmetry.space_group_name_Hall            'C 2y' 
_symmetry.space_group_name_H-M             'C 1 2 1' 
_symmetry.pdbx_full_space_group_name_H-M   ? 
# 
loop_
_entity.id 
_entity.type 
_entity.src_method 
_entity.pdbx_description 
_entity.formula_weight 
_entity.pdbx_number_of_molecules 
_entity.pdbx_ec 
_entity.pdbx_mutation 
_entity.pdbx_fragment 
_entity.details 
1 polymer man 'Speckle-type POZ protein' 16352.821 1   ? ? 'MATH domain' ? 
2 polymer syn 'Pdx1 peptide'             2063.297  1   ? ? ?             ? 
3 water   nat water                      18.015    108 ? ? ?             ? 
# 
loop_
_entity_poly.entity_id 
_entity_poly.type 
_entity_poly.nstd_linkage 
_entity_poly.nstd_monomer 
_entity_poly.pdbx_seq_one_letter_code 
_entity_poly.pdbx_seq_one_letter_code_can 
_entity_poly.pdbx_strand_id 
_entity_poly.pdbx_target_identifier 
1 'polypeptide(L)' no no 
;GPGKVVKFSYMWTINNFSFCREEMGEVIKSSTFSSGANDKLKWCLRVNPKGLDEESKDYLSLYLLLVSCPKSEVRAKFKF
SILNAKGEETKAMESQRAYRFVQGKDWGFKKFIRRDFLLDEANGLLPDDKLTLFCEVSVVQD
;
;GPGKVVKFSYMWTINNFSFCREEMGEVIKSSTFSSGANDKLKWCLRVNPKGLDEESKDYLSLYLLLVSCPKSEVRAKFKF
SILNAKGEETKAMESQRAYRFVQGKDWGFKKFIRRDFLLDEANGLLPDDKLTLFCEVSVVQD
;
A ? 
2 'polypeptide(L)' no no LSASPQPSSVAPRRPQEPR LSASPQPSSVAPRRPQEPR B ? 
# 
loop_
_entity_poly_seq.entity_id 
_entity_poly_seq.num 
_entity_poly_seq.mon_id 
_entity_poly_seq.hetero 
1 1   GLY n 
1 2   PRO n 
1 3   GLY n 
1 4   LYS n 
1 5   VAL n 
1 6   VAL n 
1 7   LYS n 
1 8   PHE n 
1 9   SER n 
1 10  TYR n 
1 11  MET n 
1 12  TRP n 
1 13  THR n 
1 14  ILE n 
1 15  ASN n 
1 16  ASN n 
1 17  PHE n 
1 18  SER n 
1 19  PHE n 
1 20  CYS n 
1 21  ARG n 
1 22  GLU n 
1 23  GLU n 
1 24  MET n 
1 25  GLY n 
1 26  GLU n 
1 27  VAL n 
1 28  ILE n 
1 29  LYS n 
1 30  SER n 
1 31  SER n 
1 32  THR n 
1 33  PHE n 
1 34  SER n 
1 35  SER n 
1 36  GLY n 
1 37  ALA n 
1 38  ASN n 
1 39  ASP n 
1 40  LYS n 
1 41  LEU n 
1 42  LYS n 
1 43  TRP n 
1 44  CYS n 
1 45  LEU n 
1 46  ARG n 
1 47  VAL n 
1 48  ASN n 
1 49  PRO n 
1 50  LYS n 
1 51  GLY n 
1 52  LEU n 
1 53  ASP n 
1 54  GLU n 
1 55  GLU n 
1 56  SER n 
1 57  LYS n 
1 58  ASP n 
1 59  TYR n 
1 60  LEU n 
1 61  SER n 
1 62  LEU n 
1 63  TYR n 
1 64  LEU n 
1 65  LEU n 
1 66  LEU n 
1 67  VAL n 
1 68  SER n 
1 69  CYS n 
1 70  PRO n 
1 71  LYS n 
1 72  SER n 
1 73  GLU n 
1 74  VAL n 
1 75  ARG n 
1 76  ALA n 
1 77  LYS n 
1 78  PHE n 
1 79  LYS n 
1 80  PHE n 
1 81  SER n 
1 82  ILE n 
1 83  LEU n 
1 84  ASN n 
1 85  ALA n 
1 86  LYS n 
1 87  GLY n 
1 88  GLU n 
1 89  GLU n 
1 90  THR n 
1 91  LYS n 
1 92  ALA n 
1 93  MET n 
1 94  GLU n 
1 95  SER n 
1 96  GLN n 
1 97  ARG n 
1 98  ALA n 
1 99  TYR n 
1 100 ARG n 
1 101 PHE n 
1 102 VAL n 
1 103 GLN n 
1 104 GLY n 
1 105 LYS n 
1 106 ASP n 
1 107 TRP n 
1 108 GLY n 
1 109 PHE n 
1 110 LYS n 
1 111 LYS n 
1 112 PHE n 
1 113 ILE n 
1 114 ARG n 
1 115 ARG n 
1 116 ASP n 
1 117 PHE n 
1 118 LEU n 
1 119 LEU n 
1 120 ASP n 
1 121 GLU n 
1 122 ALA n 
1 123 ASN n 
1 124 GLY n 
1 125 LEU n 
1 126 LEU n 
1 127 PRO n 
1 128 ASP n 
1 129 ASP n 
1 130 LYS n 
1 131 LEU n 
1 132 THR n 
1 133 LEU n 
1 134 PHE n 
1 135 CYS n 
1 136 GLU n 
1 137 VAL n 
1 138 SER n 
1 139 VAL n 
1 140 VAL n 
1 141 GLN n 
1 142 ASP n 
2 1   LEU n 
2 2   SER n 
2 3   ALA n 
2 4   SER n 
2 5   PRO n 
2 6   GLN n 
2 7   PRO n 
2 8   SER n 
2 9   SER n 
2 10  VAL n 
2 11  ALA n 
2 12  PRO n 
2 13  ARG n 
2 14  ARG n 
2 15  PRO n 
2 16  GLN n 
2 17  GLU n 
2 18  PRO n 
2 19  ARG n 
# 
_entity_src_gen.entity_id                          1 
_entity_src_gen.pdbx_src_id                        1 
_entity_src_gen.pdbx_alt_source_flag               sample 
_entity_src_gen.pdbx_seq_type                      'Biological sequence' 
_entity_src_gen.pdbx_beg_seq_num                   1 
_entity_src_gen.pdbx_end_seq_num                   142 
_entity_src_gen.gene_src_common_name               Human 
_entity_src_gen.gene_src_genus                     ? 
_entity_src_gen.pdbx_gene_src_gene                 SPOP 
_entity_src_gen.gene_src_species                   ? 
_entity_src_gen.gene_src_strain                    ? 
_entity_src_gen.gene_src_tissue                    ? 
_entity_src_gen.gene_src_tissue_fraction           ? 
_entity_src_gen.gene_src_details                   ? 
_entity_src_gen.pdbx_gene_src_fragment             ? 
_entity_src_gen.pdbx_gene_src_scientific_name      'Homo sapiens' 
_entity_src_gen.pdbx_gene_src_ncbi_taxonomy_id     9606 
_entity_src_gen.pdbx_gene_src_variant              ? 
_entity_src_gen.pdbx_gene_src_cell_line            ? 
_entity_src_gen.pdbx_gene_src_atcc                 ? 
_entity_src_gen.pdbx_gene_src_organ                ? 
_entity_src_gen.pdbx_gene_src_organelle            ? 
_entity_src_gen.pdbx_gene_src_cell                 ? 
_entity_src_gen.pdbx_gene_src_cellular_location    ? 
_entity_src_gen.host_org_common_name               ? 
_entity_src_gen.pdbx_host_org_scientific_name      'Escherichia coli' 
_entity_src_gen.pdbx_host_org_ncbi_taxonomy_id     562 
_entity_src_gen.host_org_genus                     ? 
_entity_src_gen.pdbx_host_org_gene                 ? 
_entity_src_gen.pdbx_host_org_organ                ? 
_entity_src_gen.host_org_species                   ? 
_entity_src_gen.pdbx_host_org_tissue               ? 
_entity_src_gen.pdbx_host_org_tissue_fraction      ? 
_entity_src_gen.pdbx_host_org_strain               ? 
_entity_src_gen.pdbx_host_org_variant              ? 
_entity_src_gen.pdbx_host_org_cell_line            ? 
_entity_src_gen.pdbx_host_org_atcc                 ? 
_entity_src_gen.pdbx_host_org_culture_collection   ? 
_entity_src_gen.pdbx_host_org_cell                 ? 
_entity_src_gen.pdbx_host_org_organelle            ? 
_entity_src_gen.pdbx_host_org_cellular_location    ? 
_entity_src_gen.pdbx_host_org_vector_type          ? 
_entity_src_gen.pdbx_host_org_vector               ? 
_entity_src_gen.host_org_details                   ? 
_entity_src_gen.expression_system_id               ? 
_entity_src_gen.plasmid_name                       ? 
_entity_src_gen.plasmid_details                    ? 
_entity_src_gen.pdbx_description                   ? 
# 
_pdbx_entity_src_syn.entity_id              2 
_pdbx_entity_src_syn.pdbx_src_id            1 
_pdbx_entity_src_syn.pdbx_alt_source_flag   sample 
_pdbx_entity_src_syn.pdbx_beg_seq_num       1 
_pdbx_entity_src_syn.pdbx_end_seq_num       19 
_pdbx_entity_src_syn.organism_scientific    'Homo sapiens' 
_pdbx_entity_src_syn.organism_common_name   human 
_pdbx_entity_src_syn.ncbi_taxonomy_id       9606 
_pdbx_entity_src_syn.details                ? 
# 
loop_
_struct_ref.id 
_struct_ref.db_name 
_struct_ref.db_code 
_struct_ref.pdbx_db_accession 
_struct_ref.pdbx_db_isoform 
_struct_ref.entity_id 
_struct_ref.pdbx_seq_one_letter_code 
_struct_ref.pdbx_align_begin 
1 UNP D6RDG8_HUMAN D6RDG8 ? 1 
;KVVKFSYMWTINNFSFCREEMGEVIKSSTFSSGANDKLKWCLRVNPKGLDEESKDYLSLYLLLVSCPKSEVRAKFKFSIL
NAKGEETKAMESQRAYRFVQGKDWGFKKFIRRDFLLDEANGLLPDDKLTLFCEVSVVQD
;
28 
2 PDB 7KPK         7KPK   ? 2 ? 1  
# 
loop_
_struct_ref_seq.align_id 
_struct_ref_seq.ref_id 
_struct_ref_seq.pdbx_PDB_id_code 
_struct_ref_seq.pdbx_strand_id 
_struct_ref_seq.seq_align_beg 
_struct_ref_seq.pdbx_seq_align_beg_ins_code 
_struct_ref_seq.seq_align_end 
_struct_ref_seq.pdbx_seq_align_end_ins_code 
_struct_ref_seq.pdbx_db_accession 
_struct_ref_seq.db_align_beg 
_struct_ref_seq.pdbx_db_align_beg_ins_code 
_struct_ref_seq.db_align_end 
_struct_ref_seq.pdbx_db_align_end_ins_code 
_struct_ref_seq.pdbx_auth_seq_align_beg 
_struct_ref_seq.pdbx_auth_seq_align_end 
1 1 7KPK A 4 ? 142 ? D6RDG8 28 ? 166 ? 28 166 
2 2 7KPK B 1 ? 19  ? 7KPK   1  ? 19  ? 1  19  
# 
loop_
_struct_ref_seq_dif.align_id 
_struct_ref_seq_dif.pdbx_pdb_id_code 
_struct_ref_seq_dif.mon_id 
_struct_ref_seq_dif.pdbx_pdb_strand_id 
_struct_ref_seq_dif.seq_num 
_struct_ref_seq_dif.pdbx_pdb_ins_code 
_struct_ref_seq_dif.pdbx_seq_db_name 
_struct_ref_seq_dif.pdbx_seq_db_accession_code 
_struct_ref_seq_dif.db_mon_id 
_struct_ref_seq_dif.pdbx_seq_db_seq_num 
_struct_ref_seq_dif.details 
_struct_ref_seq_dif.pdbx_auth_seq_num 
_struct_ref_seq_dif.pdbx_ordinal 
1 7KPK GLY A 1 ? UNP D6RDG8 ? ? 'expression tag' 25 1 
1 7KPK PRO A 2 ? UNP D6RDG8 ? ? 'expression tag' 26 2 
1 7KPK GLY A 3 ? UNP D6RDG8 ? ? 'expression tag' 27 3 
# 
loop_
_chem_comp.id 
_chem_comp.type 
_chem_comp.mon_nstd_flag 
_chem_comp.name 
_chem_comp.pdbx_synonyms 
_chem_comp.formula 
_chem_comp.formula_weight 
ALA 'L-peptide linking' y ALANINE         ? 'C3 H7 N O2'     89.093  
ARG 'L-peptide linking' y ARGININE        ? 'C6 H15 N4 O2 1' 175.209 
ASN 'L-peptide linking' y ASPARAGINE      ? 'C4 H8 N2 O3'    132.118 
ASP 'L-peptide linking' y 'ASPARTIC ACID' ? 'C4 H7 N O4'     133.103 
CYS 'L-peptide linking' y CYSTEINE        ? 'C3 H7 N O2 S'   121.158 
GLN 'L-peptide linking' y GLUTAMINE       ? 'C5 H10 N2 O3'   146.144 
GLU 'L-peptide linking' y 'GLUTAMIC ACID' ? 'C5 H9 N O4'     147.129 
GLY 'peptide linking'   y GLYCINE         ? 'C2 H5 N O2'     75.067  
HOH non-polymer         . WATER           ? 'H2 O'           18.015  
ILE 'L-peptide linking' y ISOLEUCINE      ? 'C6 H13 N O2'    131.173 
LEU 'L-peptide linking' y LEUCINE         ? 'C6 H13 N O2'    131.173 
LYS 'L-peptide linking' y LYSINE          ? 'C6 H15 N2 O2 1' 147.195 
MET 'L-peptide linking' y METHIONINE      ? 'C5 H11 N O2 S'  149.211 
PHE 'L-peptide linking' y PHENYLALANINE   ? 'C9 H11 N O2'    165.189 
PRO 'L-peptide linking' y PROLINE         ? 'C5 H9 N O2'     115.130 
SER 'L-peptide linking' y SERINE          ? 'C3 H7 N O3'     105.093 
THR 'L-peptide linking' y THREONINE       ? 'C4 H9 N O3'     119.119 
TRP 'L-peptide linking' y TRYPTOPHAN      ? 'C11 H12 N2 O2'  204.225 
TYR 'L-peptide linking' y TYROSINE        ? 'C9 H11 N O3'    181.189 
VAL 'L-peptide linking' y VALINE          ? 'C5 H11 N O2'    117.146 
# 
_exptl.absorpt_coefficient_mu     ? 
_exptl.absorpt_correction_T_max   ? 
_exptl.absorpt_correction_T_min   ? 
_exptl.absorpt_correction_type    ? 
_exptl.absorpt_process_details    ? 
_exptl.entry_id                   7KPK 
_exptl.crystals_number            1 
_exptl.details                    ? 
_exptl.method                     'X-RAY DIFFRACTION' 
_exptl.method_details             ? 
# 
_exptl_crystal.colour                      ? 
_exptl_crystal.density_diffrn              ? 
_exptl_crystal.density_Matthews            1.84 
_exptl_crystal.density_method              ? 
_exptl_crystal.density_percent_sol         33.32 
_exptl_crystal.description                 ? 
_exptl_crystal.F_000                       ? 
_exptl_crystal.id                          1 
_exptl_crystal.preparation                 ? 
_exptl_crystal.size_max                    ? 
_exptl_crystal.size_mid                    ? 
_exptl_crystal.size_min                    ? 
_exptl_crystal.size_rad                    ? 
_exptl_crystal.colour_lustre               ? 
_exptl_crystal.colour_modifier             ? 
_exptl_crystal.colour_primary              ? 
_exptl_crystal.density_meas                ? 
_exptl_crystal.density_meas_esd            ? 
_exptl_crystal.density_meas_gt             ? 
_exptl_crystal.density_meas_lt             ? 
_exptl_crystal.density_meas_temp           ? 
_exptl_crystal.density_meas_temp_esd       ? 
_exptl_crystal.density_meas_temp_gt        ? 
_exptl_crystal.density_meas_temp_lt        ? 
_exptl_crystal.pdbx_crystal_image_url      ? 
_exptl_crystal.pdbx_crystal_image_format   ? 
_exptl_crystal.pdbx_mosaicity              ? 
_exptl_crystal.pdbx_mosaicity_esd          ? 
# 
_exptl_crystal_grow.apparatus       ? 
_exptl_crystal_grow.atmosphere      ? 
_exptl_crystal_grow.crystal_id      1 
_exptl_crystal_grow.details         ? 
_exptl_crystal_grow.method          'VAPOR DIFFUSION, HANGING DROP' 
_exptl_crystal_grow.method_ref      ? 
_exptl_crystal_grow.pH              ? 
_exptl_crystal_grow.pressure        ? 
_exptl_crystal_grow.pressure_esd    ? 
_exptl_crystal_grow.seeding         ? 
_exptl_crystal_grow.seeding_ref     ? 
_exptl_crystal_grow.temp            295 
_exptl_crystal_grow.temp_details    ? 
_exptl_crystal_grow.temp_esd        ? 
_exptl_crystal_grow.time            ? 
_exptl_crystal_grow.pdbx_details    '50 mM sodium cacodylate, pH 6.5, 0.08 M magnesium acetate, 30% (w/v) PEG 4000' 
_exptl_crystal_grow.pdbx_pH_range   ? 
# 
_diffrn.ambient_environment              ? 
_diffrn.ambient_temp                     100 
_diffrn.ambient_temp_details             ? 
_diffrn.ambient_temp_esd                 ? 
_diffrn.crystal_id                       1 
_diffrn.crystal_support                  ? 
_diffrn.crystal_treatment                ? 
_diffrn.details                          ? 
_diffrn.id                               1 
_diffrn.ambient_pressure                 ? 
_diffrn.ambient_pressure_esd             ? 
_diffrn.ambient_pressure_gt              ? 
_diffrn.ambient_pressure_lt              ? 
_diffrn.ambient_temp_gt                  ? 
_diffrn.ambient_temp_lt                  ? 
_diffrn.pdbx_serial_crystal_experiment   N 
# 
_diffrn_detector.details                      ? 
_diffrn_detector.detector                     PIXEL 
_diffrn_detector.diffrn_id                    1 
_diffrn_detector.type                         'DECTRIS EIGER X 16M' 
_diffrn_detector.area_resol_mean              ? 
_diffrn_detector.dtime                        ? 
_diffrn_detector.pdbx_frames_total            ? 
_diffrn_detector.pdbx_collection_time_total   ? 
_diffrn_detector.pdbx_collection_date         2018-07-11 
_diffrn_detector.pdbx_frequency               ? 
# 
_diffrn_radiation.collimation                      ? 
_diffrn_radiation.diffrn_id                        1 
_diffrn_radiation.filter_edge                      ? 
_diffrn_radiation.inhomogeneity                    ? 
_diffrn_radiation.monochromator                    ? 
_diffrn_radiation.polarisn_norm                    ? 
_diffrn_radiation.polarisn_ratio                   ? 
_diffrn_radiation.probe                            ? 
_diffrn_radiation.type                             ? 
_diffrn_radiation.xray_symbol                      ? 
_diffrn_radiation.wavelength_id                    1 
_diffrn_radiation.pdbx_monochromatic_or_laue_m_l   M 
_diffrn_radiation.pdbx_wavelength_list             ? 
_diffrn_radiation.pdbx_wavelength                  ? 
_diffrn_radiation.pdbx_diffrn_protocol             'SINGLE WAVELENGTH' 
_diffrn_radiation.pdbx_analyzer                    ? 
_diffrn_radiation.pdbx_scattering_type             x-ray 
# 
_diffrn_radiation_wavelength.id           1 
_diffrn_radiation_wavelength.wavelength   0.7999898 
_diffrn_radiation_wavelength.wt           1.0 
# 
_diffrn_source.current                     ? 
_diffrn_source.details                     ? 
_diffrn_source.diffrn_id                   1 
_diffrn_source.power                       ? 
_diffrn_source.size                        ? 
_diffrn_source.source                      SYNCHROTRON 
_diffrn_source.target                      ? 
_diffrn_source.type                        'APS BEAMLINE 23-ID-B' 
_diffrn_source.voltage                     ? 
_diffrn_source.take-off_angle              ? 
_diffrn_source.pdbx_wavelength_list        0.7999898 
_diffrn_source.pdbx_wavelength             ? 
_diffrn_source.pdbx_synchrotron_beamline   23-ID-B 
_diffrn_source.pdbx_synchrotron_site       APS 
# 
_reflns.B_iso_Wilson_estimate            12.46 
_reflns.entry_id                         7KPK 
_reflns.data_reduction_details           ? 
_reflns.data_reduction_method            ? 
_reflns.d_resolution_high                1.7 
_reflns.d_resolution_low                 50 
_reflns.details                          ? 
_reflns.limit_h_max                      ? 
_reflns.limit_h_min                      ? 
_reflns.limit_k_max                      ? 
_reflns.limit_k_min                      ? 
_reflns.limit_l_max                      ? 
_reflns.limit_l_min                      ? 
_reflns.number_all                       ? 
_reflns.number_obs                       13113 
_reflns.observed_criterion               ? 
_reflns.observed_criterion_F_max         ? 
_reflns.observed_criterion_F_min         ? 
_reflns.observed_criterion_I_max         ? 
_reflns.observed_criterion_I_min         ? 
_reflns.observed_criterion_sigma_F       ? 
_reflns.observed_criterion_sigma_I       ? 
_reflns.percent_possible_obs             89.7 
_reflns.R_free_details                   ? 
_reflns.Rmerge_F_all                     ? 
_reflns.Rmerge_F_obs                     ? 
_reflns.Friedel_coverage                 ? 
_reflns.number_gt                        ? 
_reflns.threshold_expression             ? 
_reflns.pdbx_redundancy                  3.4 
_reflns.pdbx_Rmerge_I_obs                ? 
_reflns.pdbx_Rmerge_I_all                ? 
_reflns.pdbx_Rsym_value                  ? 
_reflns.pdbx_netI_over_av_sigmaI         ? 
_reflns.pdbx_netI_over_sigmaI            20.5 
_reflns.pdbx_res_netI_over_av_sigmaI_2   ? 
_reflns.pdbx_res_netI_over_sigmaI_2      ? 
_reflns.pdbx_chi_squared                 ? 
_reflns.pdbx_scaling_rejects             ? 
_reflns.pdbx_d_res_high_opt              ? 
_reflns.pdbx_d_res_low_opt               ? 
_reflns.pdbx_d_res_opt_method            ? 
_reflns.phase_calculation_details        ? 
_reflns.pdbx_Rrim_I_all                  ? 
_reflns.pdbx_Rpim_I_all                  ? 
_reflns.pdbx_d_opt                       ? 
_reflns.pdbx_number_measured_all         ? 
_reflns.pdbx_diffrn_id                   1 
_reflns.pdbx_ordinal                     1 
_reflns.pdbx_CC_half                     0.982 
_reflns.pdbx_CC_star                     ? 
_reflns.pdbx_R_split                     ? 
# 
_reflns_shell.d_res_high                  1.70 
_reflns_shell.d_res_low                   1.73 
_reflns_shell.meanI_over_sigI_all         ? 
_reflns_shell.meanI_over_sigI_obs         ? 
_reflns_shell.number_measured_all         ? 
_reflns_shell.number_measured_obs         ? 
_reflns_shell.number_possible             ? 
_reflns_shell.number_unique_all           ? 
_reflns_shell.number_unique_obs           684 
_reflns_shell.percent_possible_all        ? 
_reflns_shell.percent_possible_obs        ? 
_reflns_shell.Rmerge_F_all                ? 
_reflns_shell.Rmerge_F_obs                ? 
_reflns_shell.Rmerge_I_all                ? 
_reflns_shell.Rmerge_I_obs                ? 
_reflns_shell.meanI_over_sigI_gt          ? 
_reflns_shell.meanI_over_uI_all           ? 
_reflns_shell.meanI_over_uI_gt            ? 
_reflns_shell.number_measured_gt          ? 
_reflns_shell.number_unique_gt            ? 
_reflns_shell.percent_possible_gt         ? 
_reflns_shell.Rmerge_F_gt                 ? 
_reflns_shell.Rmerge_I_gt                 ? 
_reflns_shell.pdbx_redundancy             ? 
_reflns_shell.pdbx_Rsym_value             ? 
_reflns_shell.pdbx_chi_squared            ? 
_reflns_shell.pdbx_netI_over_sigmaI_all   ? 
_reflns_shell.pdbx_netI_over_sigmaI_obs   ? 
_reflns_shell.pdbx_Rrim_I_all             ? 
_reflns_shell.pdbx_Rpim_I_all             ? 
_reflns_shell.pdbx_rejects                ? 
_reflns_shell.pdbx_ordinal                1 
_reflns_shell.pdbx_diffrn_id              1 
_reflns_shell.pdbx_CC_half                0.950 
_reflns_shell.pdbx_CC_star                ? 
_reflns_shell.pdbx_R_split                ? 
# 
_refine.aniso_B[1][1]                            ? 
_refine.aniso_B[1][2]                            ? 
_refine.aniso_B[1][3]                            ? 
_refine.aniso_B[2][2]                            ? 
_refine.aniso_B[2][3]                            ? 
_refine.aniso_B[3][3]                            ? 
_refine.B_iso_max                                ? 
_refine.B_iso_mean                               18.73 
_refine.B_iso_min                                ? 
_refine.correlation_coeff_Fo_to_Fc               ? 
_refine.correlation_coeff_Fo_to_Fc_free          ? 
_refine.details                                  ? 
_refine.diff_density_max                         ? 
_refine.diff_density_max_esd                     ? 
_refine.diff_density_min                         ? 
_refine.diff_density_min_esd                     ? 
_refine.diff_density_rms                         ? 
_refine.diff_density_rms_esd                     ? 
_refine.entry_id                                 7KPK 
_refine.pdbx_refine_id                           'X-RAY DIFFRACTION' 
_refine.ls_abs_structure_details                 ? 
_refine.ls_abs_structure_Flack                   ? 
_refine.ls_abs_structure_Flack_esd               ? 
_refine.ls_abs_structure_Rogers                  ? 
_refine.ls_abs_structure_Rogers_esd              ? 
_refine.ls_d_res_high                            1.71 
_refine.ls_d_res_low                             30.75 
_refine.ls_extinction_coef                       ? 
_refine.ls_extinction_coef_esd                   ? 
_refine.ls_extinction_expression                 ? 
_refine.ls_extinction_method                     ? 
_refine.ls_goodness_of_fit_all                   ? 
_refine.ls_goodness_of_fit_all_esd               ? 
_refine.ls_goodness_of_fit_obs                   ? 
_refine.ls_goodness_of_fit_obs_esd               ? 
_refine.ls_hydrogen_treatment                    ? 
_refine.ls_matrix_type                           ? 
_refine.ls_number_constraints                    ? 
_refine.ls_number_parameters                     ? 
_refine.ls_number_reflns_all                     ? 
_refine.ls_number_reflns_obs                     12920 
_refine.ls_number_reflns_R_free                  649 
_refine.ls_number_reflns_R_work                  ? 
_refine.ls_number_restraints                     ? 
_refine.ls_percent_reflns_obs                    87.99 
_refine.ls_percent_reflns_R_free                 5.02 
_refine.ls_R_factor_all                          ? 
_refine.ls_R_factor_obs                          0.1835 
_refine.ls_R_factor_R_free                       0.2271 
_refine.ls_R_factor_R_free_error                 ? 
_refine.ls_R_factor_R_free_error_details         ? 
_refine.ls_R_factor_R_work                       0.1810 
_refine.ls_R_Fsqd_factor_obs                     ? 
_refine.ls_R_I_factor_obs                        ? 
_refine.ls_redundancy_reflns_all                 ? 
_refine.ls_redundancy_reflns_obs                 ? 
_refine.ls_restrained_S_all                      ? 
_refine.ls_restrained_S_obs                      ? 
_refine.ls_shift_over_esd_max                    ? 
_refine.ls_shift_over_esd_mean                   ? 
_refine.ls_structure_factor_coef                 ? 
_refine.ls_weighting_details                     ? 
_refine.ls_weighting_scheme                      ? 
_refine.ls_wR_factor_all                         ? 
_refine.ls_wR_factor_obs                         ? 
_refine.ls_wR_factor_R_free                      ? 
_refine.ls_wR_factor_R_work                      ? 
_refine.occupancy_max                            ? 
_refine.occupancy_min                            ? 
_refine.solvent_model_details                    ? 
_refine.solvent_model_param_bsol                 ? 
_refine.solvent_model_param_ksol                 ? 
_refine.pdbx_R_complete                          ? 
_refine.ls_R_factor_gt                           ? 
_refine.ls_goodness_of_fit_gt                    ? 
_refine.ls_goodness_of_fit_ref                   ? 
_refine.ls_shift_over_su_max                     ? 
_refine.ls_shift_over_su_max_lt                  ? 
_refine.ls_shift_over_su_mean                    ? 
_refine.ls_shift_over_su_mean_lt                 ? 
_refine.pdbx_ls_sigma_I                          ? 
_refine.pdbx_ls_sigma_F                          1.48 
_refine.pdbx_ls_sigma_Fsqd                       ? 
_refine.pdbx_data_cutoff_high_absF               ? 
_refine.pdbx_data_cutoff_high_rms_absF           ? 
_refine.pdbx_data_cutoff_low_absF                ? 
_refine.pdbx_isotropic_thermal_model             ? 
_refine.pdbx_ls_cross_valid_method               'FREE R-VALUE' 
_refine.pdbx_method_to_determine_struct          'MOLECULAR REPLACEMENT' 
_refine.pdbx_starting_model                      3IVB 
_refine.pdbx_stereochemistry_target_values       ? 
_refine.pdbx_R_Free_selection_details            ? 
_refine.pdbx_stereochem_target_val_spec_case     ? 
_refine.pdbx_overall_ESU_R                       ? 
_refine.pdbx_overall_ESU_R_Free                  ? 
_refine.pdbx_solvent_vdw_probe_radii             1.1100 
_refine.pdbx_solvent_ion_probe_radii             ? 
_refine.pdbx_solvent_shrinkage_radii             0.9000 
_refine.pdbx_real_space_R                        ? 
_refine.pdbx_density_correlation                 ? 
_refine.pdbx_pd_number_of_powder_patterns        ? 
_refine.pdbx_pd_number_of_points                 ? 
_refine.pdbx_pd_meas_number_of_points            ? 
_refine.pdbx_pd_proc_ls_prof_R_factor            ? 
_refine.pdbx_pd_proc_ls_prof_wR_factor           ? 
_refine.pdbx_pd_Marquardt_correlation_coeff      ? 
_refine.pdbx_pd_Fsqrd_R_factor                   ? 
_refine.pdbx_pd_ls_matrix_band_width             ? 
_refine.pdbx_overall_phase_error                 24.0250 
_refine.pdbx_overall_SU_R_free_Cruickshank_DPI   ? 
_refine.pdbx_overall_SU_R_free_Blow_DPI          ? 
_refine.pdbx_overall_SU_R_Blow_DPI               ? 
_refine.pdbx_TLS_residual_ADP_flag               ? 
_refine.pdbx_diffrn_id                           1 
_refine.overall_SU_B                             ? 
_refine.overall_SU_ML                            0.1577 
_refine.overall_SU_R_Cruickshank_DPI             ? 
_refine.overall_SU_R_free                        ? 
_refine.overall_FOM_free_R_set                   ? 
_refine.overall_FOM_work_R_set                   ? 
_refine.pdbx_average_fsc_overall                 ? 
_refine.pdbx_average_fsc_work                    ? 
_refine.pdbx_average_fsc_free                    ? 
# 
_refine_hist.pdbx_refine_id                   'X-RAY DIFFRACTION' 
_refine_hist.cycle_id                         LAST 
_refine_hist.details                          ? 
_refine_hist.d_res_high                       1.71 
_refine_hist.d_res_low                        30.75 
_refine_hist.number_atoms_solvent             108 
_refine_hist.number_atoms_total               1238 
_refine_hist.number_reflns_all                ? 
_refine_hist.number_reflns_obs                ? 
_refine_hist.number_reflns_R_free             ? 
_refine_hist.number_reflns_R_work             ? 
_refine_hist.R_factor_all                     ? 
_refine_hist.R_factor_obs                     ? 
_refine_hist.R_factor_R_free                  ? 
_refine_hist.R_factor_R_work                  ? 
_refine_hist.pdbx_number_residues_total       ? 
_refine_hist.pdbx_B_iso_mean_ligand           ? 
_refine_hist.pdbx_B_iso_mean_solvent          ? 
_refine_hist.pdbx_number_atoms_protein        1130 
_refine_hist.pdbx_number_atoms_nucleic_acid   0 
_refine_hist.pdbx_number_atoms_ligand         0 
_refine_hist.pdbx_number_atoms_lipid          ? 
_refine_hist.pdbx_number_atoms_carb           ? 
_refine_hist.pdbx_pseudo_atom_details         ? 
# 
loop_
_refine_ls_restr.pdbx_refine_id 
_refine_ls_restr.criterion 
_refine_ls_restr.dev_ideal 
_refine_ls_restr.dev_ideal_target 
_refine_ls_restr.number 
_refine_ls_restr.rejects 
_refine_ls_restr.type 
_refine_ls_restr.weight 
_refine_ls_restr.pdbx_restraint_function 
'X-RAY DIFFRACTION' ? 0.0140  ? 1153 ? f_bond_d           ? ? 
'X-RAY DIFFRACTION' ? 1.3499  ? 1544 ? f_angle_d          ? ? 
'X-RAY DIFFRACTION' ? 0.0915  ? 166  ? f_chiral_restr     ? ? 
'X-RAY DIFFRACTION' ? 0.0100  ? 192  ? f_plane_restr      ? ? 
'X-RAY DIFFRACTION' ? 10.3181 ? 696  ? f_dihedral_angle_d ? ? 
# 
loop_
_refine_ls_shell.pdbx_refine_id 
_refine_ls_shell.d_res_high 
_refine_ls_shell.d_res_low 
_refine_ls_shell.number_reflns_all 
_refine_ls_shell.number_reflns_obs 
_refine_ls_shell.number_reflns_R_free 
_refine_ls_shell.number_reflns_R_work 
_refine_ls_shell.percent_reflns_obs 
_refine_ls_shell.percent_reflns_R_free 
_refine_ls_shell.R_factor_all 
_refine_ls_shell.R_factor_obs 
_refine_ls_shell.R_factor_R_free 
_refine_ls_shell.R_factor_R_free_error 
_refine_ls_shell.R_factor_R_work 
_refine_ls_shell.redundancy_reflns_all 
_refine_ls_shell.redundancy_reflns_obs 
_refine_ls_shell.wR_factor_all 
_refine_ls_shell.wR_factor_obs 
_refine_ls_shell.wR_factor_R_free 
_refine_ls_shell.wR_factor_R_work 
_refine_ls_shell.pdbx_R_complete 
_refine_ls_shell.pdbx_total_number_of_bins_used 
_refine_ls_shell.pdbx_phase_error 
_refine_ls_shell.pdbx_fsc_work 
_refine_ls_shell.pdbx_fsc_free 
'X-RAY DIFFRACTION' 1.71 1.84  . . 129 2350 85.34 . . . 0.2637 . 0.1995 . . . . . . . . . . . 
'X-RAY DIFFRACTION' 1.84 2.02  . . 118 2353 84.80 . . . 0.2581 . 0.1912 . . . . . . . . . . . 
'X-RAY DIFFRACTION' 2.02 2.31  . . 130 2406 86.41 . . . 0.2245 . 0.1778 . . . . . . . . . . . 
'X-RAY DIFFRACTION' 2.31 2.92  . . 135 2517 90.54 . . . 0.2589 . 0.1935 . . . . . . . . . . . 
'X-RAY DIFFRACTION' 2.92 30.75 . . 137 2645 92.76 . . . 0.1967 . 0.1692 . . . . . . . . . . . 
# 
_struct.entry_id                     7KPK 
_struct.title                        'Crystal structure of the SPOP MATH domain in complex with a fragment of Pdx1' 
_struct.pdbx_model_details           ? 
_struct.pdbx_formula_weight          ? 
_struct.pdbx_formula_weight_method   ? 
_struct.pdbx_model_type_details      ? 
_struct.pdbx_CASP_flag               N 
# 
_struct_keywords.entry_id        7KPK 
_struct_keywords.text            'ubiquitin, ligase, adaptor, protein, diabetes, transcription factor, GENE REGULATION' 
_struct_keywords.pdbx_keywords   'GENE REGULATION' 
# 
loop_
_struct_asym.id 
_struct_asym.pdbx_blank_PDB_chainid_flag 
_struct_asym.pdbx_modified 
_struct_asym.entity_id 
_struct_asym.details 
A N N 1 ? 
B N N 2 ? 
C N N 3 ? 
D N N 3 ? 
# 
loop_
_struct_conf.conf_type_id 
_struct_conf.id 
_struct_conf.pdbx_PDB_helix_id 
_struct_conf.beg_label_comp_id 
_struct_conf.beg_label_asym_id 
_struct_conf.beg_label_seq_id 
_struct_conf.pdbx_beg_PDB_ins_code 
_struct_conf.end_label_comp_id 
_struct_conf.end_label_asym_id 
_struct_conf.end_label_seq_id 
_struct_conf.pdbx_end_PDB_ins_code 
_struct_conf.beg_auth_comp_id 
_struct_conf.beg_auth_asym_id 
_struct_conf.beg_auth_seq_id 
_struct_conf.end_auth_comp_id 
_struct_conf.end_auth_asym_id 
_struct_conf.end_auth_seq_id 
_struct_conf.pdbx_PDB_helix_class 
_struct_conf.details 
_struct_conf.pdbx_PDB_helix_length 
HELX_P HELX_P1 AA1 ARG A 115 ? ASP A 120 ? ARG A 139 ASP A 144 1 ? 6 
HELX_P HELX_P2 AA2 GLU A 121 ? GLY A 124 ? GLU A 145 GLY A 148 5 ? 4 
HELX_P HELX_P3 AA3 LEU A 126 ? LYS A 130 ? LEU A 150 LYS A 154 5 ? 5 
# 
_struct_conf_type.id          HELX_P 
_struct_conf_type.criteria    ? 
_struct_conf_type.reference   ? 
# 
loop_
_struct_sheet.id 
_struct_sheet.type 
_struct_sheet.number_strands 
_struct_sheet.details 
AA1 ? 4 ? 
AA2 ? 5 ? 
AA3 ? 4 ? 
AA4 ? 4 ? 
# 
loop_
_struct_sheet_order.sheet_id 
_struct_sheet_order.range_id_1 
_struct_sheet_order.range_id_2 
_struct_sheet_order.offset 
_struct_sheet_order.sense 
AA1 1 2 ? anti-parallel 
AA1 2 3 ? anti-parallel 
AA1 3 4 ? anti-parallel 
AA2 1 2 ? anti-parallel 
AA2 2 3 ? anti-parallel 
AA2 3 4 ? anti-parallel 
AA2 4 5 ? anti-parallel 
AA3 1 2 ? anti-parallel 
AA3 2 3 ? anti-parallel 
AA3 3 4 ? anti-parallel 
AA4 1 2 ? anti-parallel 
AA4 2 3 ? anti-parallel 
AA4 3 4 ? anti-parallel 
# 
loop_
_struct_sheet_range.sheet_id 
_struct_sheet_range.id 
_struct_sheet_range.beg_label_comp_id 
_struct_sheet_range.beg_label_asym_id 
_struct_sheet_range.beg_label_seq_id 
_struct_sheet_range.pdbx_beg_PDB_ins_code 
_struct_sheet_range.end_label_comp_id 
_struct_sheet_range.end_label_asym_id 
_struct_sheet_range.end_label_seq_id 
_struct_sheet_range.pdbx_end_PDB_ins_code 
_struct_sheet_range.beg_auth_comp_id 
_struct_sheet_range.beg_auth_asym_id 
_struct_sheet_range.beg_auth_seq_id 
_struct_sheet_range.end_auth_comp_id 
_struct_sheet_range.end_auth_asym_id 
_struct_sheet_range.end_auth_seq_id 
AA1 1 LYS A 4   ? VAL A 5   ? LYS A 28  VAL A 29  
AA1 2 PHE A 33  ? ALA A 37  ? PHE A 57  ALA A 61  
AA1 3 LEU A 41  ? ASN A 48  ? LEU A 65  ASN A 72  
AA1 4 ILE A 28  ? LYS A 29  ? ILE A 52  LYS A 53  
AA2 1 LYS A 4   ? VAL A 5   ? LYS A 28  VAL A 29  
AA2 2 PHE A 33  ? ALA A 37  ? PHE A 57  ALA A 61  
AA2 3 LEU A 41  ? ASN A 48  ? LEU A 65  ASN A 72  
AA2 4 TYR A 59  ? SER A 68  ? TYR A 83  SER A 92  
AA2 5 ASP A 106 ? ARG A 114 ? ASP A 130 ARG A 138 
AA3 1 LYS A 7   ? ILE A 14  ? LYS A 31  ILE A 38  
AA3 2 LEU A 131 ? GLN A 141 ? LEU A 155 GLN A 165 
AA3 3 VAL A 74  ? LEU A 83  ? VAL A 98  LEU A 107 
AA3 4 GLU A 89  ? GLU A 94  ? GLU A 113 GLU A 118 
AA4 1 LYS A 7   ? ILE A 14  ? LYS A 31  ILE A 38  
AA4 2 LEU A 131 ? GLN A 141 ? LEU A 155 GLN A 165 
AA4 3 VAL A 74  ? LEU A 83  ? VAL A 98  LEU A 107 
AA4 4 TYR A 99  ? PHE A 101 ? TYR A 123 PHE A 125 
# 
loop_
_pdbx_struct_sheet_hbond.sheet_id 
_pdbx_struct_sheet_hbond.range_id_1 
_pdbx_struct_sheet_hbond.range_id_2 
_pdbx_struct_sheet_hbond.range_1_label_atom_id 
_pdbx_struct_sheet_hbond.range_1_label_comp_id 
_pdbx_struct_sheet_hbond.range_1_label_asym_id 
_pdbx_struct_sheet_hbond.range_1_label_seq_id 
_pdbx_struct_sheet_hbond.range_1_PDB_ins_code 
_pdbx_struct_sheet_hbond.range_1_auth_atom_id 
_pdbx_struct_sheet_hbond.range_1_auth_comp_id 
_pdbx_struct_sheet_hbond.range_1_auth_asym_id 
_pdbx_struct_sheet_hbond.range_1_auth_seq_id 
_pdbx_struct_sheet_hbond.range_2_label_atom_id 
_pdbx_struct_sheet_hbond.range_2_label_comp_id 
_pdbx_struct_sheet_hbond.range_2_label_asym_id 
_pdbx_struct_sheet_hbond.range_2_label_seq_id 
_pdbx_struct_sheet_hbond.range_2_PDB_ins_code 
_pdbx_struct_sheet_hbond.range_2_auth_atom_id 
_pdbx_struct_sheet_hbond.range_2_auth_comp_id 
_pdbx_struct_sheet_hbond.range_2_auth_asym_id 
_pdbx_struct_sheet_hbond.range_2_auth_seq_id 
AA1 1 2 N VAL A 5   ? N VAL A 29  O GLY A 36  ? O GLY A 60  
AA1 2 3 N PHE A 33  ? N PHE A 57  O TRP A 43  ? O TRP A 67  
AA1 3 4 O VAL A 47  ? O VAL A 71  N ILE A 28  ? N ILE A 52  
AA2 1 2 N VAL A 5   ? N VAL A 29  O GLY A 36  ? O GLY A 60  
AA2 2 3 N PHE A 33  ? N PHE A 57  O TRP A 43  ? O TRP A 67  
AA2 3 4 N CYS A 44  ? N CYS A 68  O LEU A 65  ? O LEU A 89  
AA2 4 5 N LEU A 64  ? N LEU A 88  O TRP A 107 ? O TRP A 131 
AA3 1 2 N PHE A 8   ? N PHE A 32  O VAL A 137 ? O VAL A 161 
AA3 2 3 O SER A 138 ? O SER A 162 N LYS A 77  ? N LYS A 101 
AA3 3 4 N ILE A 82  ? N ILE A 106 O THR A 90  ? O THR A 114 
AA4 1 2 N PHE A 8   ? N PHE A 32  O VAL A 137 ? O VAL A 161 
AA4 2 3 O SER A 138 ? O SER A 162 N LYS A 77  ? N LYS A 101 
AA4 3 4 N VAL A 74  ? N VAL A 98  O PHE A 101 ? O PHE A 125 
# 
_atom_sites.entry_id                    7KPK 
_atom_sites.Cartn_transf_matrix[1][1]   ? 
_atom_sites.Cartn_transf_matrix[1][2]   ? 
_atom_sites.Cartn_transf_matrix[1][3]   ? 
_atom_sites.Cartn_transf_matrix[2][1]   ? 
_atom_sites.Cartn_transf_matrix[2][2]   ? 
_atom_sites.Cartn_transf_matrix[2][3]   ? 
_atom_sites.Cartn_transf_matrix[3][1]   ? 
_atom_sites.Cartn_transf_matrix[3][2]   ? 
_atom_sites.Cartn_transf_matrix[3][3]   ? 
_atom_sites.Cartn_transf_vector[1]      ? 
_atom_sites.Cartn_transf_vector[2]      ? 
_atom_sites.Cartn_transf_vector[3]      ? 
_atom_sites.fract_transf_matrix[1][1]   0.00533333 
_atom_sites.fract_transf_matrix[1][2]   0.00622230 
_atom_sites.fract_transf_matrix[1][3]   -0.01433184 
_atom_sites.fract_transf_matrix[2][1]   0.00070352 
_atom_sites.fract_transf_matrix[2][2]   -0.01707362 
_atom_sites.fract_transf_matrix[2][3]   -0.00715087 
_atom_sites.fract_transf_matrix[3][1]   -0.02118356 
_atom_sites.fract_transf_matrix[3][2]   0.00404143 
_atom_sites.fract_transf_matrix[3][3]   -0.01173351 
_atom_sites.fract_transf_vector[1]      0.238696 
_atom_sites.fract_transf_vector[2]      0.105961 
_atom_sites.fract_transf_vector[3]      0.112655 
_atom_sites.solution_primary            ? 
_atom_sites.solution_secondary          ? 
_atom_sites.solution_hydrogens          ? 
_atom_sites.special_details             ? 
# 
loop_
_atom_type.symbol 
_atom_type.scat_dispersion_real 
_atom_type.scat_dispersion_imag 
_atom_type.scat_Cromer_Mann_a1 
_atom_type.scat_Cromer_Mann_a2 
_atom_type.scat_Cromer_Mann_a3 
_atom_type.scat_Cromer_Mann_a4 
_atom_type.scat_Cromer_Mann_b1 
_atom_type.scat_Cromer_Mann_b2 
_atom_type.scat_Cromer_Mann_b3 
_atom_type.scat_Cromer_Mann_b4 
_atom_type.scat_Cromer_Mann_c 
_atom_type.scat_source 
_atom_type.scat_dispersion_source 
C ? ? 3.54356 2.42580 ? ? 25.62398 1.50364  ? ? 0.0 
;2-Gaussian fit: Grosse-Kunstleve RW, Sauter NK, Adams PD: Newsletter of the IUCr Commission on Crystallographic Computing 2004, 3, 22-31.
;
? 
N ? ? 4.01032 2.96436 ? ? 19.97189 1.75589  ? ? 0.0 
;2-Gaussian fit: Grosse-Kunstleve RW, Sauter NK, Adams PD: Newsletter of the IUCr Commission on Crystallographic Computing 2004, 3, 22-31.
;
? 
O ? ? 4.49882 3.47563 ? ? 15.80542 1.70748  ? ? 0.0 
;2-Gaussian fit: Grosse-Kunstleve RW, Sauter NK, Adams PD: Newsletter of the IUCr Commission on Crystallographic Computing 2004, 3, 22-31.
;
? 
S ? ? 9.55732 6.39887 ? ? 1.23737  29.19336 ? ? 0.0 
;2-Gaussian fit: Grosse-Kunstleve RW, Sauter NK, Adams PD: Newsletter of the IUCr Commission on Crystallographic Computing 2004, 3, 22-31.
;
? 
# 
loop_
_atom_site.group_PDB 
_atom_site.id 
_atom_site.type_symbol 
_atom_site.label_atom_id 
_atom_site.label_alt_id 
_atom_site.label_comp_id 
_atom_site.label_asym_id 
_atom_site.label_entity_id 
_atom_site.label_seq_id 
_atom_site.pdbx_PDB_ins_code 
_atom_site.Cartn_x 
_atom_site.Cartn_y 
_atom_site.Cartn_z 
_atom_site.occupancy 
_atom_site.B_iso_or_equiv 
_atom_site.pdbx_formal_charge 
_atom_site.auth_seq_id 
_atom_site.auth_comp_id 
_atom_site.auth_asym_id 
_atom_site.auth_atom_id 
_atom_site.pdbx_PDB_model_num 
ATOM   1    N N   . PRO A 1 2   ? 5.17850   -1.62572  27.91070  1.000 19.58432 ? 26  PRO A N   1 
ATOM   2    C CA  . PRO A 1 2   ? 3.92207   -1.67608  27.15868  1.000 11.06016 ? 26  PRO A CA  1 
ATOM   3    C C   . PRO A 1 2   ? 3.98207   -2.74114  26.09858  1.000 14.25515 ? 26  PRO A C   1 
ATOM   4    O O   . PRO A 1 2   ? 5.07362   -3.05418  25.59869  1.000 16.62110 ? 26  PRO A O   1 
ATOM   5    C CB  . PRO A 1 2   ? 3.81960   -0.29401  26.49053  1.000 21.37167 ? 26  PRO A CB  1 
ATOM   6    C CG  . PRO A 1 2   ? 5.24565   0.21496   26.46356  1.000 25.07104 ? 26  PRO A CG  1 
ATOM   7    C CD  . PRO A 1 2   ? 5.80528   -0.29490  27.79417  1.000 24.73062 ? 26  PRO A CD  1 
ATOM   8    N N   . GLY A 1 3   ? 2.80735   -3.27799  25.77010  1.000 9.14642  ? 27  GLY A N   1 
ATOM   9    C CA  . GLY A 1 3   ? 2.70792   -4.20732  24.67919  1.000 11.17942 ? 27  GLY A CA  1 
ATOM   10   C C   . GLY A 1 3   ? 2.79188   -3.50963  23.34087  1.000 8.15658  ? 27  GLY A C   1 
ATOM   11   O O   . GLY A 1 3   ? 2.74626   -2.26880  23.24393  1.000 8.50164  ? 27  GLY A O   1 
ATOM   12   N N   . LYS A 1 4   ? 2.90827   -4.31759  22.28261  1.000 4.89346  ? 28  LYS A N   1 
ATOM   13   C CA  . LYS A 1 4   ? 3.09465   -3.77324  20.91816  1.000 5.05967  ? 28  LYS A CA  1 
ATOM   14   C C   . LYS A 1 4   ? 2.13258   -4.42601  19.93517  1.000 3.93555  ? 28  LYS A C   1 
ATOM   15   O O   . LYS A 1 4   ? 1.99766   -5.65948  19.96031  1.000 4.95335  ? 28  LYS A O   1 
ATOM   16   C CB  . LYS A 1 4   ? 4.52234   -4.03442  20.45288  1.000 7.99866  ? 28  LYS A CB  1 
ATOM   17   C CG  . LYS A 1 4   ? 5.57367   -3.21111  21.22213  1.000 13.12495 ? 28  LYS A CG  1 
ATOM   18   C CD  . LYS A 1 4   ? 6.94173   -3.57318  20.70910  1.000 20.67727 ? 28  LYS A CD  1 
ATOM   19   C CE  . LYS A 1 4   ? 7.98009   -2.51993  21.13676  1.000 22.74580 ? 28  LYS A CE  1 
ATOM   20   N NZ  . LYS A 1 4   ? 9.29785   -2.90834  20.55498  1.000 38.48413 ? 28  LYS A NZ  1 
ATOM   21   N N   . VAL A 1 5   ? 1.47298   -3.63901  19.06288  1.000 4.33990  ? 29  VAL A N   1 
ATOM   22   C CA  . VAL A 1 5   ? 0.81999   -4.22353  17.88301  1.000 3.79166  ? 29  VAL A CA  1 
ATOM   23   C C   . VAL A 1 5   ? 1.92281   -4.50991  16.87676  1.000 3.61550  ? 29  VAL A C   1 
ATOM   24   O O   . VAL A 1 5   ? 2.55047   -3.57814  16.35705  1.000 6.30420  ? 29  VAL A O   1 
ATOM   25   C CB  . VAL A 1 5   ? -0.24477  -3.31066  17.27537  1.000 6.86607  ? 29  VAL A CB  1 
ATOM   26   C CG1 . VAL A 1 5   ? -0.80079  -3.88678  15.95717  1.000 4.83364  ? 29  VAL A CG1 1 
ATOM   27   C CG2 . VAL A 1 5   ? -1.38719  -3.09910  18.31320  1.000 10.22259 ? 29  VAL A CG2 1 
ATOM   28   N N   . VAL A 1 6   ? 2.17721   -5.79264  16.63273  1.000 3.71283  ? 30  VAL A N   1 
ATOM   29   C CA  . VAL A 1 6   ? 3.29392   -6.22913  15.81702  1.000 4.13417  ? 30  VAL A CA  1 
ATOM   30   C C   . VAL A 1 6   ? 2.88047   -6.67332  14.41290  1.000 3.97218  ? 30  VAL A C   1 
ATOM   31   O O   . VAL A 1 6   ? 3.75326   -6.78748  13.53389  1.000 6.93534  ? 30  VAL A O   1 
ATOM   32   C CB  . VAL A 1 6   ? 4.09756   -7.36308  16.50915  1.000 8.18141  ? 30  VAL A CB  1 
ATOM   33   C CG1 . VAL A 1 6   ? 4.66953   -6.89188  17.88169  1.000 11.46256 ? 30  VAL A CG1 1 
ATOM   34   C CG2 . VAL A 1 6   ? 3.22840   -8.64023  16.68640  1.000 7.57334  ? 30  VAL A CG2 1 
ATOM   35   N N   . LYS A 1 7   ? 1.59574   -7.01799  14.17063  1.000 3.89362  ? 31  LYS A N   1 
ATOM   36   C CA  . LYS A 1 7   ? 1.10028   -7.37747  12.83873  1.000 4.37093  ? 31  LYS A CA  1 
ATOM   37   C C   . LYS A 1 7   ? -0.23531  -6.66160  12.69935  1.000 5.36520  ? 31  LYS A C   1 
ATOM   38   O O   . LYS A 1 7   ? -0.98719  -6.52974  13.70524  1.000 5.43090  ? 31  LYS A O   1 
ATOM   39   C CB  . LYS A 1 7   ? 0.83852   -8.90706  12.70193  1.000 7.13224  ? 31  LYS A CB  1 
ATOM   40   C CG  . LYS A 1 7   ? 2.06786   -9.77342  12.84731  1.000 10.01957 ? 31  LYS A CG  1 
ATOM   41   C CD  . LYS A 1 7   ? 1.65718   -11.25370 12.91152  1.000 16.02021 ? 31  LYS A CD  1 
ATOM   42   C CE  . LYS A 1 7   ? 0.61820   -11.61425 11.87166  1.000 30.68400 ? 31  LYS A CE  1 
ATOM   43   N NZ  . LYS A 1 7   ? -0.09321  -12.89197 12.24614  1.000 55.35507 ? 31  LYS A NZ  1 
ATOM   44   N N   . PHE A 1 8   ? -0.53569  -6.18107  11.49682  1.000 4.06134  ? 32  PHE A N   1 
ATOM   45   C CA  . PHE A 1 8   ? -1.79099  -5.42120  11.31176  1.000 2.58959  ? 32  PHE A CA  1 
ATOM   46   C C   . PHE A 1 8   ? -2.17702  -5.47428  9.86065   1.000 7.71683  ? 32  PHE A C   1 
ATOM   47   O O   . PHE A 1 8   ? -1.30538  -5.61134  8.99205   1.000 6.80237  ? 32  PHE A O   1 
ATOM   48   C CB  . PHE A 1 8   ? -1.67758  -3.94465  11.77708  1.000 8.42888  ? 32  PHE A CB  1 
ATOM   49   C CG  . PHE A 1 8   ? -0.35522  -3.22839  11.37727  1.000 9.92113  ? 32  PHE A CG  1 
ATOM   50   C CD1 . PHE A 1 8   ? 0.83181   -3.52610  12.05696  1.000 8.55970  ? 32  PHE A CD1 1 
ATOM   51   C CD2 . PHE A 1 8   ? -0.31955  -2.27017  10.36002  1.000 21.83038 ? 32  PHE A CD2 1 
ATOM   52   C CE1 . PHE A 1 8   ? 2.05638   -2.96331  11.70530  1.000 17.71914 ? 32  PHE A CE1 1 
ATOM   53   C CE2 . PHE A 1 8   ? 0.91130   -1.64727  10.03957  1.000 14.33632 ? 32  PHE A CE2 1 
ATOM   54   C CZ  . PHE A 1 8   ? 2.09167   -1.99592  10.70820  1.000 16.83695 ? 32  PHE A CZ  1 
ATOM   55   N N   . SER A 1 9   ? -3.48117  -5.38153  9.59731   1.000 5.16394  ? 33  SER A N   1 
ATOM   56   C CA  . SER A 1 9   ? -3.99852  -5.42105  8.24321   1.000 4.49944  ? 33  SER A CA  1 
ATOM   57   C C   . SER A 1 9   ? -4.89432  -4.21244  8.06172   1.000 5.50543  ? 33  SER A C   1 
ATOM   58   O O   . SER A 1 9   ? -5.82798  -4.01215  8.85644   1.000 7.96418  ? 33  SER A O   1 
ATOM   59   C CB  . SER A 1 9   ? -4.85702  -6.67441  7.97462   1.000 9.03963  ? 33  SER A CB  1 
ATOM   60   O OG  . SER A 1 9   ? -4.07225  -7.85869  8.10574   1.000 10.41380 ? 33  SER A OG  1 
ATOM   61   N N   . TYR A 1 10  ? -4.63669  -3.44183  7.00573   1.000 2.56412  ? 34  TYR A N   1 
ATOM   62   C CA  . TYR A 1 10  ? -5.28947  -2.15136  6.78078   1.000 2.96559  ? 34  TYR A CA  1 
ATOM   63   C C   . TYR A 1 10  ? -6.05186  -2.23923  5.46658   1.000 8.74427  ? 34  TYR A C   1 
ATOM   64   O O   . TYR A 1 10  ? -5.47261  -2.66096  4.44831   1.000 7.05367  ? 34  TYR A O   1 
ATOM   65   C CB  . TYR A 1 10  ? -4.23909  -1.04651  6.71211   1.000 6.54145  ? 34  TYR A CB  1 
ATOM   66   C CG  . TYR A 1 10  ? -4.74250  0.34320   6.42928   1.000 6.50798  ? 34  TYR A CG  1 
ATOM   67   C CD1 . TYR A 1 10  ? -5.37221  1.13686   7.43688   1.000 6.59631  ? 34  TYR A CD1 1 
ATOM   68   C CD2 . TYR A 1 10  ? -4.58312  0.89766   5.15858   1.000 6.98502  ? 34  TYR A CD2 1 
ATOM   69   C CE1 . TYR A 1 10  ? -5.81999  2.45493   7.14404   1.000 8.95121  ? 34  TYR A CE1 1 
ATOM   70   C CE2 . TYR A 1 10  ? -4.99859  2.20979   4.87204   1.000 3.92830  ? 34  TYR A CE2 1 
ATOM   71   C CZ  . TYR A 1 10  ? -5.61350  2.96788   5.87581   1.000 9.03474  ? 34  TYR A CZ  1 
ATOM   72   O OH  . TYR A 1 10  ? -6.05211  4.24629   5.53142   1.000 9.47175  ? 34  TYR A OH  1 
ATOM   73   N N   . MET A 1 11  ? -7.35271  -1.87115  5.49016   1.000 3.96421  ? 35  MET A N   1 
ATOM   74   C CA  . MET A 1 11  ? -8.25583  -1.96180  4.34604   1.000 4.96963  ? 35  MET A CA  1 
ATOM   75   C C   . MET A 1 11  ? -8.70743  -0.55711  3.98295   1.000 8.93230  ? 35  MET A C   1 
ATOM   76   O O   . MET A 1 11  ? -9.15020  0.20070   4.86718   1.000 7.75831  ? 35  MET A O   1 
ATOM   77   C CB  . MET A 1 11  ? -9.46982  -2.82010  4.67612   1.000 9.58595  ? 35  MET A CB  1 
ATOM   78   C CG  . MET A 1 11  ? -10.36533 -2.98636  3.51116   1.000 10.18812 ? 35  MET A CG  1 
ATOM   79   S SD  . MET A 1 11  ? -11.73999 -4.07937  4.01624   1.000 20.11446 ? 35  MET A SD  1 
ATOM   80   C CE  . MET A 1 11  ? -13.00264 -3.91027  2.73837   1.000 34.12646 ? 35  MET A CE  1 
ATOM   81   N N   . TRP A 1 12  ? -8.53450  -0.16959  2.70332   1.000 6.41913  ? 36  TRP A N   1 
ATOM   82   C CA  . TRP A 1 12  ? -8.77726  1.21508   2.27398   1.000 4.52927  ? 36  TRP A CA  1 
ATOM   83   C C   . TRP A 1 12  ? -9.58338  1.21365   0.99571   1.000 6.80258  ? 36  TRP A C   1 
ATOM   84   O O   . TRP A 1 12  ? -9.15529  0.60252   0.00644   1.000 9.38825  ? 36  TRP A O   1 
ATOM   85   C CB  . TRP A 1 12  ? -7.47065  1.94671   2.05183   1.000 8.67495  ? 36  TRP A CB  1 
ATOM   86   C CG  . TRP A 1 12  ? -7.56425  3.36268   1.62761   1.000 10.84880 ? 36  TRP A CG  1 
ATOM   87   C CD1 . TRP A 1 12  ? -8.58755  4.24273   1.85415   1.000 9.28449  ? 36  TRP A CD1 1 
ATOM   88   C CD2 . TRP A 1 12  ? -6.56368  4.07327   0.86307   1.000 9.14962  ? 36  TRP A CD2 1 
ATOM   89   N NE1 . TRP A 1 12  ? -8.24290  5.48545   1.29428   1.000 10.05096 ? 36  TRP A NE1 1 
ATOM   90   C CE2 . TRP A 1 12  ? -7.01411  5.38108   0.68965   1.000 7.72987  ? 36  TRP A CE2 1 
ATOM   91   C CE3 . TRP A 1 12  ? -5.30828  3.70868   0.33581   1.000 9.72070  ? 36  TRP A CE3 1 
ATOM   92   C CZ2 . TRP A 1 12  ? -6.26025  6.35278   -0.00087  1.000 14.50273 ? 36  TRP A CZ2 1 
ATOM   93   C CZ3 . TRP A 1 12  ? -4.56280  4.66587   -0.36235  1.000 15.25070 ? 36  TRP A CZ3 1 
ATOM   94   C CH2 . TRP A 1 12  ? -5.02870  5.97106   -0.49516  1.000 13.26689 ? 36  TRP A CH2 1 
ATOM   95   N N   . THR A 1 13  ? -10.75539 1.87429   1.00197   1.000 5.46965  ? 37  THR A N   1 
ATOM   96   C CA  . THR A 1 13  ? -11.56748 1.94586   -0.22327  1.000 9.04774  ? 37  THR A CA  1 
ATOM   97   C C   . THR A 1 13  ? -11.48429 3.36653   -0.77620  1.000 14.68274 ? 37  THR A C   1 
ATOM   98   O O   . THR A 1 13  ? -11.74949 4.34527   -0.05691  1.000 12.68381 ? 37  THR A O   1 
ATOM   99   C CB  . THR A 1 13  ? -13.01188 1.51144   0.03566   1.000 11.86770 ? 37  THR A CB  1 
ATOM   100  O OG1 . THR A 1 13  ? -13.04382 0.09836   0.37567   1.000 12.22254 ? 37  THR A OG1 1 
ATOM   101  C CG2 . THR A 1 13  ? -13.85183 1.71395   -1.21169  1.000 14.94756 ? 37  THR A CG2 1 
ATOM   102  N N   . ILE A 1 14  ? -11.06179 3.48410   -2.03652  1.000 9.33094  ? 38  ILE A N   1 
ATOM   103  C CA  . ILE A 1 14  ? -11.00028 4.76245   -2.75414  1.000 6.38066  ? 38  ILE A CA  1 
ATOM   104  C C   . ILE A 1 14  ? -12.24109 4.85895   -3.64418  1.000 12.57057 ? 38  ILE A C   1 
ATOM   105  O O   . ILE A 1 14  ? -12.39158 4.08333   -4.58595  1.000 10.41194 ? 38  ILE A O   1 
ATOM   106  C CB  . ILE A 1 14  ? -9.72060  4.85604   -3.60691  1.000 10.70887 ? 38  ILE A CB  1 
ATOM   107  C CG1 . ILE A 1 14  ? -8.43654  4.73266   -2.76337  1.000 13.54531 ? 38  ILE A CG1 1 
ATOM   108  C CG2 . ILE A 1 14  ? -9.71223  6.15548   -4.39405  1.000 13.53816 ? 38  ILE A CG2 1 
ATOM   109  C CD1 . ILE A 1 14  ? -7.23727  4.44603   -3.61684  1.000 13.11652 ? 38  ILE A CD1 1 
ATOM   110  N N   . ASN A 1 15  ? -13.11542 5.82861   -3.38272  1.000 16.15264 ? 39  ASN A N   1 
ATOM   111  C CA  . ASN A 1 15  ? -14.34514 5.96686   -4.17139  1.000 11.93047 ? 39  ASN A CA  1 
ATOM   112  C C   . ASN A 1 15  ? -14.05603 6.64949   -5.51016  1.000 14.78199 ? 39  ASN A C   1 
ATOM   113  O O   . ASN A 1 15  ? -13.05142 7.34478   -5.67232  1.000 16.41403 ? 39  ASN A O   1 
ATOM   114  C CB  . ASN A 1 15  ? -15.40553 6.79209   -3.40553  1.000 16.67355 ? 39  ASN A CB  1 
ATOM   115  C CG  . ASN A 1 15  ? -15.96111 6.06688   -2.15993  1.000 24.49012 ? 39  ASN A CG  1 
ATOM   116  O OD1 . ASN A 1 15  ? -15.80533 4.85843   -1.98201  1.000 28.96532 ? 39  ASN A OD1 1 
ATOM   117  N ND2 . ASN A 1 15  ? -16.62620 6.82094   -1.30464  1.000 41.81912 ? 39  ASN A ND2 1 
ATOM   118  N N   . ASN A 1 16  ? -14.96509 6.43059   -6.47450  1.000 15.02987 ? 40  ASN A N   1 
ATOM   119  C CA  . ASN A 1 16  ? -14.88929 7.02980   -7.82407  1.000 23.59453 ? 40  ASN A CA  1 
ATOM   120  C C   . ASN A 1 16  ? -13.47257 6.95910   -8.40438  1.000 23.09809 ? 40  ASN A C   1 
ATOM   121  O O   . ASN A 1 16  ? -12.88946 7.95062   -8.85286  1.000 20.70329 ? 40  ASN A O   1 
ATOM   122  C CB  . ASN A 1 16  ? -15.42003 8.47078   -7.79687  1.000 23.87766 ? 40  ASN A CB  1 
ATOM   123  C CG  . ASN A 1 16  ? -16.73835 8.57891   -7.03124  1.000 30.13889 ? 40  ASN A CG  1 
ATOM   124  O OD1 . ASN A 1 16  ? -17.71351 7.90688   -7.36841  1.000 37.87868 ? 40  ASN A OD1 1 
ATOM   125  N ND2 . ASN A 1 16  ? -16.74679 9.36434   -5.95656  1.000 26.18053 ? 40  ASN A ND2 1 
ATOM   126  N N   . PHE A 1 17  ? -12.91014 5.74963   -8.38222  1.000 16.96874 ? 41  PHE A N   1 
ATOM   127  C CA  . PHE A 1 17  ? -11.52711 5.56902   -8.81764  1.000 18.47372 ? 41  PHE A CA  1 
ATOM   128  C C   . PHE A 1 17  ? -11.28619 6.06982   -10.24057 1.000 23.96054 ? 41  PHE A C   1 
ATOM   129  O O   . PHE A 1 17  ? -10.22839 6.64993   -10.53201 1.000 22.36505 ? 41  PHE A O   1 
ATOM   130  C CB  . PHE A 1 17  ? -11.13565 4.09029   -8.75812  1.000 12.24495 ? 41  PHE A CB  1 
ATOM   131  C CG  . PHE A 1 17  ? -9.71357  3.86710   -9.18222  1.000 18.76284 ? 41  PHE A CG  1 
ATOM   132  C CD1 . PHE A 1 17  ? -8.67855  4.22872   -8.34792  1.000 23.94463 ? 41  PHE A CD1 1 
ATOM   133  C CD2 . PHE A 1 17  ? -9.41931  3.38555   -10.44330 1.000 25.57190 ? 41  PHE A CD2 1 
ATOM   134  C CE1 . PHE A 1 17  ? -7.34997  4.06917   -8.74845  1.000 17.47286 ? 41  PHE A CE1 1 
ATOM   135  C CE2 . PHE A 1 17  ? -8.09701  3.21917   -10.85329 1.000 29.76729 ? 41  PHE A CE2 1 
ATOM   136  C CZ  . PHE A 1 17  ? -7.06640  3.56237   -10.00263 1.000 26.37838 ? 41  PHE A CZ  1 
ATOM   137  N N   . SER A 1 18  ? -12.21287 5.78345   -11.15802 1.000 30.55251 ? 42  SER A N   1 
ATOM   138  C CA  . SER A 1 18  ? -11.94482 6.09122   -12.55759 1.000 32.61504 ? 42  SER A CA  1 
ATOM   139  C C   . SER A 1 18  ? -11.71163 7.58654   -12.78627 1.000 42.30889 ? 42  SER A C   1 
ATOM   140  O O   . SER A 1 18  ? -10.99615 7.93588   -13.73197 1.000 48.66755 ? 42  SER A O   1 
ATOM   141  C CB  . SER A 1 18  ? -13.08703 5.57710   -13.43463 1.000 36.39812 ? 42  SER A CB  1 
ATOM   142  O OG  . SER A 1 18  ? -14.23469 6.39261   -13.26523 1.000 36.29240 ? 42  SER A OG  1 
ATOM   143  N N   . PHE A 1 19  ? -12.25470 8.46807   -11.92777 1.000 37.79313 ? 43  PHE A N   1 
ATOM   144  C CA  . PHE A 1 19  ? -12.06464 9.93606   -12.06908 1.000 47.90860 ? 43  PHE A CA  1 
ATOM   145  C C   . PHE A 1 19  ? -10.61756 10.36117  -12.41558 1.000 42.62568 ? 43  PHE A C   1 
ATOM   146  O O   . PHE A 1 19  ? -9.69898  10.31843  -11.57623 1.000 32.72766 ? 43  PHE A O   1 
ATOM   147  C CB  . PHE A 1 19  ? -12.49318 10.67520  -10.79037 1.000 40.43101 ? 43  PHE A CB  1 
ATOM   148  C CG  . PHE A 1 19  ? -13.99831 10.71939  -10.56407 1.000 48.57234 ? 43  PHE A CG  1 
ATOM   149  C CD1 . PHE A 1 19  ? -14.86919 9.97338   -11.35388 1.000 42.10396 ? 43  PHE A CD1 1 
ATOM   150  C CD2 . PHE A 1 19  ? -14.53635 11.50101  -9.53659  1.000 50.54134 ? 43  PHE A CD2 1 
ATOM   151  C CE1 . PHE A 1 19  ? -16.25054 10.00715  -11.13330 1.000 51.29216 ? 43  PHE A CE1 1 
ATOM   152  C CE2 . PHE A 1 19  ? -15.92411 11.54596  -9.30592  1.000 53.31194 ? 43  PHE A CE2 1 
ATOM   153  C CZ  . PHE A 1 19  ? -16.78357 10.79863  -10.10766 1.000 45.14515 ? 43  PHE A CZ  1 
ATOM   154  N N   . GLY A 1 25  ? 2.59985   11.00645  -11.54478 1.000 34.28598 ? 49  GLY A N   1 
ATOM   155  C CA  . GLY A 1 25  ? 3.41123   11.28247  -10.36866 1.000 33.83316 ? 49  GLY A CA  1 
ATOM   156  C C   . GLY A 1 25  ? 2.66911   11.97052  -9.21947  1.000 39.48338 ? 49  GLY A C   1 
ATOM   157  O O   . GLY A 1 25  ? 3.27004   12.26952  -8.16920  1.000 45.47244 ? 49  GLY A O   1 
ATOM   158  N N   . GLU A 1 26  ? 1.37142   12.23173  -9.42033  1.000 40.83390 ? 50  GLU A N   1 
ATOM   159  C CA  . GLU A 1 26  ? 0.51054   12.77869  -8.37258  1.000 32.50416 ? 50  GLU A CA  1 
ATOM   160  C C   . GLU A 1 26  ? -0.00190  11.64822  -7.47739  1.000 38.27591 ? 50  GLU A C   1 
ATOM   161  O O   . GLU A 1 26  ? -0.16253  10.50302  -7.92192  1.000 30.99999 ? 50  GLU A O   1 
ATOM   162  C CB  . GLU A 1 26  ? -0.66559  13.54051  -8.97962  1.000 28.85368 ? 50  GLU A CB  1 
ATOM   163  C CG  . GLU A 1 26  ? -1.83551  12.64107  -9.44252  1.000 46.25594 ? 50  GLU A CG  1 
ATOM   164  C CD  . GLU A 1 26  ? -2.89259  13.39856  -10.25052 1.000 63.74388 ? 50  GLU A CD  1 
ATOM   165  O OE1 . GLU A 1 26  ? -3.82201  12.75797  -10.81039 1.000 55.44108 ? 50  GLU A OE1 1 
ATOM   166  O OE2 . GLU A 1 26  ? -2.79078  14.64459  -10.31769 1.000 74.87748 ? 50  GLU A OE2 1 
ATOM   167  N N   . VAL A 1 27  ? -0.27498  11.97642  -6.20966  1.000 27.24333 ? 51  VAL A N   1 
ATOM   168  C CA  . VAL A 1 27  ? -0.38874  10.95011  -5.18481  1.000 25.61383 ? 51  VAL A CA  1 
ATOM   169  C C   . VAL A 1 27  ? -1.71471  11.10865  -4.46689  1.000 24.45461 ? 51  VAL A C   1 
ATOM   170  O O   . VAL A 1 27  ? -2.22428  12.21860  -4.30359  1.000 23.45197 ? 51  VAL A O   1 
ATOM   171  C CB  . VAL A 1 27  ? 0.77201   11.00423  -4.15502  1.000 28.19541 ? 51  VAL A CB  1 
ATOM   172  C CG1 . VAL A 1 27  ? 2.11241   11.09329  -4.85815  1.000 43.27635 ? 51  VAL A CG1 1 
ATOM   173  C CG2 . VAL A 1 27  ? 0.60422   12.16414  -3.18082  1.000 33.68349 ? 51  VAL A CG2 1 
ATOM   174  N N   . ILE A 1 28  ? -2.29105  9.98095   -4.06786  1.000 17.59770 ? 52  ILE A N   1 
ATOM   175  C CA  . ILE A 1 28  ? -3.35700  9.95171   -3.07623  1.000 13.01789 ? 52  ILE A CA  1 
ATOM   176  C C   . ILE A 1 28  ? -2.78392  9.29495   -1.83047  1.000 18.87182 ? 52  ILE A C   1 
ATOM   177  O O   . ILE A 1 28  ? -2.20591  8.20501   -1.93660  1.000 15.90776 ? 52  ILE A O   1 
ATOM   178  C CB  . ILE A 1 28  ? -4.57929  9.16675   -3.57136  1.000 14.97051 ? 52  ILE A CB  1 
ATOM   179  C CG1 . ILE A 1 28  ? -5.08916  9.76383   -4.87912  1.000 23.83494 ? 52  ILE A CG1 1 
ATOM   180  C CG2 . ILE A 1 28  ? -5.69024  9.11505   -2.46742  1.000 17.69388 ? 52  ILE A CG2 1 
ATOM   181  C CD1 . ILE A 1 28  ? -5.11798  11.30150  -4.89556  1.000 26.96269 ? 52  ILE A CD1 1 
ATOM   182  N N   . LYS A 1 29  ? -2.94054  9.93633   -0.66273  1.000 15.04601 ? 53  LYS A N   1 
ATOM   183  C CA  . LYS A 1 29  ? -2.43838  9.34604   0.57836   1.000 9.81976  ? 53  LYS A CA  1 
ATOM   184  C C   . LYS A 1 29  ? -3.62264  8.90951   1.44156   1.000 10.20229 ? 53  LYS A C   1 
ATOM   185  O O   . LYS A 1 29  ? -4.62989  9.62969   1.54998   1.000 14.47564 ? 53  LYS A O   1 
ATOM   186  C CB  . LYS A 1 29  ? -1.53126  10.29835  1.34125   1.000 20.73744 ? 53  LYS A CB  1 
ATOM   187  C CG  . LYS A 1 29  ? -0.44476  10.83391  0.43926   1.000 37.33408 ? 53  LYS A CG  1 
ATOM   188  C CD  . LYS A 1 29  ? 0.45781   11.86105  1.07591   1.000 54.19535 ? 53  LYS A CD  1 
ATOM   189  C CE  . LYS A 1 29  ? 1.79322   11.86397  0.32630   1.000 60.16646 ? 53  LYS A CE  1 
ATOM   190  N NZ  . LYS A 1 29  ? 2.96806   11.93391  1.23031   1.000 54.99476 ? 53  LYS A NZ  1 
ATOM   191  N N   . SER A 1 30  ? -3.49551  7.71436   2.04599   1.000 7.56277  ? 54  SER A N   1 
ATOM   192  C CA  . SER A 1 30  ? -4.49199  7.18295   2.95349   1.000 6.04641  ? 54  SER A CA  1 
ATOM   193  C C   . SER A 1 30  ? -4.41899  7.90526   4.29116   1.000 9.85636  ? 54  SER A C   1 
ATOM   194  O O   . SER A 1 30  ? -3.46975  8.65214   4.59634   1.000 10.07767 ? 54  SER A O   1 
ATOM   195  C CB  . SER A 1 30  ? -4.26713  5.67663   3.17591   1.000 7.06853  ? 54  SER A CB  1 
ATOM   196  O OG  . SER A 1 30  ? -3.23641  5.47538   4.14615   1.000 8.38394  ? 54  SER A OG  1 
ATOM   197  N N   . SER A 1 31  ? -5.42437  7.62239   5.12088   1.000 6.00078  ? 55  SER A N   1 
ATOM   198  C CA  . SER A 1 31  ? -5.37886  8.00689   6.52342   1.000 6.41721  ? 55  SER A CA  1 
ATOM   199  C C   . SER A 1 31  ? -4.16307  7.36846   7.19768   1.000 13.16681 ? 55  SER A C   1 
ATOM   200  O O   . SER A 1 31  ? -3.63357  6.35519   6.74083   1.000 8.77886  ? 55  SER A O   1 
ATOM   201  C CB  . SER A 1 31  ? -6.68069  7.57496   7.24117   1.000 12.11269 ? 55  SER A CB  1 
ATOM   202  O OG  . SER A 1 31  ? -6.87867  6.15692   7.18308   1.000 16.20993 ? 55  SER A OG  1 
ATOM   203  N N   . THR A 1 32  ? -3.70797  7.98632   8.27785   1.000 10.29783 ? 56  THR A N   1 
ATOM   204  C CA  . THR A 1 32  ? -2.59902  7.41524   9.02443   1.000 4.94582  ? 56  THR A CA  1 
ATOM   205  C C   . THR A 1 32  ? -3.09604  6.34565   9.99877   1.000 8.55841  ? 56  THR A C   1 
ATOM   206  O O   . THR A 1 32  ? -4.14409  6.50227   10.64963  1.000 10.08343 ? 56  THR A O   1 
ATOM   207  C CB  . THR A 1 32  ? -1.89197  8.55623   9.73969   1.000 9.30109  ? 56  THR A CB  1 
ATOM   208  O OG1 . THR A 1 32  ? -1.29497  9.39324   8.73248   1.000 14.32976 ? 56  THR A OG1 1 
ATOM   209  C CG2 . THR A 1 32  ? -0.77584  8.05857   10.68233  1.000 8.91745  ? 56  THR A CG2 1 
ATOM   210  N N   . PHE A 1 33  ? -2.36014  5.23732   10.08928  1.000 6.80710  ? 57  PHE A N   1 
ATOM   211  C CA  . PHE A 1 33  ? -2.73921  4.15131   10.98676  1.000 6.03421  ? 57  PHE A CA  1 
ATOM   212  C C   . PHE A 1 33  ? -1.53981  3.81871   11.85402  1.000 8.55772  ? 57  PHE A C   1 
ATOM   213  O O   . PHE A 1 33  ? -0.39312  4.07285   11.47319  1.000 7.69562  ? 57  PHE A O   1 
ATOM   214  C CB  . PHE A 1 33  ? -3.23380  2.88763   10.23351  1.000 9.06068  ? 57  PHE A CB  1 
ATOM   215  C CG  . PHE A 1 33  ? -2.39644  2.43801   9.05734   1.000 6.90527  ? 57  PHE A CG  1 
ATOM   216  C CD1 . PHE A 1 33  ? -2.48777  3.03786   7.78798   1.000 7.22706  ? 57  PHE A CD1 1 
ATOM   217  C CD2 . PHE A 1 33  ? -1.63001  1.24121   9.18466   1.000 8.80662  ? 57  PHE A CD2 1 
ATOM   218  C CE1 . PHE A 1 33  ? -1.75473  2.49412   6.69868   1.000 8.10654  ? 57  PHE A CE1 1 
ATOM   219  C CE2 . PHE A 1 33  ? -0.92502  0.73401   8.13625   1.000 7.25236  ? 57  PHE A CE2 1 
ATOM   220  C CZ  . PHE A 1 33  ? -0.96614  1.33999   6.87454   1.000 5.38483  ? 57  PHE A CZ  1 
ATOM   221  N N   . SER A 1 34  ? -1.81139  3.27316   13.05285  1.000 7.26797  ? 58  SER A N   1 
ATOM   222  C CA  . SER A 1 34  ? -0.79944  3.15555   14.10467  1.000 6.21573  ? 58  SER A CA  1 
ATOM   223  C C   . SER A 1 34  ? -0.48398  1.71352   14.43735  1.000 7.16273  ? 58  SER A C   1 
ATOM   224  O O   . SER A 1 34  ? -1.35111  0.82916   14.32156  1.000 9.68761  ? 58  SER A O   1 
ATOM   225  C CB  . SER A 1 34  ? -1.26333  3.81913   15.40801  1.000 13.23216 ? 58  SER A CB  1 
ATOM   226  O OG  . SER A 1 34  ? -1.48041  5.21671   15.19972  1.000 26.13640 ? 58  SER A OG  1 
ATOM   227  N N   . SER A 1 35  ? 0.75001   1.48214   14.90373  1.000 2.98791  ? 59  SER A N   1 
ATOM   228  C CA  . SER A 1 35  ? 1.12811   0.17019   15.43601  1.000 5.15367  ? 59  SER A CA  1 
ATOM   229  C C   . SER A 1 35  ? 2.21054   0.39145   16.47692  1.000 4.95532  ? 59  SER A C   1 
ATOM   230  O O   . SER A 1 35  ? 2.48608   1.53100   16.88547  1.000 5.68879  ? 59  SER A O   1 
ATOM   231  C CB  . SER A 1 35  ? 1.60439   -0.75999  14.30280  1.000 7.58058  ? 59  SER A CB  1 
ATOM   232  O OG  . SER A 1 35  ? 2.94265   -0.39562  13.86212  1.000 7.14859  ? 59  SER A OG  1 
ATOM   233  N N   . GLY A 1 36  ? 2.80989   -0.71168  16.93707  1.000 5.52761  ? 60  GLY A N   1 
ATOM   234  C CA  . GLY A 1 36  ? 3.90752   -0.63977  17.90421  1.000 3.89740  ? 60  GLY A CA  1 
ATOM   235  C C   . GLY A 1 36  ? 3.39955   -0.45833  19.32706  1.000 11.17733 ? 60  GLY A C   1 
ATOM   236  O O   . GLY A 1 36  ? 2.23847   -0.78427  19.65630  1.000 9.97569  ? 60  GLY A O   1 
ATOM   237  N N   . ALA A 1 37  ? 4.27804   0.08632   20.17623  1.000 8.22453  ? 61  ALA A N   1 
ATOM   238  C CA  . ALA A 1 37  ? 3.93683   0.38768   21.57474  1.000 10.62007 ? 61  ALA A CA  1 
ATOM   239  C C   . ALA A 1 37  ? 3.27819   1.76465   21.67909  1.000 14.17403 ? 61  ALA A C   1 
ATOM   240  O O   . ALA A 1 37  ? 3.81956   2.73938   21.14541  1.000 13.04980 ? 61  ALA A O   1 
ATOM   241  C CB  . ALA A 1 37  ? 5.21240   0.36798   22.40482  1.000 11.56798 ? 61  ALA A CB  1 
ATOM   242  N N   . ASN A 1 38  ? 2.12143   1.84970   22.37223  1.000 14.93774 ? 62  ASN A N   1 
ATOM   243  C CA  . ASN A 1 38  ? 1.41300   3.13465   22.59827  1.000 15.06710 ? 62  ASN A CA  1 
ATOM   244  C C   . ASN A 1 38  ? 1.10861   3.84605   21.27230  1.000 13.40862 ? 62  ASN A C   1 
ATOM   245  O O   . ASN A 1 38  ? 1.16412   5.07556   21.17624  1.000 15.28888 ? 62  ASN A O   1 
ATOM   246  C CB  . ASN A 1 38  ? 2.22611   4.05239   23.53247  1.000 14.74939 ? 62  ASN A CB  1 
ATOM   247  C CG  . ASN A 1 38  ? 2.43392   3.45638   24.90339  1.000 18.02485 ? 62  ASN A CG  1 
ATOM   248  O OD1 . ASN A 1 38  ? 3.57728   3.33483   25.38793  1.000 34.31613 ? 62  ASN A OD1 1 
ATOM   249  N ND2 . ASN A 1 38  ? 1.34725   3.04892   25.52560  1.000 18.47112 ? 62  ASN A ND2 1 
ATOM   250  N N   . ASP A 1 39  ? 0.82110   3.05682   20.22919  1.000 11.98828 ? 63  ASP A N   1 
ATOM   251  C CA  . ASP A 1 39  ? 0.50685   3.59124   18.89600  1.000 14.47025 ? 63  ASP A CA  1 
ATOM   252  C C   . ASP A 1 39  ? 1.63931   4.48620   18.38561  1.000 12.99862 ? 63  ASP A C   1 
ATOM   253  O O   . ASP A 1 39  ? 1.39467   5.43389   17.60348  1.000 16.46948 ? 63  ASP A O   1 
ATOM   254  C CB  . ASP A 1 39  ? -0.82068  4.37973   18.86609  1.000 22.81619 ? 63  ASP A CB  1 
ATOM   255  C CG  . ASP A 1 39  ? -2.07064  3.51838   19.23016  1.000 33.41004 ? 63  ASP A CG  1 
ATOM   256  O OD1 . ASP A 1 39  ? -2.12149  2.29749   18.97266  1.000 29.85276 ? 63  ASP A OD1 1 
ATOM   257  O OD2 . ASP A 1 39  ? -3.03048  4.07842   19.80390  1.000 34.86128 ? 63  ASP A OD2 1 
ATOM   258  N N   . LYS A 1 40  ? 2.90664   4.20643   18.76984  1.000 6.12264  ? 64  LYS A N   1 
ATOM   259  C CA  . LYS A 1 40  ? 3.97875   5.14632   18.39273  1.000 7.61623  ? 64  LYS A CA  1 
ATOM   260  C C   . LYS A 1 40  ? 4.53466   4.94040   16.97845  1.000 14.54121 ? 64  LYS A C   1 
ATOM   261  O O   . LYS A 1 40  ? 5.26751   5.81148   16.50419  1.000 16.01904 ? 64  LYS A O   1 
ATOM   262  C CB  . LYS A 1 40  ? 5.14504   5.10116   19.38502  1.000 8.14183  ? 64  LYS A CB  1 
ATOM   263  C CG  . LYS A 1 40  ? 4.79340   5.70614   20.77246  1.000 19.40548 ? 64  LYS A CG  1 
ATOM   264  C CD  . LYS A 1 40  ? 6.03831   5.82644   21.65585  1.000 30.94110 ? 64  LYS A CD  1 
ATOM   265  C CE  . LYS A 1 40  ? 6.72250   4.49588   21.90193  1.000 22.81964 ? 64  LYS A CE  1 
ATOM   266  N NZ  . LYS A 1 40  ? 7.64259   4.65259   23.07169  1.000 37.94173 ? 64  LYS A NZ  1 
ATOM   267  N N   . LEU A 1 41  ? 4.23321   3.84405   16.27843  1.000 7.92788  ? 65  LEU A N   1 
ATOM   268  C CA  . LEU A 1 41  ? 4.60231   3.73425   14.87558  1.000 7.65638  ? 65  LEU A CA  1 
ATOM   269  C C   . LEU A 1 41  ? 3.41253   4.19894   14.04215  1.000 10.42905 ? 65  LEU A C   1 
ATOM   270  O O   . LEU A 1 41  ? 2.28142   3.74764   14.24823  1.000 11.88648 ? 65  LEU A O   1 
ATOM   271  C CB  . LEU A 1 41  ? 4.96863   2.31005   14.48022  1.000 8.44551  ? 65  LEU A CB  1 
ATOM   272  C CG  . LEU A 1 41  ? 6.14275   1.71826   15.23229  1.000 9.62098  ? 65  LEU A CG  1 
ATOM   273  C CD1 . LEU A 1 41  ? 6.50885   0.31526   14.69531  1.000 6.84413  ? 65  LEU A CD1 1 
ATOM   274  C CD2 . LEU A 1 41  ? 7.31974   2.62988   15.16580  1.000 13.95668 ? 65  LEU A CD2 1 
ATOM   275  N N   . LYS A 1 42  ? 3.64410   5.13598   13.14041  1.000 4.55490  ? 66  LYS A N   1 
ATOM   276  C CA  . LYS A 1 42  ? 2.56176   5.66462   12.31749  1.000 4.65175  ? 66  LYS A CA  1 
ATOM   277  C C   . LYS A 1 42  ? 2.89166   5.42278   10.85298  1.000 5.59170  ? 66  LYS A C   1 
ATOM   278  O O   . LYS A 1 42  ? 4.03613   5.64395   10.42646  1.000 4.46089  ? 66  LYS A O   1 
ATOM   279  C CB  . LYS A 1 42  ? 2.36361   7.18263   12.54587  1.000 9.94482  ? 66  LYS A CB  1 
ATOM   280  C CG  . LYS A 1 42  ? 2.11239   7.54154   14.00083  1.000 14.06558 ? 66  LYS A CG  1 
ATOM   281  C CD  . LYS A 1 42  ? 0.74993   7.21143   14.44436  1.000 20.70118 ? 66  LYS A CD  1 
ATOM   282  C CE  . LYS A 1 42  ? 0.47889   7.91678   15.80187  1.000 25.09560 ? 66  LYS A CE  1 
ATOM   283  N NZ  . LYS A 1 42  ? -0.83743  7.57858   16.31091  1.000 29.49702 ? 66  LYS A NZ  1 
ATOM   284  N N   . TRP A 1 43  ? 1.87913   4.96584   10.09224  1.000 3.10928  ? 67  TRP A N   1 
ATOM   285  C CA  . TRP A 1 43  ? 2.03505   4.50549   8.71015   1.000 1.53711  ? 67  TRP A CA  1 
ATOM   286  C C   . TRP A 1 43  ? 0.97110   5.15541   7.84247   1.000 6.76892  ? 67  TRP A C   1 
ATOM   287  O O   . TRP A 1 43  ? -0.09545  5.51890   8.32269   1.000 5.71016  ? 67  TRP A O   1 
ATOM   288  C CB  . TRP A 1 43  ? 1.79442   2.98959   8.60522   1.000 3.76048  ? 67  TRP A CB  1 
ATOM   289  C CG  . TRP A 1 43  ? 2.63965   2.17348   9.50559   1.000 6.34671  ? 67  TRP A CG  1 
ATOM   290  C CD1 . TRP A 1 43  ? 2.36686   1.80411   10.78436  1.000 7.63721  ? 67  TRP A CD1 1 
ATOM   291  C CD2 . TRP A 1 43  ? 3.89622   1.60297   9.17225   1.000 5.91560  ? 67  TRP A CD2 1 
ATOM   292  N NE1 . TRP A 1 43  ? 3.39041   1.03011   11.28620  1.000 6.44871  ? 67  TRP A NE1 1 
ATOM   293  C CE2 . TRP A 1 43  ? 4.32695   0.86696   10.29265  1.000 2.44722  ? 67  TRP A CE2 1 
ATOM   294  C CE3 . TRP A 1 43  ? 4.68791   1.60423   8.00179   1.000 5.56254  ? 67  TRP A CE3 1 
ATOM   295  C CZ2 . TRP A 1 43  ? 5.53018   0.14767   10.31620  1.000 5.78965  ? 67  TRP A CZ2 1 
ATOM   296  C CZ3 . TRP A 1 43  ? 5.88806   0.89330   8.02858   1.000 6.34714  ? 67  TRP A CZ3 1 
ATOM   297  C CH2 . TRP A 1 43  ? 6.31096   0.19773   9.17214   1.000 3.07350  ? 67  TRP A CH2 1 
ATOM   298  N N   . CYS A 1 44  ? 1.23766   5.23374   6.53832   1.000 4.44040  ? 68  CYS A N   1 
ATOM   299  C CA  . CYS A 1 44  ? 0.14079   5.41282   5.59688   1.000 6.38431  ? 68  CYS A CA  1 
ATOM   300  C C   . CYS A 1 44  ? 0.48195   4.76909   4.25752   1.000 7.60180  ? 68  CYS A C   1 
ATOM   301  O O   . CYS A 1 44  ? 1.61771   4.33193   4.01417   1.000 7.56701  ? 68  CYS A O   1 
ATOM   302  C CB  . CYS A 1 44  ? -0.26464  6.88291   5.39696   1.000 12.64268 ? 68  CYS A CB  1 
ATOM   303  S SG  . CYS A 1 44  ? 0.92871   7.78188   4.45752   1.000 16.68984 ? 68  CYS A SG  1 
ATOM   304  N N   . LEU A 1 45  ? -0.58184  4.54932   3.45767   1.000 8.08507  ? 69  LEU A N   1 
ATOM   305  C CA  . LEU A 1 45  ? -0.39346  4.11840   2.08280   1.000 4.94422  ? 69  LEU A CA  1 
ATOM   306  C C   . LEU A 1 45  ? -0.32160  5.31736   1.14847   1.000 9.55056  ? 69  LEU A C   1 
ATOM   307  O O   . LEU A 1 45  ? -1.03538  6.31334   1.32921   1.000 9.53352  ? 69  LEU A O   1 
ATOM   308  C CB  . LEU A 1 45  ? -1.54074  3.21801   1.66588   1.000 9.20503  ? 69  LEU A CB  1 
ATOM   309  C CG  . LEU A 1 45  ? -1.61414  1.90788   2.45214   1.000 10.43142 ? 69  LEU A CG  1 
ATOM   310  C CD1 . LEU A 1 45  ? -2.75068  1.07479   1.82211   1.000 6.97946  ? 69  LEU A CD1 1 
ATOM   311  C CD2 . LEU A 1 45  ? -0.29514  1.13679   2.46049   1.000 12.82578 ? 69  LEU A CD2 1 
ATOM   312  N N   . ARG A 1 46  ? 0.53257   5.22518   0.13457   1.000 9.27156  ? 70  ARG A N   1 
ATOM   313  C CA  . ARG A 1 46  ? 0.55035   6.23213   -0.93293  1.000 12.06149 ? 70  ARG A CA  1 
ATOM   314  C C   . ARG A 1 46  ? 0.25954   5.54222   -2.24717  1.000 12.32223 ? 70  ARG A C   1 
ATOM   315  O O   . ARG A 1 46  ? 0.84609   4.49970   -2.52466  1.000 12.90708 ? 70  ARG A O   1 
ATOM   316  C CB  . ARG A 1 46  ? 1.91153   6.91640   -1.02891  1.000 16.82692 ? 70  ARG A CB  1 
ATOM   317  C CG  . ARG A 1 46  ? 2.39649   7.61213   0.24463   1.000 35.92574 ? 70  ARG A CG  1 
ATOM   318  C CD  . ARG A 1 46  ? 3.83308   8.12281   0.03007   1.000 35.08214 ? 70  ARG A CD  1 
ATOM   319  N NE  . ARG A 1 46  ? 4.00109   8.72428   -1.28688  1.000 50.99252 ? 70  ARG A NE  1 
ATOM   320  C CZ  . ARG A 1 46  ? 4.71389   9.82233   -1.50896  1.000 62.71165 ? 70  ARG A CZ  1 
ATOM   321  N NH1 . ARG A 1 46  ? 5.32831   10.41339  -0.48911  1.000 52.13392 ? 70  ARG A NH1 1 
ATOM   322  N NH2 . ARG A 1 46  ? 4.81369   10.32144  -2.74039  1.000 50.14247 ? 70  ARG A NH2 1 
ATOM   323  N N   . VAL A 1 47  ? -0.70059  6.06341   -3.02261  1.000 6.53552  ? 71  VAL A N   1 
ATOM   324  C CA  . VAL A 1 47  ? -1.00066  5.48133   -4.32861  1.000 10.33588 ? 71  VAL A CA  1 
ATOM   325  C C   . VAL A 1 47  ? -0.81745  6.56562   -5.39498  1.000 14.09196 ? 71  VAL A C   1 
ATOM   326  O O   . VAL A 1 47  ? -1.24503  7.71498   -5.21657  1.000 14.60158 ? 71  VAL A O   1 
ATOM   327  C CB  . VAL A 1 47  ? -2.41499  4.86414   -4.42566  1.000 11.92973 ? 71  VAL A CB  1 
ATOM   328  C CG1 . VAL A 1 47  ? -2.65941  3.86224   -3.31893  1.000 22.57047 ? 71  VAL A CG1 1 
ATOM   329  C CG2 . VAL A 1 47  ? -3.46152  5.89282   -4.31168  1.000 26.40173 ? 71  VAL A CG2 1 
ATOM   330  N N   . ASN A 1 48  ? -0.18285  6.18307   -6.50484  1.000 14.98221 ? 72  ASN A N   1 
ATOM   331  C CA  . ASN A 1 48  ? -0.08837  7.01724   -7.71024  1.000 13.13651 ? 72  ASN A CA  1 
ATOM   332  C C   . ASN A 1 48  ? -1.02257  6.37853   -8.74845  1.000 10.64604 ? 72  ASN A C   1 
ATOM   333  O O   . ASN A 1 48  ? -0.66590  5.36155   -9.35884  1.000 12.73372 ? 72  ASN A O   1 
ATOM   334  C CB  . ASN A 1 48  ? 1.34313   7.05736   -8.24941  1.000 15.66429 ? 72  ASN A CB  1 
ATOM   335  C CG  . ASN A 1 48  ? 2.33488   7.54984   -7.23203  1.000 24.77987 ? 72  ASN A CG  1 
ATOM   336  O OD1 . ASN A 1 48  ? 3.20322   6.80547   -6.78420  1.000 24.54592 ? 72  ASN A OD1 1 
ATOM   337  N ND2 . ASN A 1 48  ? 2.19976   8.80826   -6.84289  1.000 24.56009 ? 72  ASN A ND2 1 
ATOM   338  N N   . PRO A 1 49  ? -2.22871  6.89321   -8.95688  1.000 11.84651 ? 73  PRO A N   1 
ATOM   339  C CA  . PRO A 1 49  ? -3.20424  6.12895   -9.73261  1.000 13.92484 ? 73  PRO A CA  1 
ATOM   340  C C   . PRO A 1 49  ? -2.81849  6.03325   -11.18055 1.000 16.97420 ? 73  PRO A C   1 
ATOM   341  O O   . PRO A 1 49  ? -3.26667  5.10125   -11.86116 1.000 24.12921 ? 73  PRO A O   1 
ATOM   342  C CB  . PRO A 1 49  ? -4.50566  6.92730   -9.54983  1.000 18.99819 ? 73  PRO A CB  1 
ATOM   343  C CG  . PRO A 1 49  ? -4.23919  7.89101   -8.43300  1.000 23.63353 ? 73  PRO A CG  1 
ATOM   344  C CD  . PRO A 1 49  ? -2.77821  8.17907   -8.50088  1.000 24.28447 ? 73  PRO A CD  1 
ATOM   345  N N   . LYS A 1 50  ? -1.98881  6.97385   -11.64923 1.000 20.74948 ? 74  LYS A N   1 
ATOM   346  C CA  . LYS A 1 50  ? -1.52238  7.05162   -13.03311 1.000 15.61082 ? 74  LYS A CA  1 
ATOM   347  C C   . LYS A 1 50  ? -0.01153  6.87003   -13.12195 1.000 23.33304 ? 74  LYS A C   1 
ATOM   348  O O   . LYS A 1 50  ? 0.61965   7.30283   -14.09414 1.000 31.72619 ? 74  LYS A O   1 
ATOM   349  C CB  . LYS A 1 50  ? -1.93275  8.39077   -13.65927 1.000 31.12874 ? 74  LYS A CB  1 
ATOM   350  C CG  . LYS A 1 50  ? -1.00794  9.58781   -13.31996 1.000 48.50947 ? 74  LYS A CG  1 
ATOM   351  C CD  . LYS A 1 50  ? -1.72047  10.93876  -13.38989 1.000 58.96254 ? 74  LYS A CD  1 
ATOM   352  C CE  . LYS A 1 50  ? -0.79701  12.10374  -13.02673 1.000 37.38342 ? 74  LYS A CE  1 
ATOM   353  N NZ  . LYS A 1 50  ? -1.64875  13.32960  -13.01048 1.000 47.14641 ? 74  LYS A NZ  1 
ATOM   354  N N   . GLY A 1 51  ? 0.58492   6.25033   -12.12119 1.000 20.41086 ? 75  GLY A N   1 
ATOM   355  C CA  . GLY A 1 51  ? 1.96294   5.85155   -12.22700 1.000 13.74061 ? 75  GLY A CA  1 
ATOM   356  C C   . GLY A 1 51  ? 2.89532   6.83275   -11.53174 1.000 32.17513 ? 75  GLY A C   1 
ATOM   357  O O   . GLY A 1 51  ? 2.59134   8.01876   -11.34813 1.000 25.17431 ? 75  GLY A O   1 
ATOM   358  N N   . LEU A 1 52  ? 4.05517   6.30666   -11.13949 1.000 26.23677 ? 76  LEU A N   1 
ATOM   359  C CA  . LEU A 1 52  ? 5.10414   7.13717   -10.55014 1.000 31.78168 ? 76  LEU A CA  1 
ATOM   360  C C   . LEU A 1 52  ? 5.78584   8.00795   -11.61101 1.000 36.13498 ? 76  LEU A C   1 
ATOM   361  O O   . LEU A 1 52  ? 6.14842   9.16046   -11.32745 1.000 34.25668 ? 76  LEU A O   1 
ATOM   362  C CB  . LEU A 1 52  ? 6.13153   6.23983   -9.84519  1.000 19.79427 ? 76  LEU A CB  1 
ATOM   363  C CG  . LEU A 1 52  ? 7.36294   6.84476   -9.12123  1.000 33.88718 ? 76  LEU A CG  1 
ATOM   364  C CD1 . LEU A 1 52  ? 6.98550   7.94396   -8.09601  1.000 34.58049 ? 76  LEU A CD1 1 
ATOM   365  C CD2 . LEU A 1 52  ? 8.32806   5.80119   -8.50249  1.000 34.50599 ? 76  LEU A CD2 1 
ATOM   366  N N   . ASP A 1 53  ? 5.95367   7.48334   -12.83266 1.000 38.39324 ? 77  ASP A N   1 
ATOM   367  C CA  . ASP A 1 53  ? 6.79017   8.11138   -13.87582 1.000 30.37805 ? 77  ASP A CA  1 
ATOM   368  C C   . ASP A 1 53  ? 6.48336   7.52332   -15.25705 1.000 35.67574 ? 77  ASP A C   1 
ATOM   369  O O   . ASP A 1 53  ? 5.43391   6.91517   -15.47679 1.000 26.03329 ? 77  ASP A O   1 
ATOM   370  C CB  . ASP A 1 53  ? 8.28195   7.93991   -13.54809 1.000 30.42497 ? 77  ASP A CB  1 
ATOM   371  C CG  . ASP A 1 53  ? 8.68801   6.47838   -13.40124 1.000 36.70806 ? 77  ASP A CG  1 
ATOM   372  O OD1 . ASP A 1 53  ? 7.87785   5.57068   -13.73027 1.000 33.93882 ? 77  ASP A OD1 1 
ATOM   373  O OD2 . ASP A 1 53  ? 9.81186   6.22789   -12.91633 1.000 34.09373 ? 77  ASP A OD2 1 
ATOM   374  N N   . GLU A 1 54  ? 7.43417   7.69788   -16.18026 1.000 32.60471 ? 78  GLU A N   1 
ATOM   375  C CA  . GLU A 1 54  ? 7.26639   7.24297   -17.55597 1.000 33.44446 ? 78  GLU A CA  1 
ATOM   376  C C   . GLU A 1 54  ? 7.27355   5.72419   -17.65461 1.000 28.14773 ? 78  GLU A C   1 
ATOM   377  O O   . GLU A 1 54  ? 6.45147   5.13861   -18.37235 1.000 37.55404 ? 78  GLU A O   1 
ATOM   378  C CB  . GLU A 1 54  ? 8.38369   7.83185   -18.42370 1.000 44.87485 ? 78  GLU A CB  1 
ATOM   379  C CG  . GLU A 1 54  ? 8.11247   9.26691   -18.83587 1.000 60.30544 ? 78  GLU A CG  1 
ATOM   380  C CD  . GLU A 1 54  ? 7.16828   9.34285   -20.01792 1.000 62.39716 ? 78  GLU A CD  1 
ATOM   381  O OE1 . GLU A 1 54  ? 6.60992   10.43576  -20.25962 1.000 59.04904 ? 78  GLU A OE1 1 
ATOM   382  O OE2 . GLU A 1 54  ? 6.98711   8.31975   -20.71787 1.000 66.10586 ? 78  GLU A OE2 1 
ATOM   383  N N   . GLU A 1 55  ? 8.23823   5.08818   -16.98084 1.000 29.88593 ? 79  GLU A N   1 
ATOM   384  C CA  . GLU A 1 55  ? 8.33745   3.63670   -16.86234 1.000 31.02615 ? 79  GLU A CA  1 
ATOM   385  C C   . GLU A 1 55  ? 7.02609   2.98055   -16.42157 1.000 38.12096 ? 79  GLU A C   1 
ATOM   386  O O   . GLU A 1 55  ? 6.76734   1.81317   -16.75659 1.000 27.94138 ? 79  GLU A O   1 
ATOM   387  C CB  . GLU A 1 55  ? 9.42846   3.32436   -15.83494 1.000 40.61950 ? 79  GLU A CB  1 
ATOM   388  C CG  . GLU A 1 55  ? 10.20422  2.03795   -15.99010 1.000 48.57549 ? 79  GLU A CG  1 
ATOM   389  C CD  . GLU A 1 55  ? 11.50459  2.09077   -15.18917 1.000 65.34768 ? 79  GLU A CD  1 
ATOM   390  O OE1 . GLU A 1 55  ? 12.59559  2.03278   -15.80722 1.000 72.58703 ? 79  GLU A OE1 1 
ATOM   391  O OE2 . GLU A 1 55  ? 11.43561  2.19412   -13.93884 1.000 57.37570 ? 79  GLU A OE2 1 
ATOM   392  N N   . SER A 1 56  ? 6.20724   3.69116   -15.63918 1.000 20.60342 ? 80  SER A N   1 
ATOM   393  C CA  . SER A 1 56  ? 5.04627   3.10125   -14.95470 1.000 18.97084 ? 80  SER A CA  1 
ATOM   394  C C   . SER A 1 56  ? 3.72666   3.77746   -15.31688 1.000 23.20936 ? 80  SER A C   1 
ATOM   395  O O   . SER A 1 56  ? 2.74192   3.63955   -14.58087 1.000 14.43368 ? 80  SER A O   1 
ATOM   396  C CB  . SER A 1 56  ? 5.25439   3.16149   -13.44104 1.000 20.24717 ? 80  SER A CB  1 
ATOM   397  O OG  . SER A 1 56  ? 5.62193   4.49583   -13.04138 1.000 17.59212 ? 80  SER A OG  1 
ATOM   398  N N   . LYS A 1 57  ? 3.70073   4.51210   -16.44078 1.000 18.18914 ? 81  LYS A N   1 
ATOM   399  C CA  . LYS A 1 57  ? 2.53576   5.23064   -16.95187 1.000 23.38757 ? 81  LYS A CA  1 
ATOM   400  C C   . LYS A 1 57  ? 1.27958   4.38268   -17.01713 1.000 16.02686 ? 81  LYS A C   1 
ATOM   401  O O   . LYS A 1 57  ? 0.15708   4.90411   -16.87375 1.000 19.98586 ? 81  LYS A O   1 
ATOM   402  C CB  . LYS A 1 57  ? 2.88120   5.71506   -18.36591 1.000 25.00130 ? 81  LYS A CB  1 
ATOM   403  C CG  . LYS A 1 57  ? 1.98844   6.79184   -18.94083 1.000 51.32535 ? 81  LYS A CG  1 
ATOM   404  C CD  . LYS A 1 57  ? 2.82752   7.69524   -19.85198 1.000 45.01872 ? 81  LYS A CD  1 
ATOM   405  C CE  . LYS A 1 57  ? 2.16398   7.99256   -21.17795 1.000 45.82439 ? 81  LYS A CE  1 
ATOM   406  N NZ  . LYS A 1 57  ? 3.21022   8.21864   -22.22527 1.000 44.97300 ? 81  LYS A NZ  1 
ATOM   407  N N   . ASP A 1 58  ? 1.44884   3.10341   -17.30187 1.000 20.20973 ? 82  ASP A N   1 
ATOM   408  C CA  . ASP A 1 58  ? 0.34539   2.18354   -17.54383 1.000 18.03017 ? 82  ASP A CA  1 
ATOM   409  C C   . ASP A 1 58  ? -0.12631  1.50301   -16.27483 1.000 19.18813 ? 82  ASP A C   1 
ATOM   410  O O   . ASP A 1 58  ? -0.96588  0.59428   -16.35614 1.000 12.91573 ? 82  ASP A O   1 
ATOM   411  C CB  . ASP A 1 58  ? 0.75905   1.10857   -18.55301 1.000 21.02205 ? 82  ASP A CB  1 
ATOM   412  C CG  . ASP A 1 58  ? 1.07471   1.69133   -19.93633 1.000 34.88894 ? 82  ASP A CG  1 
ATOM   413  O OD1 . ASP A 1 58  ? 2.02722   1.20343   -20.60263 1.000 40.93394 ? 82  ASP A OD1 1 
ATOM   414  O OD2 . ASP A 1 58  ? 0.36756   2.65012   -20.34144 1.000 42.29741 ? 82  ASP A OD2 1 
ATOM   415  N N   . TYR A 1 59  ? 0.39278   1.91071   -15.12408 1.000 13.98970 ? 83  TYR A N   1 
ATOM   416  C CA  . TYR A 1 59  ? 0.18670   1.17320   -13.87211 1.000 7.22988  ? 83  TYR A CA  1 
ATOM   417  C C   . TYR A 1 59  ? -0.28922  2.09911   -12.78056 1.000 14.09257 ? 83  TYR A C   1 
ATOM   418  O O   . TYR A 1 59  ? -0.06172  3.30595   -12.80399 1.000 14.87450 ? 83  TYR A O   1 
ATOM   419  C CB  . TYR A 1 59  ? 1.48738   0.50898   -13.37983 1.000 8.69967  ? 83  TYR A CB  1 
ATOM   420  C CG  . TYR A 1 59  ? 1.93801   -0.62713  -14.29513 1.000 16.31016 ? 83  TYR A CG  1 
ATOM   421  C CD1 . TYR A 1 59  ? 2.57972   -0.36121  -15.50628 1.000 23.73675 ? 83  TYR A CD1 1 
ATOM   422  C CD2 . TYR A 1 59  ? 1.69267   -1.96090  -13.95794 1.000 15.41951 ? 83  TYR A CD2 1 
ATOM   423  C CE1 . TYR A 1 59  ? 2.96225   -1.39894  -16.35204 1.000 22.18302 ? 83  TYR A CE1 1 
ATOM   424  C CE2 . TYR A 1 59  ? 2.09069   -3.00122  -14.78936 1.000 15.07016 ? 83  TYR A CE2 1 
ATOM   425  C CZ  . TYR A 1 59  ? 2.71838   -2.70574  -15.99418 1.000 28.71492 ? 83  TYR A CZ  1 
ATOM   426  O OH  . TYR A 1 59  ? 3.10603   -3.73914  -16.83829 1.000 42.65354 ? 83  TYR A OH  1 
ATOM   427  N N   . LEU A 1 60  ? -0.94983  1.50400   -11.80041 1.000 9.46900  ? 84  LEU A N   1 
ATOM   428  C CA  . LEU A 1 60  ? -1.06431  2.12672   -10.49755 1.000 7.89539  ? 84  LEU A CA  1 
ATOM   429  C C   . LEU A 1 60  ? 0.16432   1.72261   -9.68507  1.000 12.92822 ? 84  LEU A C   1 
ATOM   430  O O   . LEU A 1 60  ? 0.56872   0.56407   -9.72688  1.000 7.78804  ? 84  LEU A O   1 
ATOM   431  C CB  . LEU A 1 60  ? -2.36155  1.62866   -9.84784  1.000 12.21136 ? 84  LEU A CB  1 
ATOM   432  C CG  . LEU A 1 60  ? -2.63671  2.14060   -8.46143  1.000 12.39635 ? 84  LEU A CG  1 
ATOM   433  C CD1 . LEU A 1 60  ? -4.12478  2.49005   -8.29594  1.000 19.93025 ? 84  LEU A CD1 1 
ATOM   434  C CD2 . LEU A 1 60  ? -2.17794  1.00817   -7.49603  1.000 15.10393 ? 84  LEU A CD2 1 
ATOM   435  N N   . SER A 1 61  ? 0.75773   2.68353   -8.96986  1.000 11.13735 ? 85  SER A N   1 
ATOM   436  C CA  . SER A 1 61  ? 1.88377   2.48160   -8.06119  1.000 11.08799 ? 85  SER A CA  1 
ATOM   437  C C   . SER A 1 61  ? 1.38064   2.52510   -6.61779  1.000 8.15114  ? 85  SER A C   1 
ATOM   438  O O   . SER A 1 61  ? 0.50057   3.32804   -6.27707  1.000 9.16678  ? 85  SER A O   1 
ATOM   439  C CB  . SER A 1 61  ? 2.94599   3.57178   -8.27111  1.000 11.97868 ? 85  SER A CB  1 
ATOM   440  O OG  . SER A 1 61  ? 3.25423   3.69984   -9.66805  1.000 14.05572 ? 85  SER A OG  1 
ATOM   441  N N   . LEU A 1 62  ? 1.94187   1.66942   -5.76090  1.000 9.26421  ? 86  LEU A N   1 
ATOM   442  C CA  . LEU A 1 62  ? 1.44814   1.54695   -4.38500  1.000 8.38848  ? 86  LEU A CA  1 
ATOM   443  C C   . LEU A 1 62  ? 2.61509   1.41942   -3.40508  1.000 9.39542  ? 86  LEU A C   1 
ATOM   444  O O   . LEU A 1 62  ? 3.50315   0.58704   -3.61240  1.000 5.75104  ? 86  LEU A O   1 
ATOM   445  C CB  . LEU A 1 62  ? 0.52760   0.32478   -4.28754  1.000 6.02873  ? 86  LEU A CB  1 
ATOM   446  C CG  . LEU A 1 62  ? -0.09389  0.03344   -2.93359  1.000 12.89682 ? 86  LEU A CG  1 
ATOM   447  C CD1 . LEU A 1 62  ? -0.76268  1.27843   -2.36928  1.000 14.02241 ? 86  LEU A CD1 1 
ATOM   448  C CD2 . LEU A 1 62  ? -1.02608  -1.22151  -3.06519  1.000 9.90263  ? 86  LEU A CD2 1 
ATOM   449  N N   . TYR A 1 63  ? 2.63641   2.26025   -2.36224  1.000 4.12909  ? 87  TYR A N   1 
ATOM   450  C CA  . TYR A 1 63  ? 3.77308   2.27326   -1.42871  1.000 4.38976  ? 87  TYR A CA  1 
ATOM   451  C C   . TYR A 1 63  ? 3.25230   2.28040   0.01339   1.000 4.93704  ? 87  TYR A C   1 
ATOM   452  O O   . TYR A 1 63  ? 2.19143   2.86336   0.30039   1.000 7.79140  ? 87  TYR A O   1 
ATOM   453  C CB  . TYR A 1 63  ? 4.65418   3.50909   -1.61269  1.000 5.80599  ? 87  TYR A CB  1 
ATOM   454  C CG  . TYR A 1 63  ? 5.25839   3.55357   -2.98664  1.000 8.88236  ? 87  TYR A CG  1 
ATOM   455  C CD1 . TYR A 1 63  ? 4.58886   4.16762   -4.03003  1.000 12.97879 ? 87  TYR A CD1 1 
ATOM   456  C CD2 . TYR A 1 63  ? 6.48663   2.93285   -3.23439  1.000 11.28587 ? 87  TYR A CD2 1 
ATOM   457  C CE1 . TYR A 1 63  ? 5.16694   4.17857   -5.37263  1.000 10.57935 ? 87  TYR A CE1 1 
ATOM   458  C CE2 . TYR A 1 63  ? 7.05833   2.94165   -4.54925  1.000 16.65317 ? 87  TYR A CE2 1 
ATOM   459  C CZ  . TYR A 1 63  ? 6.38581   3.57553   -5.58162  1.000 13.95139 ? 87  TYR A CZ  1 
ATOM   460  O OH  . TYR A 1 63  ? 6.94839   3.56966   -6.87061  1.000 12.41769 ? 87  TYR A OH  1 
ATOM   461  N N   . LEU A 1 64  ? 4.04961   1.70002   0.91872   1.000 5.15727  ? 88  LEU A N   1 
ATOM   462  C CA  . LEU A 1 64  ? 3.80570   1.79692   2.36237   1.000 1.16329  ? 88  LEU A CA  1 
ATOM   463  C C   . LEU A 1 64  ? 4.82155   2.79860   2.93521   1.000 6.05966  ? 88  LEU A C   1 
ATOM   464  O O   . LEU A 1 64  ? 6.02769   2.62272   2.74065   1.000 8.68757  ? 88  LEU A O   1 
ATOM   465  C CB  . LEU A 1 64  ? 3.97265   0.41456   3.00635   1.000 2.86154  ? 88  LEU A CB  1 
ATOM   466  C CG  . LEU A 1 64  ? 3.95669   0.42153   4.56310   1.000 5.67293  ? 88  LEU A CG  1 
ATOM   467  C CD1 . LEU A 1 64  ? 2.54236   0.91292   5.12636   1.000 5.19462  ? 88  LEU A CD1 1 
ATOM   468  C CD2 . LEU A 1 64  ? 4.36066   -0.95567  5.06823   1.000 5.02577  ? 88  LEU A CD2 1 
ATOM   469  N N   . LEU A 1 65  ? 4.34370   3.84969   3.61095   1.000 3.95175  ? 89  LEU A N   1 
ATOM   470  C CA  . LEU A 1 65  ? 5.17949   4.94796   4.09211   1.000 3.92255  ? 89  LEU A CA  1 
ATOM   471  C C   . LEU A 1 65  ? 5.20325   4.92767   5.61747   1.000 4.89509  ? 89  LEU A C   1 
ATOM   472  O O   . LEU A 1 65  ? 4.14500   4.80222   6.26862   1.000 5.38465  ? 89  LEU A O   1 
ATOM   473  C CB  . LEU A 1 65  ? 4.63627   6.28796   3.53571   1.000 7.87655  ? 89  LEU A CB  1 
ATOM   474  C CG  . LEU A 1 65  ? 5.15274   7.56319   4.22196   1.000 15.55583 ? 89  LEU A CG  1 
ATOM   475  C CD1 . LEU A 1 65  ? 6.59965   7.73279   3.88963   1.000 13.59068 ? 89  LEU A CD1 1 
ATOM   476  C CD2 . LEU A 1 65  ? 4.34941   8.83955   3.90066   1.000 9.21052  ? 89  LEU A CD2 1 
ATOM   477  N N   . LEU A 1 66  ? 6.41025   4.99929   6.19960   1.000 4.26391  ? 90  LEU A N   1 
ATOM   478  C CA  . LEU A 1 66  ? 6.52308   5.11212   7.64530   1.000 4.20503  ? 90  LEU A CA  1 
ATOM   479  C C   . LEU A 1 66  ? 6.45711   6.60011   7.98413   1.000 8.90485  ? 90  LEU A C   1 
ATOM   480  O O   . LEU A 1 66  ? 7.36806   7.37738   7.65274   1.000 8.59022  ? 90  LEU A O   1 
ATOM   481  C CB  . LEU A 1 66  ? 7.82087   4.45448   8.13193   1.000 2.86014  ? 90  LEU A CB  1 
ATOM   482  C CG  . LEU A 1 66  ? 8.08924   4.60962   9.64520   1.000 3.62443  ? 90  LEU A CG  1 
ATOM   483  C CD1 . LEU A 1 66  ? 7.07498   3.79353   10.44168  1.000 3.38178  ? 90  LEU A CD1 1 
ATOM   484  C CD2 . LEU A 1 66  ? 9.50998   4.06830   9.98357   1.000 6.87114  ? 90  LEU A CD2 1 
ATOM   485  N N   . VAL A 1 67  ? 5.31469   7.02183   8.51601   1.000 5.73362  ? 91  VAL A N   1 
ATOM   486  C CA  . VAL A 1 67  ? 5.09712   8.44786   8.77888   1.000 6.58181  ? 91  VAL A CA  1 
ATOM   487  C C   . VAL A 1 67  ? 5.81733   8.88178   10.03973  1.000 9.58977  ? 91  VAL A C   1 
ATOM   488  O O   . VAL A 1 67  ? 6.31590   10.01585  10.12719  1.000 11.06266 ? 91  VAL A O   1 
ATOM   489  C CB  . VAL A 1 67  ? 3.57257   8.69159   8.89891   1.000 7.70089  ? 91  VAL A CB  1 
ATOM   490  C CG1 . VAL A 1 67  ? 3.27791   10.05237  9.54123   1.000 15.84163 ? 91  VAL A CG1 1 
ATOM   491  C CG2 . VAL A 1 67  ? 2.90549   8.49372   7.55704   1.000 10.51939 ? 91  VAL A CG2 1 
ATOM   492  N N   . SER A 1 68  ? 5.83939   8.03362   11.07403  1.000 3.21370  ? 92  SER A N   1 
ATOM   493  C CA  . SER A 1 68  ? 6.47851   8.46630   12.32291  1.000 4.12564  ? 92  SER A CA  1 
ATOM   494  C C   . SER A 1 68  ? 7.03049   7.25789   13.05786  1.000 7.59706  ? 92  SER A C   1 
ATOM   495  O O   . SER A 1 68  ? 6.38193   6.19911   13.09149  1.000 6.29165  ? 92  SER A O   1 
ATOM   496  C CB  . SER A 1 68  ? 5.46517   9.18405   13.26587  1.000 11.35382 ? 92  SER A CB  1 
ATOM   497  O OG  . SER A 1 68  ? 6.16167   9.65579   14.43518  1.000 22.18555 ? 92  SER A OG  1 
ATOM   498  N N   . CYS A 1 69  ? 8.18829   7.42427   13.70627  1.000 5.91177  ? 93  CYS A N   1 
ATOM   499  C CA  . CYS A 1 69  ? 8.65312   6.35350   14.57866  1.000 6.80732  ? 93  CYS A CA  1 
ATOM   500  C C   . CYS A 1 69  ? 9.55570   6.94374   15.65526  1.000 9.03349  ? 93  CYS A C   1 
ATOM   501  O O   . CYS A 1 69  ? 10.12697  8.02954   15.45911  1.000 11.85059 ? 93  CYS A O   1 
ATOM   502  C CB  . CYS A 1 69  ? 9.38992   5.27554   13.76930  1.000 9.51832  ? 93  CYS A CB  1 
ATOM   503  S SG  . CYS A 1 69  ? 10.97097  5.72857   12.96757  1.000 11.58883 ? 93  CYS A SG  1 
ATOM   504  N N   . PRO A 1 70  ? 9.65517   6.29993   16.78360  1.000 9.95113  ? 94  PRO A N   1 
ATOM   505  C CA  . PRO A 1 70  ? 10.32575  6.90771   17.94619  1.000 11.15481 ? 94  PRO A CA  1 
ATOM   506  C C   . PRO A 1 70  ? 11.82792  6.83006   17.89539  1.000 13.95518 ? 94  PRO A C   1 
ATOM   507  O O   . PRO A 1 70  ? 12.51026  7.65782   18.51172  1.000 22.10403 ? 94  PRO A O   1 
ATOM   508  C CB  . PRO A 1 70  ? 9.78877   6.07944   19.13232  1.000 22.60628 ? 94  PRO A CB  1 
ATOM   509  C CG  . PRO A 1 70  ? 9.39509   4.72256   18.50589  1.000 16.28556 ? 94  PRO A CG  1 
ATOM   510  C CD  . PRO A 1 70  ? 8.86014   5.08649   17.12973  1.000 12.15274 ? 94  PRO A CD  1 
ATOM   511  N N   . LYS A 1 71  ? 12.35358  5.80970   17.23954  1.000 12.36422 ? 95  LYS A N   1 
ATOM   512  C CA  . LYS A 1 71  ? 13.80251  5.66269   17.15658  1.000 22.71181 ? 95  LYS A CA  1 
ATOM   513  C C   . LYS A 1 71  ? 14.26667  5.73944   15.70993  1.000 12.98521 ? 95  LYS A C   1 
ATOM   514  O O   . LYS A 1 71  ? 13.68821  6.49205   14.91544  1.000 18.00103 ? 95  LYS A O   1 
ATOM   515  C CB  . LYS A 1 71  ? 14.23939  4.35059   17.79717  1.000 27.24454 ? 95  LYS A CB  1 
ATOM   516  C CG  . LYS A 1 71  ? 13.51313  4.07149   19.10523  1.000 32.72834 ? 95  LYS A CG  1 
ATOM   517  C CD  . LYS A 1 71  ? 14.35489  3.36016   20.14876  1.000 31.90372 ? 95  LYS A CD  1 
ATOM   518  C CE  . LYS A 1 71  ? 13.56312  3.31840   21.46516  1.000 41.66160 ? 95  LYS A CE  1 
ATOM   519  N NZ  . LYS A 1 71  ? 14.07614  2.32088   22.43596  1.000 49.55107 ? 95  LYS A NZ  1 
ATOM   520  N N   . SER A 1 72  ? 15.32745  5.00307   15.37891  1.000 17.56441 ? 96  SER A N   1 
ATOM   521  C CA  . SER A 1 72  ? 16.00350  5.26053   14.11239  1.000 15.08777 ? 96  SER A CA  1 
ATOM   522  C C   . SER A 1 72  ? 15.28188  4.59801   12.94602  1.000 23.35577 ? 96  SER A C   1 
ATOM   523  O O   . SER A 1 72  ? 15.17292  5.18622   11.85585  1.000 22.10785 ? 96  SER A O   1 
ATOM   524  C CB  . SER A 1 72  ? 17.46044  4.76386   14.19163  1.000 17.14588 ? 96  SER A CB  1 
ATOM   525  O OG  . SER A 1 72  ? 18.07356  4.77428   12.91101  1.000 42.09358 ? 96  SER A OG  1 
ATOM   526  N N   . GLU A 1 73  ? 14.76481  3.39525   13.16581  1.000 13.61254 ? 97  GLU A N   1 
ATOM   527  C CA  . GLU A 1 73  ? 14.36762  2.55861   12.03747  1.000 13.53623 ? 97  GLU A CA  1 
ATOM   528  C C   . GLU A 1 73  ? 13.30372  1.55870   12.47099  1.000 12.47928 ? 97  GLU A C   1 
ATOM   529  O O   . GLU A 1 73  ? 13.10811  1.30360   13.66129  1.000 15.32175 ? 97  GLU A O   1 
ATOM   530  C CB  . GLU A 1 73  ? 15.59294  1.82746   11.47415  1.000 12.27781 ? 97  GLU A CB  1 
ATOM   531  C CG  . GLU A 1 73  ? 16.04184  0.70213   12.39651  1.000 15.54045 ? 97  GLU A CG  1 
ATOM   532  C CD  . GLU A 1 73  ? 17.22041  -0.13778  11.83475  1.000 34.67915 ? 97  GLU A CD  1 
ATOM   533  O OE1 . GLU A 1 73  ? 18.20958  0.45866   11.34357  1.000 39.68030 ? 97  GLU A OE1 1 
ATOM   534  O OE2 . GLU A 1 73  ? 17.15486  -1.39493  11.89607  1.000 47.35020 ? 97  GLU A OE2 1 
ATOM   535  N N   . VAL A 1 74  ? 12.58109  1.00948   11.48546  1.000 10.46897 ? 98  VAL A N   1 
ATOM   536  C CA  . VAL A 1 74  ? 11.63440  -0.08066  11.72887  1.000 10.64742 ? 98  VAL A CA  1 
ATOM   537  C C   . VAL A 1 74  ? 11.90121  -1.08637  10.61842  1.000 14.44847 ? 98  VAL A C   1 
ATOM   538  O O   . VAL A 1 74  ? 12.05634  -0.67556  9.46895   1.000 12.99901 ? 98  VAL A O   1 
ATOM   539  C CB  . VAL A 1 74  ? 10.16749  0.41876   11.67684  1.000 12.36127 ? 98  VAL A CB  1 
ATOM   540  C CG1 . VAL A 1 74  ? 9.16403   -0.73379  11.74725  1.000 12.11524 ? 98  VAL A CG1 1 
ATOM   541  C CG2 . VAL A 1 74  ? 9.88123   1.43896   12.80331  1.000 11.57983 ? 98  VAL A CG2 1 
ATOM   542  N N   . ARG A 1 75  ? 11.97216  -2.38188  10.93552  1.000 6.21475  ? 99  ARG A N   1 
ATOM   543  C CA  . ARG A 1 75  ? 12.07932  -3.38482  9.87258   1.000 7.11234  ? 99  ARG A CA  1 
ATOM   544  C C   . ARG A 1 75  ? 10.74282  -4.11245  9.77119   1.000 8.87619  ? 99  ARG A C   1 
ATOM   545  O O   . ARG A 1 75  ? 10.20488  -4.56743  10.79469  1.000 6.25731  ? 99  ARG A O   1 
ATOM   546  C CB  . ARG A 1 75  ? 13.24491  -4.34452  10.14616  1.000 11.49214 ? 99  ARG A CB  1 
ATOM   547  C CG  . ARG A 1 75  ? 14.59720  -3.59558  10.18065  1.000 15.18310 ? 99  ARG A CG  1 
ATOM   548  C CD  . ARG A 1 75  ? 15.75664  -4.55580  10.43238  1.000 17.17907 ? 99  ARG A CD  1 
ATOM   549  N NE  . ARG A 1 75  ? 15.71179  -5.70332  9.52802   1.000 28.80917 ? 99  ARG A NE  1 
ATOM   550  C CZ  . ARG A 1 75  ? 15.56584  -6.95960  9.92368   1.000 25.35457 ? 99  ARG A CZ  1 
ATOM   551  N NH1 . ARG A 1 75  ? 15.54972  -7.93807  9.02962   1.000 24.81509 ? 99  ARG A NH1 1 
ATOM   552  N NH2 . ARG A 1 75  ? 15.47295  -7.23946  11.21142  1.000 24.54450 ? 99  ARG A NH2 1 
ATOM   553  N N   . ALA A 1 76  ? 10.20417  -4.21561  8.55478   1.000 3.94279  ? 100 ALA A N   1 
ATOM   554  C CA  . ALA A 1 76  ? 8.86357   -4.78221  8.41991   1.000 3.37199  ? 100 ALA A CA  1 
ATOM   555  C C   . ALA A 1 76  ? 8.70044   -5.50937  7.08426   1.000 4.41774  ? 100 ALA A C   1 
ATOM   556  O O   . ALA A 1 76  ? 9.25919   -5.07914  6.06948   1.000 5.63828  ? 100 ALA A O   1 
ATOM   557  C CB  . ALA A 1 76  ? 7.81303   -3.66885  8.53879   1.000 5.33294  ? 100 ALA A CB  1 
ATOM   558  N N   . LYS A 1 77  ? 7.93907   -6.60635  7.09130   1.000 4.73292  ? 101 LYS A N   1 
ATOM   559  C CA  . LYS A 1 77  ? 7.52951   -7.27177  5.86652   1.000 6.40113  ? 101 LYS A CA  1 
ATOM   560  C C   . LYS A 1 77  ? 6.12065   -6.80183  5.55357   1.000 8.01187  ? 101 LYS A C   1 
ATOM   561  O O   . LYS A 1 77  ? 5.35413   -6.47039  6.47003   1.000 7.17271  ? 101 LYS A O   1 
ATOM   562  C CB  . LYS A 1 77  ? 7.48418   -8.80182  6.04179   1.000 11.70298 ? 101 LYS A CB  1 
ATOM   563  C CG  . LYS A 1 77  ? 8.78146   -9.47165  6.35883   1.000 24.73201 ? 101 LYS A CG  1 
ATOM   564  C CD  . LYS A 1 77  ? 8.57917   -11.00148 6.30073   1.000 31.38082 ? 101 LYS A CD  1 
ATOM   565  C CE  . LYS A 1 77  ? 8.15894   -11.45439 4.88487   1.000 38.97921 ? 101 LYS A CE  1 
ATOM   566  N NZ  . LYS A 1 77  ? 7.89186   -12.93139 4.71979   1.000 47.38838 ? 101 LYS A NZ  1 
ATOM   567  N N   . PHE A 1 78  ? 5.75829   -6.80518  4.27611   1.000 6.05492  ? 102 PHE A N   1 
ATOM   568  C CA  . PHE A 1 78  ? 4.42420   -6.30623  3.92833   1.000 5.73476  ? 102 PHE A CA  1 
ATOM   569  C C   . PHE A 1 78  ? 3.90704   -6.99489  2.67179   1.000 9.36134  ? 102 PHE A C   1 
ATOM   570  O O   . PHE A 1 78  ? 4.68781   -7.47124  1.84067   1.000 6.84984  ? 102 PHE A O   1 
ATOM   571  C CB  . PHE A 1 78  ? 4.43635   -4.79074  3.74615   1.000 6.30050  ? 102 PHE A CB  1 
ATOM   572  C CG  . PHE A 1 78  ? 5.40483   -4.30279  2.69165   1.000 6.30062  ? 102 PHE A CG  1 
ATOM   573  C CD1 . PHE A 1 78  ? 6.70154   -3.95704  3.05230   1.000 8.86241  ? 102 PHE A CD1 1 
ATOM   574  C CD2 . PHE A 1 78  ? 5.03243   -4.22206  1.34745   1.000 9.08703  ? 102 PHE A CD2 1 
ATOM   575  C CE1 . PHE A 1 78  ? 7.64034   -3.54272  2.09243   1.000 13.34959 ? 102 PHE A CE1 1 
ATOM   576  C CE2 . PHE A 1 78  ? 5.92195   -3.77879  0.39031   1.000 13.03964 ? 102 PHE A CE2 1 
ATOM   577  C CZ  . PHE A 1 78  ? 7.24067   -3.44049  0.75916   1.000 8.69488  ? 102 PHE A CZ  1 
ATOM   578  N N   . LYS A 1 79  ? 2.57812   -6.98584  2.51465   1.000 5.63669  ? 103 LYS A N   1 
ATOM   579  C CA  . LYS A 1 79  ? 1.90440   -7.55979  1.34275   1.000 3.46651  ? 103 LYS A CA  1 
ATOM   580  C C   . LYS A 1 79  ? 0.75816   -6.62935  0.96935   1.000 8.10134  ? 103 LYS A C   1 
ATOM   581  O O   . LYS A 1 79  ? 0.01904   -6.16942  1.85113   1.000 8.92129  ? 103 LYS A O   1 
ATOM   582  C CB  . LYS A 1 79  ? 1.38626   -8.96325  1.65919   1.000 8.41387  ? 103 LYS A CB  1 
ATOM   583  C CG  . LYS A 1 79  ? 0.45709   -9.59586  0.64649   1.000 13.36690 ? 103 LYS A CG  1 
ATOM   584  C CD  . LYS A 1 79  ? 0.06097   -11.02900 1.12465   1.000 20.66986 ? 103 LYS A CD  1 
ATOM   585  C CE  . LYS A 1 79  ? -1.44976  -11.21325 1.29987   1.000 37.91097 ? 103 LYS A CE  1 
ATOM   586  N NZ  . LYS A 1 79  ? -2.13298  -10.27285 2.27810   1.000 30.16751 ? 103 LYS A NZ  1 
ATOM   587  N N   . PHE A 1 80  ? 0.61347   -6.34462  -0.30627  1.000 6.64518  ? 104 PHE A N   1 
ATOM   588  C CA  . PHE A 1 80  ? -0.52095  -5.55764  -0.80084  1.000 5.56167  ? 104 PHE A CA  1 
ATOM   589  C C   . PHE A 1 80  ? -1.38286  -6.44875  -1.67628  1.000 6.96554  ? 104 PHE A C   1 
ATOM   590  O O   . PHE A 1 80  ? -0.87137  -7.27038  -2.45529  1.000 6.61194  ? 104 PHE A O   1 
ATOM   591  C CB  . PHE A 1 80  ? -0.08755  -4.36344  -1.66998  1.000 5.55954  ? 104 PHE A CB  1 
ATOM   592  C CG  . PHE A 1 80  ? 0.88062   -3.38665  -1.01072  1.000 12.58372 ? 104 PHE A CG  1 
ATOM   593  C CD1 . PHE A 1 80  ? 0.70595   -2.92126  0.26575   1.000 20.69074 ? 104 PHE A CD1 1 
ATOM   594  C CD2 . PHE A 1 80  ? 1.96165   -2.90430  -1.74486  1.000 19.18745 ? 104 PHE A CD2 1 
ATOM   595  C CE1 . PHE A 1 80  ? 1.62058   -1.98717  0.80224   1.000 23.09481 ? 104 PHE A CE1 1 
ATOM   596  C CE2 . PHE A 1 80  ? 2.85699   -1.98094  -1.20581  1.000 20.01266 ? 104 PHE A CE2 1 
ATOM   597  C CZ  . PHE A 1 80  ? 2.69182   -1.55105  0.06879   1.000 17.70393 ? 104 PHE A CZ  1 
ATOM   598  N N   . SER A 1 81  ? -2.69412  -6.20279  -1.66169  1.000 4.00770  ? 105 SER A N   1 
ATOM   599  C CA  . SER A 1 81  ? -3.59067  -6.93960  -2.53611  1.000 3.07071  ? 105 SER A CA  1 
ATOM   600  C C   . SER A 1 81  ? -4.82726  -6.08970  -2.79448  1.000 4.22744  ? 105 SER A C   1 
ATOM   601  O O   . SER A 1 81  ? -5.01273  -5.02685  -2.19637  1.000 5.65816  ? 105 SER A O   1 
ATOM   602  C CB  . SER A 1 81  ? -3.98431  -8.28173  -1.92565  1.000 12.32954 ? 105 SER A CB  1 
ATOM   603  O OG  . SER A 1 81  ? -4.56937  -8.11589  -0.62824  1.000 10.67481 ? 105 SER A OG  1 
ATOM   604  N N   . ILE A 1 82  ? -5.70531  -6.57713  -3.67653  1.000 4.63396  ? 106 ILE A N   1 
ATOM   605  C CA  . ILE A 1 82  ? -6.96682  -5.89603  -3.96033  1.000 5.34023  ? 106 ILE A CA  1 
ATOM   606  C C   . ILE A 1 82  ? -8.10560  -6.80183  -3.52061  1.000 9.45335  ? 106 ILE A C   1 
ATOM   607  O O   . ILE A 1 82  ? -8.04065  -8.01563  -3.73253  1.000 10.02419 ? 106 ILE A O   1 
ATOM   608  C CB  . ILE A 1 82  ? -7.06798  -5.59649  -5.46961  1.000 9.17003  ? 106 ILE A CB  1 
ATOM   609  C CG1 . ILE A 1 82  ? -5.96126  -4.64378  -5.86859  1.000 10.15632 ? 106 ILE A CG1 1 
ATOM   610  C CG2 . ILE A 1 82  ? -8.50721  -5.05680  -5.85085  1.000 9.49299  ? 106 ILE A CG2 1 
ATOM   611  C CD1 . ILE A 1 82  ? -5.86260  -4.49020  -7.37593  1.000 13.87817 ? 106 ILE A CD1 1 
ATOM   612  N N   . LEU A 1 83  ? -9.15839  -6.23955  -2.92593  1.000 4.90933  ? 107 LEU A N   1 
ATOM   613  C CA  . LEU A 1 83  ? -10.32479 -7.05162  -2.58947  1.000 10.73028 ? 107 LEU A CA  1 
ATOM   614  C C   . LEU A 1 83  ? -11.35136 -6.92533  -3.70748  1.000 11.87519 ? 107 LEU A C   1 
ATOM   615  O O   . LEU A 1 83  ? -11.78262 -5.81533  -4.04002  1.000 13.54543 ? 107 LEU A O   1 
ATOM   616  C CB  . LEU A 1 83  ? -10.91380 -6.63555  -1.23790  1.000 9.05249  ? 107 LEU A CB  1 
ATOM   617  C CG  . LEU A 1 83  ? -9.88194  -6.69298  -0.08386  1.000 13.25846 ? 107 LEU A CG  1 
ATOM   618  C CD1 . LEU A 1 83  ? -10.55757 -6.32003  1.22885   1.000 15.54956 ? 107 LEU A CD1 1 
ATOM   619  C CD2 . LEU A 1 83  ? -9.20419  -8.06189  0.02683   1.000 17.00218 ? 107 LEU A CD2 1 
ATOM   620  N N   . ASN A 1 84  ? -11.77294 -8.05969  -4.27567  1.000 16.02872 ? 108 ASN A N   1 
ATOM   621  C CA  . ASN A 1 84  ? -12.63002 -7.94488  -5.45005  1.000 18.26082 ? 108 ASN A CA  1 
ATOM   622  C C   . ASN A 1 84  ? -14.08493 -7.77004  -5.02893  1.000 20.41673 ? 108 ASN A C   1 
ATOM   623  O O   . ASN A 1 84  ? -14.43142 -7.73680  -3.83871  1.000 21.56961 ? 108 ASN A O   1 
ATOM   624  C CB  . ASN A 1 84  ? -12.44701 -9.13552  -6.40278  1.000 22.82527 ? 108 ASN A CB  1 
ATOM   625  C CG  . ASN A 1 84  ? -12.99553 -10.43809 -5.84483  1.000 26.88568 ? 108 ASN A CG  1 
ATOM   626  O OD1 . ASN A 1 84  ? -13.60377 -10.47639 -4.75678  1.000 27.92340 ? 108 ASN A OD1 1 
ATOM   627  N ND2 . ASN A 1 84  ? -12.74719 -11.53391 -6.57597  1.000 29.47343 ? 108 ASN A ND2 1 
ATOM   628  N N   . ALA A 1 85  ? -14.94151 -7.64597  -6.05392  1.000 30.16801 ? 109 ALA A N   1 
ATOM   629  C CA  . ALA A 1 85  ? -16.36387 -7.39363  -5.87077  1.000 31.16318 ? 109 ALA A CA  1 
ATOM   630  C C   . ALA A 1 85  ? -17.02235 -8.42665  -4.96466  1.000 33.85738 ? 109 ALA A C   1 
ATOM   631  O O   . ALA A 1 85  ? -18.10376 -8.16921  -4.43065  1.000 37.27347 ? 109 ALA A O   1 
ATOM   632  C CB  . ALA A 1 85  ? -17.03898 -7.35861  -7.23974  1.000 27.25276 ? 109 ALA A CB  1 
ATOM   633  N N   . LYS A 1 86  ? -16.36655 -9.56650  -4.74641  1.000 31.86225 ? 110 LYS A N   1 
ATOM   634  C CA  . LYS A 1 86  ? -16.83266 -10.62930 -3.86828  1.000 33.93444 ? 110 LYS A CA  1 
ATOM   635  C C   . LYS A 1 86  ? -16.20129 -10.58480 -2.47204  1.000 33.26623 ? 110 LYS A C   1 
ATOM   636  O O   . LYS A 1 86  ? -16.67249 -11.27986 -1.57562  1.000 30.54283 ? 110 LYS A O   1 
ATOM   637  C CB  . LYS A 1 86  ? -16.57170 -11.99345 -4.56472  1.000 43.70210 ? 110 LYS A CB  1 
ATOM   638  C CG  . LYS A 1 86  ? -16.75044 -13.30989 -3.76636  1.000 54.79579 ? 110 LYS A CG  1 
ATOM   639  C CD  . LYS A 1 86  ? -18.09389 -13.44842 -3.02901  1.000 51.89244 ? 110 LYS A CD  1 
ATOM   640  C CE  . LYS A 1 86  ? -19.29972 -13.14764 -3.92003  1.000 61.96485 ? 110 LYS A CE  1 
ATOM   641  N NZ  . LYS A 1 86  ? -20.46012 -12.62154 -3.13014  1.000 56.37888 ? 110 LYS A NZ  1 
ATOM   642  N N   . GLY A 1 87  ? -15.18665 -9.75553  -2.23397  1.000 26.32638 ? 111 GLY A N   1 
ATOM   643  C CA  . GLY A 1 87  ? -14.52446 -9.76192  -0.94321  1.000 22.23172 ? 111 GLY A CA  1 
ATOM   644  C C   . GLY A 1 87  ? -13.25929 -10.60007 -0.88655  1.000 19.74939 ? 111 GLY A C   1 
ATOM   645  O O   . GLY A 1 87  ? -12.59053 -10.60882 0.15882   1.000 34.83742 ? 111 GLY A O   1 
ATOM   646  N N   . GLU A 1 88  ? -12.90067 -11.26291 -1.99259  1.000 22.90595 ? 112 GLU A N   1 
ATOM   647  C CA  . GLU A 1 88  ? -11.72238 -12.11876 -2.08683  1.000 31.03449 ? 112 GLU A CA  1 
ATOM   648  C C   . GLU A 1 88  ? -10.47681 -11.28799 -2.36942  1.000 19.22555 ? 112 GLU A C   1 
ATOM   649  O O   . GLU A 1 88  ? -10.54246 -10.31532 -3.13042  1.000 18.11708 ? 112 GLU A O   1 
ATOM   650  C CB  . GLU A 1 88  ? -11.89460 -13.13835 -3.22416  1.000 32.22271 ? 112 GLU A CB  1 
ATOM   651  C CG  . GLU A 1 88  ? -13.11220 -14.07701 -3.14166  1.000 37.43898 ? 112 GLU A CG  1 
ATOM   652  C CD  . GLU A 1 88  ? -12.71871 -15.54850 -3.00507  1.000 73.58768 ? 112 GLU A CD  1 
ATOM   653  O OE1 . GLU A 1 88  ? -13.26456 -16.38659 -3.76077  1.000 85.85205 ? 112 GLU A OE1 1 
ATOM   654  O OE2 . GLU A 1 88  ? -11.86290 -15.86881 -2.14357  1.000 81.69470 ? 112 GLU A OE2 1 
ATOM   655  N N   . GLU A 1 89  ? -9.35215  -11.68258 -1.75537  1.000 14.62514 ? 113 GLU A N   1 
ATOM   656  C CA  . GLU A 1 89  ? -8.03903  -11.12409 -2.06445  1.000 12.65618 ? 113 GLU A CA  1 
ATOM   657  C C   . GLU A 1 89  ? -7.61750  -11.55488 -3.45982  1.000 17.57235 ? 113 GLU A C   1 
ATOM   658  O O   . GLU A 1 89  ? -7.78968  -12.72006 -3.84864  1.000 21.04820 ? 113 GLU A O   1 
ATOM   659  C CB  . GLU A 1 89  ? -6.99151  -11.61977 -1.06209  1.000 14.65645 ? 113 GLU A CB  1 
ATOM   660  C CG  . GLU A 1 89  ? -6.84317  -10.85741 0.25771   1.000 29.51836 ? 113 GLU A CG  1 
ATOM   661  C CD  . GLU A 1 89  ? -5.54483  -11.23506 1.02125   1.000 37.53819 ? 113 GLU A CD  1 
ATOM   662  O OE1 . GLU A 1 89  ? -5.61057  -12.02003 1.99382   1.000 35.30256 ? 113 GLU A OE1 1 
ATOM   663  O OE2 . GLU A 1 89  ? -4.44976  -10.74831 0.63778   1.000 31.98002 ? 113 GLU A OE2 1 
ATOM   664  N N   . THR A 1 90  ? -7.06313  -10.62275 -4.23196  1.000 8.70566  ? 114 THR A N   1 
ATOM   665  C CA  . THR A 1 90  ? -6.61291  -10.98226 -5.56467  1.000 8.59658  ? 114 THR A CA  1 
ATOM   666  C C   . THR A 1 90  ? -5.45622  -10.02950 -5.86830  1.000 8.84906  ? 114 THR A C   1 
ATOM   667  O O   . THR A 1 90  ? -5.29895  -8.98213  -5.21340  1.000 8.01672  ? 114 THR A O   1 
ATOM   668  C CB  . THR A 1 90  ? -7.76988  -10.88227 -6.60565  1.000 18.93637 ? 114 THR A CB  1 
ATOM   669  O OG1 . THR A 1 90  ? -7.37209  -11.42256 -7.88168  1.000 20.12549 ? 114 THR A OG1 1 
ATOM   670  C CG2 . THR A 1 90  ? -8.22131  -9.41741  -6.80853  1.000 15.97366 ? 114 THR A CG2 1 
ATOM   671  N N   . LYS A 1 91  ? -4.61836  -10.43119 -6.81759  1.000 5.28327  ? 115 LYS A N   1 
ATOM   672  C CA  . LYS A 1 91  ? -3.51796  -9.62282  -7.32444  1.000 7.74021  ? 115 LYS A CA  1 
ATOM   673  C C   . LYS A 1 91  ? -2.55795  -9.18765  -6.20730  1.000 7.86096  ? 115 LYS A C   1 
ATOM   674  O O   . LYS A 1 91  ? -2.09965  -8.03751  -6.18085  1.000 10.04831 ? 115 LYS A O   1 
ATOM   675  C CB  . LYS A 1 91  ? -4.01966  -8.40329  -8.10159  1.000 9.10330  ? 115 LYS A CB  1 
ATOM   676  C CG  . LYS A 1 91  ? -4.64863  -8.73554  -9.49428  1.000 8.13677  ? 115 LYS A CG  1 
ATOM   677  C CD  . LYS A 1 91  ? -3.52036  -9.08728  -10.49845 1.000 14.41869 ? 115 LYS A CD  1 
ATOM   678  C CE  . LYS A 1 91  ? -4.04739  -9.49103  -11.86004 1.000 26.29414 ? 115 LYS A CE  1 
ATOM   679  N NZ  . LYS A 1 91  ? -2.85549  -9.83678  -12.67297 1.000 16.53649 ? 115 LYS A NZ  1 
ATOM   680  N N   . ALA A 1 92  ? -2.20906  -10.12299 -5.31846  1.000 8.05402  ? 116 ALA A N   1 
ATOM   681  C CA  . ALA A 1 92  ? -1.28391  -9.82203  -4.22933  1.000 11.51036 ? 116 ALA A CA  1 
ATOM   682  C C   . ALA A 1 92  ? 0.14184   -9.66944  -4.71437  1.000 12.06797 ? 116 ALA A C   1 
ATOM   683  O O   . ALA A 1 92  ? 0.56442   -10.37022 -5.64194  1.000 9.56875  ? 116 ALA A O   1 
ATOM   684  C CB  . ALA A 1 92  ? -1.33363  -10.94291 -3.18525  1.000 12.83962 ? 116 ALA A CB  1 
ATOM   685  N N   . MET A 1 93  ? 0.88951   -8.75317  -4.09114  1.000 7.29827  ? 117 MET A N   1 
ATOM   686  C CA  . MET A 1 93  ? 2.34901   -8.68180  -4.22712  1.000 5.71849  ? 117 MET A CA  1 
ATOM   687  C C   . MET A 1 93  ? 2.95377   -8.57256  -2.82957  1.000 15.89333 ? 117 MET A C   1 
ATOM   688  O O   . MET A 1 93  ? 2.44971   -7.83978  -1.97256  1.000 9.21030  ? 117 MET A O   1 
ATOM   689  C CB  . MET A 1 93  ? 2.77111   -7.50096  -5.09626  1.000 12.45108 ? 117 MET A CB  1 
ATOM   690  C CG  . MET A 1 93  ? 2.65193   -7.77483  -6.54569  1.000 32.66592 ? 117 MET A CG  1 
ATOM   691  S SD  . MET A 1 93  ? 3.48669   -6.46880  -7.45184  1.000 50.25090 ? 117 MET A SD  1 
ATOM   692  C CE  . MET A 1 93  ? 2.99623   -6.92129  -9.12002  1.000 43.75498 ? 117 MET A CE  1 
ATOM   693  N N   . GLU A 1 94  ? 4.02232   -9.30472  -2.57253  1.000 13.48049 ? 118 GLU A N   1 
ATOM   694  C CA  . GLU A 1 94  ? 4.53288   -9.21602  -1.21761  1.000 16.89232 ? 118 GLU A CA  1 
ATOM   695  C C   . GLU A 1 94  ? 6.02317   -8.93443  -1.21396  1.000 9.08657  ? 118 GLU A C   1 
ATOM   696  O O   . GLU A 1 94  ? 6.73312   -9.13749  -2.21486  1.000 14.05543 ? 118 GLU A O   1 
ATOM   697  C CB  . GLU A 1 94  ? 4.17344   -10.46002 -0.42995  1.000 18.78759 ? 118 GLU A CB  1 
ATOM   698  C CG  . GLU A 1 94  ? 4.87615   -11.70083 -0.80933  1.000 24.45818 ? 118 GLU A CG  1 
ATOM   699  C CD  . GLU A 1 94  ? 4.58740   -12.79503 0.19238   1.000 43.30674 ? 118 GLU A CD  1 
ATOM   700  O OE1 . GLU A 1 94  ? 3.59311   -12.65003 0.94225   1.000 42.89093 ? 118 GLU A OE1 1 
ATOM   701  O OE2 . GLU A 1 94  ? 5.35011   -13.78846 0.23172   1.000 61.92962 ? 118 GLU A OE2 1 
ATOM   702  N N   . SER A 1 95  ? 6.49067   -8.35805  -0.11521  1.000 3.98562  ? 119 SER A N   1 
ATOM   703  C CA  . SER A 1 95  ? 7.91904   -8.05865  -0.00819  1.000 8.66997  ? 119 SER A CA  1 
ATOM   704  C C   . SER A 1 95  ? 8.74606   -9.36245  0.12215   1.000 14.14256 ? 119 SER A C   1 
ATOM   705  O O   . SER A 1 95  ? 8.23164   -10.35542 0.67424   1.000 16.38913 ? 119 SER A O   1 
ATOM   706  C CB  . SER A 1 95  ? 8.19387   -7.14513  1.20479   1.000 8.37636  ? 119 SER A CB  1 
ATOM   707  O OG  . SER A 1 95  ? 7.97443   -7.80032  2.45641   1.000 9.59892  ? 119 SER A OG  1 
ATOM   708  N N   . ARG A 1 97  ? 10.98508  -10.44119 2.00543   1.000 17.59983 ? 121 ARG A N   1 
ATOM   709  C CA  . ARG A 1 97  ? 11.78569  -10.21761 3.19468   1.000 16.21686 ? 121 ARG A CA  1 
ATOM   710  C C   . ARG A 1 97  ? 11.35994  -8.92600  3.92742   1.000 8.69545  ? 121 ARG A C   1 
ATOM   711  O O   . ARG A 1 97  ? 10.58788  -8.12727  3.35999   1.000 12.40617 ? 121 ARG A O   1 
ATOM   712  C CB  . ARG A 1 97  ? 13.26737  -10.14906 2.83603   1.000 14.11114 ? 121 ARG A CB  1 
ATOM   713  C CG  . ARG A 1 97  ? 13.63802  -8.94991  1.99887   1.000 19.35852 ? 121 ARG A CG  1 
ATOM   714  C CD  . ARG A 1 97  ? 15.14109  -8.80445  1.87964   1.000 22.16252 ? 121 ARG A CD  1 
ATOM   715  N NE  . ARG A 1 97  ? 15.52934  -7.80227  0.87884   1.000 22.07864 ? 121 ARG A NE  1 
ATOM   716  C CZ  . ARG A 1 97  ? 15.71888  -6.50455  1.14802   1.000 35.65040 ? 121 ARG A CZ  1 
ATOM   717  N NH1 . ARG A 1 97  ? 16.10136  -5.66174  0.18815   1.000 33.04895 ? 121 ARG A NH1 1 
ATOM   718  N NH2 . ARG A 1 97  ? 15.51809  -6.03262  2.38732   1.000 25.55102 ? 121 ARG A NH2 1 
ATOM   719  N N   . ALA A 1 98  ? 11.84711  -8.72673  5.15299   1.000 12.10308 ? 122 ALA A N   1 
ATOM   720  C CA  . ALA A 1 98  ? 11.61861  -7.46308  5.83212   1.000 11.32354 ? 122 ALA A CA  1 
ATOM   721  C C   . ALA A 1 98  ? 12.50845  -6.38484  5.22479   1.000 8.54603  ? 122 ALA A C   1 
ATOM   722  O O   . ALA A 1 98  ? 13.70220  -6.61608  4.92680   1.000 11.66591 ? 122 ALA A O   1 
ATOM   723  C CB  . ALA A 1 98  ? 11.92229  -7.57386  7.33139   1.000 11.42645 ? 122 ALA A CB  1 
ATOM   724  N N   . TYR A 1 99  ? 11.93890  -5.19139  5.06777   1.000 4.77027  ? 123 TYR A N   1 
ATOM   725  C CA  . TYR A 1 99  ? 12.67334  -4.03823  4.58411   1.000 5.74233  ? 123 TYR A CA  1 
ATOM   726  C C   . TYR A 1 99  ? 12.87902  -3.05395  5.71742   1.000 8.57936  ? 123 TYR A C   1 
ATOM   727  O O   . TYR A 1 99  ? 12.10533  -3.02862  6.70480   1.000 4.85608  ? 123 TYR A O   1 
ATOM   728  C CB  . TYR A 1 99  ? 11.94480  -3.32219  3.43611   1.000 8.35319  ? 123 TYR A CB  1 
ATOM   729  C CG  . TYR A 1 99  ? 12.18936  -4.03743  2.13942   1.000 6.83703  ? 123 TYR A CG  1 
ATOM   730  C CD1 . TYR A 1 99  ? 11.58512  -5.27475  1.88526   1.000 9.35862  ? 123 TYR A CD1 1 
ATOM   731  C CD2 . TYR A 1 99  ? 13.08624  -3.50642  1.20099   1.000 9.39590  ? 123 TYR A CD2 1 
ATOM   732  C CE1 . TYR A 1 99  ? 11.84659  -5.97836  0.71790   1.000 11.99772 ? 123 TYR A CE1 1 
ATOM   733  C CE2 . TYR A 1 99  ? 13.33376  -4.19741  0.02653   1.000 13.93548 ? 123 TYR A CE2 1 
ATOM   734  C CZ  . TYR A 1 99  ? 12.73241  -5.42562  -0.19131  1.000 18.85096 ? 123 TYR A CZ  1 
ATOM   735  O OH  . TYR A 1 99  ? 13.00409  -6.09718  -1.36004  1.000 19.02795 ? 123 TYR A OH  1 
ATOM   736  N N   . ARG A 1 100 ? 13.94097  -2.24874  5.58330   1.000 5.68802  ? 124 ARG A N   1 
ATOM   737  C CA  . ARG A 1 100 ? 14.27664  -1.26856  6.61388   1.000 7.10356  ? 124 ARG A CA  1 
ATOM   738  C C   . ARG A 1 100 ? 13.60948  0.04859   6.26325   1.000 6.85778  ? 124 ARG A C   1 
ATOM   739  O O   . ARG A 1 100 ? 13.96746  0.69330   5.26410   1.000 7.12427  ? 124 ARG A O   1 
ATOM   740  C CB  . ARG A 1 100 ? 15.78800  -1.08453  6.73741   1.000 6.22121  ? 124 ARG A CB  1 
ATOM   741  C CG  . ARG A 1 100 ? 16.17575  0.00027   7.71032   1.000 10.95001 ? 124 ARG A CG  1 
ATOM   742  C CD  . ARG A 1 100 ? 17.71069  0.06334   7.74734   1.000 18.35855 ? 124 ARG A CD  1 
ATOM   743  N NE  . ARG A 1 100 ? 18.21311  1.08111   8.68787   1.000 18.16784 ? 124 ARG A NE  1 
ATOM   744  C CZ  . ARG A 1 100 ? 18.58974  2.29942   8.29768   1.000 22.36532 ? 124 ARG A CZ  1 
ATOM   745  N NH1 . ARG A 1 100 ? 18.52036  2.61277   7.01688   1.000 23.31778 ? 124 ARG A NH1 1 
ATOM   746  N NH2 . ARG A 1 100 ? 19.01563  3.20178   9.19974   1.000 31.63306 ? 124 ARG A NH2 1 
ATOM   747  N N   . PHE A 1 101 ? 12.66301  0.47356   7.10176   1.000 3.55228  ? 125 PHE A N   1 
ATOM   748  C CA  . PHE A 1 101 ? 12.02261  1.77860   6.95290   1.000 6.41572  ? 125 PHE A CA  1 
ATOM   749  C C   . PHE A 1 101 ? 12.66085  2.76601   7.91790   1.000 7.57862  ? 125 PHE A C   1 
ATOM   750  O O   . PHE A 1 101 ? 12.99681  2.40350   9.03914   1.000 9.47185  ? 125 PHE A O   1 
ATOM   751  C CB  . PHE A 1 101 ? 10.53927  1.72871   7.28719   1.000 4.67515  ? 125 PHE A CB  1 
ATOM   752  C CG  . PHE A 1 101 ? 9.69901   0.87897   6.32753   1.000 6.66500  ? 125 PHE A CG  1 
ATOM   753  C CD1 . PHE A 1 101 ? 9.74268   -0.51622  6.37466   1.000 6.42180  ? 125 PHE A CD1 1 
ATOM   754  C CD2 . PHE A 1 101 ? 8.86148   1.50947   5.45975   1.000 5.04038  ? 125 PHE A CD2 1 
ATOM   755  C CE1 . PHE A 1 101 ? 8.95699   -1.25802  5.52722   1.000 2.75854  ? 125 PHE A CE1 1 
ATOM   756  C CE2 . PHE A 1 101 ? 8.03790   0.79274   4.56815   1.000 4.62317  ? 125 PHE A CE2 1 
ATOM   757  C CZ  . PHE A 1 101 ? 8.06904   -0.58814  4.61467   1.000 3.93326  ? 125 PHE A CZ  1 
ATOM   758  N N   . VAL A 1 102 ? 12.84984  3.99520   7.45764   1.000 9.50011  ? 126 VAL A N   1 
ATOM   759  C CA  . VAL A 1 102 ? 13.11557  5.08445   8.38131   1.000 9.56362  ? 126 VAL A CA  1 
ATOM   760  C C   . VAL A 1 102 ? 11.98884  6.09250   8.20780   1.000 6.71438  ? 126 VAL A C   1 
ATOM   761  O O   . VAL A 1 102 ? 11.22155  6.06047   7.23579   1.000 9.52376  ? 126 VAL A O   1 
ATOM   762  C CB  . VAL A 1 102 ? 14.49926  5.74021   8.17469   1.000 17.13994 ? 126 VAL A CB  1 
ATOM   763  C CG1 . VAL A 1 102 ? 15.60115  4.67699   8.32565   1.000 14.35011 ? 126 VAL A CG1 1 
ATOM   764  C CG2 . VAL A 1 102 ? 14.54661  6.45525   6.82715   1.000 18.18170 ? 126 VAL A CG2 1 
ATOM   765  N N   . GLN A 1 103 ? 11.85657  6.97429   9.19887   1.000 5.26839  ? 127 GLN A N   1 
ATOM   766  C CA  . GLN A 1 103 ? 10.73348  7.90912   9.14650   1.000 5.58127  ? 127 GLN A CA  1 
ATOM   767  C C   . GLN A 1 103 ? 10.80321  8.75230   7.89513   1.000 10.67531 ? 127 GLN A C   1 
ATOM   768  O O   . GLN A 1 103 ? 11.87062  9.27077   7.54777   1.000 10.00663 ? 127 GLN A O   1 
ATOM   769  C CB  . GLN A 1 103 ? 10.76759  8.81395   10.39634  1.000 6.92208  ? 127 GLN A CB  1 
ATOM   770  C CG  . GLN A 1 103 ? 9.63264   9.77996   10.40434  1.000 9.36396  ? 127 GLN A CG  1 
ATOM   771  C CD  . GLN A 1 103 ? 9.64655   10.62076  11.64905  1.000 7.00833  ? 127 GLN A CD  1 
ATOM   772  O OE1 . GLN A 1 103 ? 9.60922   10.07884  12.75877  1.000 7.92859  ? 127 GLN A OE1 1 
ATOM   773  N NE2 . GLN A 1 103 ? 9.61790   11.94141  11.48749  1.000 8.52766  ? 127 GLN A NE2 1 
ATOM   774  N N   . GLY A 1 104 ? 9.66767   8.87343   7.20499   1.000 7.49821  ? 128 GLY A N   1 
ATOM   775  C CA  . GLY A 1 104 ? 9.56476   9.64531   5.97592   1.000 13.54200 ? 128 GLY A CA  1 
ATOM   776  C C   . GLY A 1 104 ? 9.90667   8.90270   4.69853   1.000 15.37352 ? 128 GLY A C   1 
ATOM   777  O O   . GLY A 1 104 ? 9.89199   9.53016   3.62290   1.000 19.78663 ? 128 GLY A O   1 
ATOM   778  N N   . LYS A 1 105 ? 10.26395  7.62528   4.78787   1.000 15.93302 ? 129 LYS A N   1 
ATOM   779  C CA  . LYS A 1 105 ? 10.68138  6.78489   3.67697   1.000 25.84154 ? 129 LYS A CA  1 
ATOM   780  C C   . LYS A 1 105 ? 9.62741   5.72217   3.43437   1.000 14.77112 ? 129 LYS A C   1 
ATOM   781  O O   . LYS A 1 105 ? 8.93452   5.28508   4.37254   1.000 9.22308  ? 129 LYS A O   1 
ATOM   782  C CB  . LYS A 1 105 ? 12.00431  6.07301   3.96564   1.000 21.30189 ? 129 LYS A CB  1 
ATOM   783  C CG  . LYS A 1 105 ? 12.68140  5.48331   2.72181   1.000 38.32550 ? 129 LYS A CG  1 
ATOM   784  C CD  . LYS A 1 105 ? 12.92345  3.98648   2.84908   1.000 32.64645 ? 129 LYS A CD  1 
ATOM   785  C CE  . LYS A 1 105 ? 13.70504  3.48278   1.63883   1.000 32.18685 ? 129 LYS A CE  1 
ATOM   786  N NZ  . LYS A 1 105 ? 14.95556  4.28808   1.37500   1.000 43.77238 ? 129 LYS A NZ  1 
ATOM   787  N N   . ASP A 1 106 ? 9.55492   5.27799   2.17946   1.000 9.88592  ? 130 ASP A N   1 
ATOM   788  C CA  . ASP A 1 106 ? 8.57453   4.26996   1.80732   1.000 9.83679  ? 130 ASP A CA  1 
ATOM   789  C C   . ASP A 1 106 ? 9.21328   3.11626   1.01901   1.000 10.31006 ? 130 ASP A C   1 
ATOM   790  O O   . ASP A 1 106 ? 10.40437  3.13990   0.62580   1.000 11.20662 ? 130 ASP A O   1 
ATOM   791  C CB  . ASP A 1 106 ? 7.40928   4.90527   1.03381   1.000 9.67864  ? 130 ASP A CB  1 
ATOM   792  C CG  . ASP A 1 106 ? 7.82747   5.60200   -0.24181  1.000 18.36667 ? 130 ASP A CG  1 
ATOM   793  O OD1 . ASP A 1 106 ? 8.98179   5.41398   -0.66699  1.000 17.29544 ? 130 ASP A OD1 1 
ATOM   794  O OD2 . ASP A 1 106 ? 6.96701   6.35628   -0.80060  1.000 23.40632 ? 130 ASP A OD2 1 
ATOM   795  N N   . TRP A 1 107 ? 8.43469   2.04751   0.86848   1.000 7.58334  ? 131 TRP A N   1 
ATOM   796  C CA  . TRP A 1 107 ? 8.79264   0.89646   0.04177   1.000 6.50656  ? 131 TRP A CA  1 
ATOM   797  C C   . TRP A 1 107 ? 7.52663   0.43319   -0.66154  1.000 8.83024  ? 131 TRP A C   1 
ATOM   798  O O   . TRP A 1 107 ? 6.45540   0.37912   -0.04508  1.000 6.39264  ? 131 TRP A O   1 
ATOM   799  C CB  . TRP A 1 107 ? 9.32175   -0.29182  0.84085   1.000 6.05325  ? 131 TRP A CB  1 
ATOM   800  C CG  . TRP A 1 107 ? 10.70847  -0.03064  1.41817   1.000 3.66040  ? 131 TRP A CG  1 
ATOM   801  C CD1 . TRP A 1 107 ? 11.02411  0.39657   2.69510   1.000 5.47824  ? 131 TRP A CD1 1 
ATOM   802  C CD2 . TRP A 1 107 ? 11.94043  -0.19480  0.72143   1.000 10.28068 ? 131 TRP A CD2 1 
ATOM   803  N NE1 . TRP A 1 107 ? 12.40501  0.51582   2.81317   1.000 7.60862  ? 131 TRP A NE1 1 
ATOM   804  C CE2 . TRP A 1 107 ? 12.98081  0.13375   1.62251   1.000 9.82371  ? 131 TRP A CE2 1 
ATOM   805  C CE3 . TRP A 1 107 ? 12.26708  -0.62853  -0.57237  1.000 11.27717 ? 131 TRP A CE3 1 
ATOM   806  C CZ2 . TRP A 1 107 ? 14.33490  0.09901   1.25670   1.000 13.60498 ? 131 TRP A CZ2 1 
ATOM   807  C CZ3 . TRP A 1 107 ? 13.62385  -0.70821  -0.92761  1.000 12.11071 ? 131 TRP A CZ3 1 
ATOM   808  C CH2 . TRP A 1 107 ? 14.63461  -0.32391  -0.02307  1.000 12.73334 ? 131 TRP A CH2 1 
ATOM   809  N N   . GLY A 1 108 ? 7.63875   0.04616   -1.91941  1.000 7.61152  ? 132 GLY A N   1 
ATOM   810  C CA  . GLY A 1 108 ? 6.44501   -0.44623  -2.57459  1.000 5.87761  ? 132 GLY A CA  1 
ATOM   811  C C   . GLY A 1 108 ? 6.69185   -0.85388  -4.00678  1.000 10.11671 ? 132 GLY A C   1 
ATOM   812  O O   . GLY A 1 108 ? 7.82068   -1.12250  -4.40933  1.000 12.20850 ? 132 GLY A O   1 
ATOM   813  N N   . PHE A 1 109 ? 5.60589   -0.89975  -4.76426  1.000 8.53335  ? 133 PHE A N   1 
ATOM   814  C CA  . PHE A 1 109 ? 5.63440   -1.43375  -6.13187  1.000 9.58914  ? 133 PHE A CA  1 
ATOM   815  C C   . PHE A 1 109 ? 5.21096   -0.35975  -7.12100  1.000 12.01198 ? 133 PHE A C   1 
ATOM   816  O O   . PHE A 1 109 ? 4.03684   0.03305   -7.16502  1.000 9.26013  ? 133 PHE A O   1 
ATOM   817  C CB  . PHE A 1 109 ? 4.74225   -2.66060  -6.20347  1.000 7.79671  ? 133 PHE A CB  1 
ATOM   818  C CG  . PHE A 1 109 ? 5.18190   -3.72492  -5.27647  1.000 13.90833 ? 133 PHE A CG  1 
ATOM   819  C CD1 . PHE A 1 109 ? 6.32697   -4.44244  -5.55956  1.000 11.72178 ? 133 PHE A CD1 1 
ATOM   820  C CD2 . PHE A 1 109 ? 4.47747   -4.00116  -4.11543  1.000 12.26486 ? 133 PHE A CD2 1 
ATOM   821  C CE1 . PHE A 1 109 ? 6.74936   -5.45995  -4.72766  1.000 12.96440 ? 133 PHE A CE1 1 
ATOM   822  C CE2 . PHE A 1 109 ? 4.89639   -4.99316  -3.28438  1.000 15.06931 ? 133 PHE A CE2 1 
ATOM   823  C CZ  . PHE A 1 109 ? 6.04955   -5.71816  -3.57221  1.000 13.77654 ? 133 PHE A CZ  1 
ATOM   824  N N   . LYS A 1 110 ? 6.15321   0.07117   -7.97258  1.000 10.91269 ? 134 LYS A N   1 
ATOM   825  C CA  . LYS A 1 110 ? 5.82436   1.10773   -8.92927  1.000 9.32999  ? 134 LYS A CA  1 
ATOM   826  C C   . LYS A 1 110 ? 4.90464   0.56085   -10.01211 1.000 8.81695  ? 134 LYS A C   1 
ATOM   827  O O   . LYS A 1 110 ? 4.02205   1.28733   -10.48586 1.000 14.68869 ? 134 LYS A O   1 
ATOM   828  C CB  . LYS A 1 110 ? 7.12081   1.69446   -9.54908  1.000 19.39662 ? 134 LYS A CB  1 
ATOM   829  C CG  . LYS A 1 110 ? 6.87850   2.89224   -10.45040 1.000 23.18886 ? 134 LYS A CG  1 
ATOM   830  C CD  . LYS A 1 110 ? 7.97440   3.06540   -11.52641 1.000 37.49129 ? 134 LYS A CD  1 
ATOM   831  C CE  . LYS A 1 110 ? 9.34007   2.61466   -11.05080 1.000 39.59842 ? 134 LYS A CE  1 
ATOM   832  N NZ  . LYS A 1 110 ? 10.39995  3.30448   -11.87558 1.000 43.55664 ? 134 LYS A NZ  1 
ATOM   833  N N   . LYS A 1 111 ? 5.00629   -0.73466  -10.29377 1.000 8.20169  ? 135 LYS A N   1 
ATOM   834  C CA  . LYS A 1 111 ? 4.10673   -1.39806  -11.23886 1.000 9.62341  ? 135 LYS A CA  1 
ATOM   835  C C   . LYS A 1 111 ? 3.24192   -2.42890  -10.52523 1.000 16.52948 ? 135 LYS A C   1 
ATOM   836  O O   . LYS A 1 111 ? 3.33933   -3.64871  -10.74329 1.000 14.90171 ? 135 LYS A O   1 
ATOM   837  C CB  . LYS A 1 111 ? 4.92730   -2.02107  -12.34253 1.000 13.22898 ? 135 LYS A CB  1 
ATOM   838  C CG  . LYS A 1 111 ? 5.60507   -0.92892  -13.15197 1.000 16.90271 ? 135 LYS A CG  1 
ATOM   839  C CD  . LYS A 1 111 ? 6.62115   -1.57942  -14.06958 1.000 27.80162 ? 135 LYS A CD  1 
ATOM   840  C CE  . LYS A 1 111 ? 7.48396   -0.54347  -14.76901 1.000 37.81112 ? 135 LYS A CE  1 
ATOM   841  N NZ  . LYS A 1 111 ? 8.82106   -1.10708  -15.16260 1.000 63.66045 ? 135 LYS A NZ  1 
ATOM   842  N N   . PHE A 1 112 ? 2.36595   -1.92371  -9.65027  1.000 9.61610  ? 136 PHE A N   1 
ATOM   843  C CA  . PHE A 1 112 ? 1.57349   -2.83403  -8.84215  1.000 10.79344 ? 136 PHE A CA  1 
ATOM   844  C C   . PHE A 1 112 ? 0.49341   -3.54354  -9.65464  1.000 11.60178 ? 136 PHE A C   1 
ATOM   845  O O   . PHE A 1 112 ? 0.35030   -4.77006  -9.57746  1.000 10.46972 ? 136 PHE A O   1 
ATOM   846  C CB  . PHE A 1 112 ? 0.94929   -2.07620  -7.68449  1.000 10.52197 ? 136 PHE A CB  1 
ATOM   847  C CG  . PHE A 1 112 ? 0.08330   -2.94207  -6.82379  1.000 9.02410  ? 136 PHE A CG  1 
ATOM   848  C CD1 . PHE A 1 112 ? 0.60649   -4.02357  -6.13376  1.000 12.31271 ? 136 PHE A CD1 1 
ATOM   849  C CD2 . PHE A 1 112 ? -1.27600  -2.66956  -6.74418  1.000 10.14431 ? 136 PHE A CD2 1 
ATOM   850  C CE1 . PHE A 1 112 ? -0.22098  -4.85024  -5.32022  1.000 9.19109  ? 136 PHE A CE1 1 
ATOM   851  C CE2 . PHE A 1 112 ? -2.11671  -3.48597  -5.91177  1.000 6.46579  ? 136 PHE A CE2 1 
ATOM   852  C CZ  . PHE A 1 112 ? -1.55718  -4.58574  -5.23816  1.000 9.88049  ? 136 PHE A CZ  1 
ATOM   853  N N   . ILE A 1 113 ? -0.28819  -2.79856  -10.43249 1.000 6.96885  ? 137 ILE A N   1 
ATOM   854  C CA  . ILE A 1 113 ? -1.31297  -3.43362  -11.26316 1.000 9.23827  ? 137 ILE A CA  1 
ATOM   855  C C   . ILE A 1 113 ? -1.52155  -2.57141  -12.49991 1.000 9.79446  ? 137 ILE A C   1 
ATOM   856  O O   . ILE A 1 113 ? -1.40676  -1.34199  -12.43554 1.000 8.99771  ? 137 ILE A O   1 
ATOM   857  C CB  . ILE A 1 113 ? -2.64081  -3.63984  -10.50161 1.000 10.05526 ? 137 ILE A CB  1 
ATOM   858  C CG1 . ILE A 1 113 ? -3.56402  -4.49218  -11.38264 1.000 12.00388 ? 137 ILE A CG1 1 
ATOM   859  C CG2 . ILE A 1 113 ? -3.27585  -2.32557  -10.20391 1.000 10.41169 ? 137 ILE A CG2 1 
ATOM   860  C CD1 . ILE A 1 113 ? -4.68070  -5.16225  -10.63672 1.000 15.13330 ? 137 ILE A CD1 1 
ATOM   861  N N   . ARG A 1 114 ? -1.80260  -3.21457  -13.64156 1.000 9.53301  ? 138 ARG A N   1 
ATOM   862  C CA  . ARG A 1 114 ? -2.06550  -2.43285  -14.85772 1.000 7.97854  ? 138 ARG A CA  1 
ATOM   863  C C   . ARG A 1 114 ? -3.40779  -1.71136  -14.77528 1.000 8.49609  ? 138 ARG A C   1 
ATOM   864  O O   . ARG A 1 114 ? -4.42601  -2.29145  -14.39228 1.000 11.27088 ? 138 ARG A O   1 
ATOM   865  C CB  . ARG A 1 114 ? -2.06869  -3.34467  -16.09534 1.000 10.14252 ? 138 ARG A CB  1 
ATOM   866  C CG  . ARG A 1 114 ? -0.69920  -3.77488  -16.54532 1.000 14.44431 ? 138 ARG A CG  1 
ATOM   867  C CD  . ARG A 1 114 ? -0.73093  -4.32457  -17.95633 1.000 24.66275 ? 138 ARG A CD  1 
ATOM   868  N NE  . ARG A 1 114 ? -1.18746  -3.32658  -18.91694 1.000 22.77316 ? 138 ARG A NE  1 
ATOM   869  C CZ  . ARG A 1 114 ? -0.36305  -2.60115  -19.65417 1.000 28.10804 ? 138 ARG A CZ  1 
ATOM   870  N NH1 . ARG A 1 114 ? 0.95271   -2.74584  -19.51561 1.000 31.98224 ? 138 ARG A NH1 1 
ATOM   871  N NH2 . ARG A 1 114 ? -0.85177  -1.71333  -20.50910 1.000 34.71104 ? 138 ARG A NH2 1 
ATOM   872  N N   . ARG A 1 115 ? -3.42443  -0.45111  -15.22508 1.000 9.83140  ? 139 ARG A N   1 
ATOM   873  C CA  . ARG A 1 115 ? -4.64744  0.34408   -15.22022 1.000 10.42417 ? 139 ARG A CA  1 
ATOM   874  C C   . ARG A 1 115 ? -5.71149  -0.25955  -16.13592 1.000 11.82977 ? 139 ARG A C   1 
ATOM   875  O O   . ARG A 1 115 ? -6.89508  -0.30848  -15.76943 1.000 13.14785 ? 139 ARG A O   1 
ATOM   876  C CB  . ARG A 1 115 ? -4.35181  1.79006   -15.64247 1.000 13.96335 ? 139 ARG A CB  1 
ATOM   877  C CG  . ARG A 1 115 ? -3.54468  2.59711   -14.61941 1.000 19.25559 ? 139 ARG A CG  1 
ATOM   878  C CD  . ARG A 1 115 ? -3.49537  4.09665   -14.99544 1.000 23.41044 ? 139 ARG A CD  1 
ATOM   879  N NE  . ARG A 1 115 ? -4.78697  4.62564   -15.43819 1.000 20.30567 ? 139 ARG A NE  1 
ATOM   880  C CZ  . ARG A 1 115 ? -5.74320  5.16884   -14.66459 1.000 27.21881 ? 139 ARG A CZ  1 
ATOM   881  N NH1 . ARG A 1 115 ? -5.60730  5.24226   -13.35598 1.000 19.82740 ? 139 ARG A NH1 1 
ATOM   882  N NH2 . ARG A 1 115 ? -6.87098  5.64880   -15.20590 1.000 30.82241 ? 139 ARG A NH2 1 
ATOM   883  N N   . ASP A 1 116 ? -5.32008  -0.79517  -17.29213 1.000 11.13893 ? 140 ASP A N   1 
ATOM   884  C CA  . ASP A 1 116 ? -6.38236  -1.26535  -18.17011 1.000 15.95888 ? 140 ASP A CA  1 
ATOM   885  C C   . ASP A 1 116 ? -7.05106  -2.52497  -17.61994 1.000 17.75089 ? 140 ASP A C   1 
ATOM   886  O O   . ASP A 1 116 ? -8.27442  -2.69289  -17.77705 1.000 15.36950 ? 140 ASP A O   1 
ATOM   887  C CB  . ASP A 1 116 ? -5.88189  -1.46681  -19.61182 1.000 15.32818 ? 140 ASP A CB  1 
ATOM   888  C CG  . ASP A 1 116 ? -4.56357  -2.25384  -19.72458 1.000 24.66845 ? 140 ASP A CG  1 
ATOM   889  O OD1 . ASP A 1 116 ? -4.16382  -2.95121  -18.77305 1.000 20.85044 ? 140 ASP A OD1 1 
ATOM   890  O OD2 . ASP A 1 116 ? -3.90693  -2.16038  -20.80334 1.000 25.75974 ? 140 ASP A OD2 1 
ATOM   891  N N   . PHE A 1 117 ? -6.29020  -3.39083  -16.93270 1.000 9.91687  ? 141 PHE A N   1 
ATOM   892  C CA  . PHE A 1 117 ? -6.90368  -4.51635  -16.24007 1.000 8.73351  ? 141 PHE A CA  1 
ATOM   893  C C   . PHE A 1 117 ? -7.85831  -4.04332  -15.14544 1.000 16.24564 ? 141 PHE A C   1 
ATOM   894  O O   . PHE A 1 117 ? -8.99536  -4.54686  -15.00488 1.000 10.99863 ? 141 PHE A O   1 
ATOM   895  C CB  . PHE A 1 117 ? -5.82545  -5.38822  -15.60975 1.000 11.61368 ? 141 PHE A CB  1 
ATOM   896  C CG  . PHE A 1 117 ? -6.37551  -6.65344  -14.99422 1.000 14.00135 ? 141 PHE A CG  1 
ATOM   897  C CD1 . PHE A 1 117 ? -6.77866  -7.68921  -15.82095 1.000 18.08005 ? 141 PHE A CD1 1 
ATOM   898  C CD2 . PHE A 1 117 ? -6.46417  -6.80816  -13.62833 1.000 19.71957 ? 141 PHE A CD2 1 
ATOM   899  C CE1 . PHE A 1 117 ? -7.27443  -8.87067  -15.28023 1.000 16.04752 ? 141 PHE A CE1 1 
ATOM   900  C CE2 . PHE A 1 117 ? -6.93951  -8.00694  -13.07530 1.000 20.05392 ? 141 PHE A CE2 1 
ATOM   901  C CZ  . PHE A 1 117 ? -7.36001  -9.01247  -13.90376 1.000 16.26039 ? 141 PHE A CZ  1 
ATOM   902  N N   . LEU A 1 118 ? -7.38430  -3.10392  -14.31504 1.000 9.13046  ? 142 LEU A N   1 
ATOM   903  C CA  . LEU A 1 118 ? -8.18209  -2.63655  -13.20110 1.000 11.27318 ? 142 LEU A CA  1 
ATOM   904  C C   . LEU A 1 118 ? -9.48809  -2.03106  -13.69075 1.000 13.86110 ? 142 LEU A C   1 
ATOM   905  O O   . LEU A 1 118 ? -10.56258 -2.25186  -13.09690 1.000 14.12882 ? 142 LEU A O   1 
ATOM   906  C CB  . LEU A 1 118 ? -7.34821  -1.61529  -12.41127 1.000 18.56313 ? 142 LEU A CB  1 
ATOM   907  C CG  . LEU A 1 118 ? -7.72499  -1.12248  -11.03472 1.000 22.90549 ? 142 LEU A CG  1 
ATOM   908  C CD1 . LEU A 1 118 ? -7.84985  -2.28386  -10.05376 1.000 13.80129 ? 142 LEU A CD1 1 
ATOM   909  C CD2 . LEU A 1 118 ? -6.64931  -0.14664  -10.56975 1.000 18.43543 ? 142 LEU A CD2 1 
ATOM   910  N N   . LEU A 1 119 ? -9.42495  -1.31141  -14.81296 1.000 10.69203 ? 143 LEU A N   1 
ATOM   911  C CA  . LEU A 1 119 ? -10.57997 -0.54298  -15.26730 1.000 15.07987 ? 143 LEU A CA  1 
ATOM   912  C C   . LEU A 1 119 ? -11.54270 -1.34355  -16.12754 1.000 13.87367 ? 143 LEU A C   1 
ATOM   913  O O   . LEU A 1 119 ? -12.66227 -0.85672  -16.37471 1.000 23.45816 ? 143 LEU A O   1 
ATOM   914  C CB  . LEU A 1 119 ? -10.13210 0.71617   -16.01797 1.000 11.94832 ? 143 LEU A CB  1 
ATOM   915  C CG  . LEU A 1 119 ? -9.44547  1.83926   -15.23111 1.000 17.14206 ? 143 LEU A CG  1 
ATOM   916  C CD1 . LEU A 1 119 ? -8.74563  2.72890   -16.24602 1.000 23.62009 ? 143 LEU A CD1 1 
ATOM   917  C CD2 . LEU A 1 119 ? -10.48655 2.64896   -14.46937 1.000 19.82359 ? 143 LEU A CD2 1 
ATOM   918  N N   . ASP A 1 120 ? -11.18096 -2.57185  -16.51938 1.000 16.25979 ? 144 ASP A N   1 
ATOM   919  C CA  . ASP A 1 120 ? -12.08200 -3.49470  -17.22673 1.000 20.21354 ? 144 ASP A CA  1 
ATOM   920  C C   . ASP A 1 120 ? -13.11560 -4.08497  -16.25999 1.000 16.52857 ? 144 ASP A C   1 
ATOM   921  O O   . ASP A 1 120 ? -12.78646 -4.92335  -15.41106 1.000 15.98459 ? 144 ASP A O   1 
ATOM   922  C CB  . ASP A 1 120 ? -11.25416 -4.60205  -17.87723 1.000 14.19757 ? 144 ASP A CB  1 
ATOM   923  C CG  . ASP A 1 120 ? -12.10607 -5.62479  -18.64240 1.000 36.73639 ? 144 ASP A CG  1 
ATOM   924  O OD1 . ASP A 1 120 ? -13.30315 -5.36891  -18.92901 1.000 32.48728 ? 144 ASP A OD1 1 
ATOM   925  O OD2 . ASP A 1 120 ? -11.54555 -6.69735  -18.96446 1.000 33.41367 ? 144 ASP A OD2 1 
ATOM   926  N N   . GLU A 1 121 ? -14.39473 -3.72025  -16.43630 1.000 18.59240 ? 145 GLU A N   1 
ATOM   927  C CA  . GLU A 1 121 ? -15.41793 -4.21182  -15.51248 1.000 17.64707 ? 145 GLU A CA  1 
ATOM   928  C C   . GLU A 1 121 ? -15.46884 -5.73421  -15.45113 1.000 18.38053 ? 145 GLU A C   1 
ATOM   929  O O   . GLU A 1 121 ? -15.85923 -6.29891  -14.42414 1.000 22.78300 ? 145 GLU A O   1 
ATOM   930  C CB  . GLU A 1 121 ? -16.79352 -3.66541  -15.91452 1.000 28.00023 ? 145 GLU A CB  1 
ATOM   931  C CG  . GLU A 1 121 ? -17.95396 -4.28050  -15.13502 1.000 47.41563 ? 145 GLU A CG  1 
ATOM   932  C CD  . GLU A 1 121 ? -19.12619 -4.66149  -16.02949 1.000 73.14448 ? 145 GLU A CD  1 
ATOM   933  O OE1 . GLU A 1 121 ? -19.02965 -4.44531  -17.26067 1.000 75.90393 ? 145 GLU A OE1 1 
ATOM   934  O OE2 . GLU A 1 121 ? -20.14340 -5.17198  -15.49918 1.000 72.15528 ? 145 GLU A OE2 1 
ATOM   935  N N   . ALA A 1 122 ? -15.06659 -6.41835  -16.52629 1.000 26.31120 ? 146 ALA A N   1 
ATOM   936  C CA  . ALA A 1 122 ? -15.07024 -7.88010  -16.53862 1.000 27.71114 ? 146 ALA A CA  1 
ATOM   937  C C   . ALA A 1 122 ? -14.27780 -8.49464  -15.38183 1.000 24.15889 ? 146 ALA A C   1 
ATOM   938  O O   . ALA A 1 122 ? -14.57589 -9.61861  -14.95311 1.000 26.45855 ? 146 ALA A O   1 
ATOM   939  C CB  . ALA A 1 122 ? -14.51753 -8.37598  -17.87127 1.000 23.31847 ? 146 ALA A CB  1 
ATOM   940  N N   . ASN A 1 123 ? -13.29062 -7.77453  -14.84019 1.000 19.58397 ? 147 ASN A N   1 
ATOM   941  C CA  . ASN A 1 123 ? -12.41133 -8.30817  -13.81973 1.000 13.31322 ? 147 ASN A CA  1 
ATOM   942  C C   . ASN A 1 123 ? -12.94243 -8.16478  -12.40278 1.000 20.84716 ? 147 ASN A C   1 
ATOM   943  O O   . ASN A 1 123 ? -12.40596 -8.81136  -11.49578 1.000 22.76266 ? 147 ASN A O   1 
ATOM   944  C CB  . ASN A 1 123 ? -11.02587 -7.61687  -13.97636 1.000 18.67345 ? 147 ASN A CB  1 
ATOM   945  C CG  . ASN A 1 123 ? -10.39325 -7.94766  -15.32298 1.000 20.04545 ? 147 ASN A CG  1 
ATOM   946  O OD1 . ASN A 1 123 ? -9.84901  -7.09199  -16.05726 1.000 21.20242 ? 147 ASN A OD1 1 
ATOM   947  N ND2 . ASN A 1 123 ? -10.52383 -9.20962  -15.68451 1.000 14.39821 ? 147 ASN A ND2 1 
ATOM   948  N N   . GLY A 1 124 ? -13.98836 -7.35551  -12.19237 1.000 15.85205 ? 148 GLY A N   1 
ATOM   949  C CA  . GLY A 1 124 ? -14.60006 -7.22158  -10.88733 1.000 15.74841 ? 148 GLY A CA  1 
ATOM   950  C C   . GLY A 1 124 ? -13.76234 -6.53698  -9.84304  1.000 17.45919 ? 148 GLY A C   1 
ATOM   951  O O   . GLY A 1 124 ? -14.00953 -6.72973  -8.64659  1.000 17.36973 ? 148 GLY A O   1 
ATOM   952  N N   . LEU A 1 125 ? -12.79154 -5.71459  -10.25300 1.000 8.79885  ? 149 LEU A N   1 
ATOM   953  C CA  . LEU A 1 125 ? -11.89663 -5.07655  -9.28612  1.000 7.16931  ? 149 LEU A CA  1 
ATOM   954  C C   . LEU A 1 125 ? -12.32697 -3.67230  -8.88583  1.000 14.03079 ? 149 LEU A C   1 
ATOM   955  O O   . LEU A 1 125 ? -11.74035 -3.11455  -7.93556  1.000 9.82542  ? 149 LEU A O   1 
ATOM   956  C CB  . LEU A 1 125 ? -10.46638 -5.04011  -9.84819  1.000 12.24564 ? 149 LEU A CB  1 
ATOM   957  C CG  . LEU A 1 125 ? -9.81090  -6.39025  -10.15454 1.000 15.30240 ? 149 LEU A CG  1 
ATOM   958  C CD1 . LEU A 1 125 ? -8.31842  -6.12777  -10.40885 1.000 15.39855 ? 149 LEU A CD1 1 
ATOM   959  C CD2 . LEU A 1 125 ? -9.99529  -7.36902  -9.01118  1.000 13.30983 ? 149 LEU A CD2 1 
ATOM   960  N N   . LEU A 1 126 ? -13.31833 -3.08921  -9.57164  1.000 13.23244 ? 150 LEU A N   1 
ATOM   961  C CA  . LEU A 1 126 ? -13.82761 -1.75826  -9.23358  1.000 10.71624 ? 150 LEU A CA  1 
ATOM   962  C C   . LEU A 1 126 ? -15.35120 -1.79888  -9.10581  1.000 12.98986 ? 150 LEU A C   1 
ATOM   963  O O   . LEU A 1 126 ? -16.07476 -1.06896  -9.80683  1.000 16.07745 ? 150 LEU A O   1 
ATOM   964  C CB  . LEU A 1 126 ? -13.41616 -0.72592  -10.26754 1.000 11.60459 ? 150 LEU A CB  1 
ATOM   965  C CG  . LEU A 1 126 ? -11.92695 -0.39321  -10.42805 1.000 11.15159 ? 150 LEU A CG  1 
ATOM   966  C CD1 . LEU A 1 126 ? -11.72105 0.65714   -11.54521 1.000 10.14495 ? 150 LEU A CD1 1 
ATOM   967  C CD2 . LEU A 1 126 ? -11.34624 0.10741   -9.09439  1.000 14.40971 ? 150 LEU A CD2 1 
ATOM   968  N N   . PRO A 1 127 ? -15.87365 -2.63298  -8.21001  1.000 14.99342 ? 151 PRO A N   1 
ATOM   969  C CA  . PRO A 1 127 ? -17.33531 -2.68149  -8.03966  1.000 13.61831 ? 151 PRO A CA  1 
ATOM   970  C C   . PRO A 1 127 ? -17.82743 -1.30333  -7.61715  1.000 20.32901 ? 151 PRO A C   1 
ATOM   971  O O   . PRO A 1 127 ? -17.26673 -0.67881  -6.71022  1.000 15.09322 ? 151 PRO A O   1 
ATOM   972  C CB  . PRO A 1 127 ? -17.52385 -3.75836  -6.96398  1.000 11.37712 ? 151 PRO A CB  1 
ATOM   973  C CG  . PRO A 1 127 ? -16.25970 -3.70600  -6.14166  1.000 17.96200 ? 151 PRO A CG  1 
ATOM   974  C CD  . PRO A 1 127 ? -15.15424 -3.27933  -7.09669  1.000 13.75047 ? 151 PRO A CD  1 
ATOM   975  N N   . ASP A 1 128 ? -18.82835 -0.78689  -8.34549  1.000 15.71959 ? 152 ASP A N   1 
ATOM   976  C CA  . ASP A 1 128 ? -19.39438 0.53094   -8.03289  1.000 15.16471 ? 152 ASP A CA  1 
ATOM   977  C C   . ASP A 1 128 ? -18.33537 1.64060   -8.16556  1.000 14.34684 ? 152 ASP A C   1 
ATOM   978  O O   . ASP A 1 128 ? -18.44750 2.69246   -7.52293  1.000 16.66620 ? 152 ASP A O   1 
ATOM   979  C CB  . ASP A 1 128 ? -20.02911 0.54133   -6.62238  1.000 19.80753 ? 152 ASP A CB  1 
ATOM   980  C CG  . ASP A 1 128 ? -21.26786 -0.37019  -6.49233  1.000 19.93978 ? 152 ASP A CG  1 
ATOM   981  O OD1 . ASP A 1 128 ? -21.87840 -0.70056  -7.52184  1.000 25.81214 ? 152 ASP A OD1 1 
ATOM   982  O OD2 . ASP A 1 128 ? -21.61487 -0.77980  -5.35470  1.000 24.63939 ? 152 ASP A OD2 1 
ATOM   983  N N   . ASP A 1 129 ? -17.27867 1.39645   -8.96946  1.000 11.45111 ? 153 ASP A N   1 
ATOM   984  C CA  . ASP A 1 129 ? -16.17532 2.32607   -9.24107  1.000 10.85989 ? 153 ASP A CA  1 
ATOM   985  C C   . ASP A 1 129 ? -15.31415 2.60469   -8.00592  1.000 8.82770  ? 153 ASP A C   1 
ATOM   986  O O   . ASP A 1 129 ? -14.66840 3.65074   -7.90771  1.000 14.87423 ? 153 ASP A O   1 
ATOM   987  C CB  . ASP A 1 129 ? -16.67184 3.64626   -9.86083  1.000 26.30537 ? 153 ASP A CB  1 
ATOM   988  C CG  . ASP A 1 129 ? -15.56441 4.41636   -10.59967 1.000 37.55301 ? 153 ASP A CG  1 
ATOM   989  O OD1 . ASP A 1 129 ? -14.57223 3.77785   -11.07761 1.000 29.99642 ? 153 ASP A OD1 1 
ATOM   990  O OD2 . ASP A 1 129 ? -15.68614 5.67106   -10.69735 1.000 35.66280 ? 153 ASP A OD2 1 
ATOM   991  N N   . LYS A 1 130 ? -15.28706 1.65720   -7.08782  1.000 9.82950  ? 154 LYS A N   1 
ATOM   992  C CA  . LYS A 1 130 ? -14.51137 1.73487   -5.85763  1.000 7.48942  ? 154 LYS A CA  1 
ATOM   993  C C   . LYS A 1 130 ? -13.34090 0.76830   -5.91356  1.000 6.77693  ? 154 LYS A C   1 
ATOM   994  O O   . LYS A 1 130 ? -13.54031 -0.40332  -6.20599  1.000 8.97887  ? 154 LYS A O   1 
ATOM   995  C CB  . LYS A 1 130 ? -15.37145 1.35055   -4.65676  1.000 13.91847 ? 154 LYS A CB  1 
ATOM   996  C CG  . LYS A 1 130 ? -16.57172 2.26020   -4.47226  1.000 12.42632 ? 154 LYS A CG  1 
ATOM   997  C CD  . LYS A 1 130 ? -17.34538 1.75482   -3.27888  1.000 16.04754 ? 154 LYS A CD  1 
ATOM   998  C CE  . LYS A 1 130 ? -18.58643 2.61681   -3.09937  1.000 31.33162 ? 154 LYS A CE  1 
ATOM   999  N NZ  . LYS A 1 130 ? -19.19714 2.22868   -1.81986  1.000 35.27010 ? 154 LYS A NZ  1 
ATOM   1000 N N   . LEU A 1 131 ? -12.15757 1.23833   -5.54201  1.000 6.16326  ? 155 LEU A N   1 
ATOM   1001 C CA  . LEU A 1 131 ? -10.97870 0.36845   -5.42113  1.000 6.16041  ? 155 LEU A CA  1 
ATOM   1002 C C   . LEU A 1 131 ? -10.74469 0.07068   -3.95019  1.000 9.20128  ? 155 LEU A C   1 
ATOM   1003 O O   . LEU A 1 131 ? -10.59584 0.99920   -3.16188  1.000 8.92703  ? 155 LEU A O   1 
ATOM   1004 C CB  . LEU A 1 131 ? -9.74176  1.04434   -6.00982  1.000 6.65395  ? 155 LEU A CB  1 
ATOM   1005 C CG  . LEU A 1 131 ? -8.44003  0.29987   -5.81099  1.000 6.67027  ? 155 LEU A CG  1 
ATOM   1006 C CD1 . LEU A 1 131 ? -8.53470  -1.02088  -6.60788  1.000 9.73353  ? 155 LEU A CD1 1 
ATOM   1007 C CD2 . LEU A 1 131 ? -7.30727  1.22407   -6.36722  1.000 14.16805 ? 155 LEU A CD2 1 
ATOM   1008 N N   . THR A 1 132 ? -10.66965 -1.20065  -3.57949  1.000 6.84066  ? 156 THR A N   1 
ATOM   1009 C CA  . THR A 1 132 ? -10.40163 -1.53262  -2.17849  1.000 2.76162  ? 156 THR A CA  1 
ATOM   1010 C C   . THR A 1 132 ? -9.04300  -2.19831  -2.11217  1.000 3.35649  ? 156 THR A C   1 
ATOM   1011 O O   . THR A 1 132 ? -8.85855  -3.27341  -2.67556  1.000 7.32471  ? 156 THR A O   1 
ATOM   1012 C CB  . THR A 1 132 ? -11.48996 -2.42692  -1.58897  1.000 11.31174 ? 156 THR A CB  1 
ATOM   1013 O OG1 . THR A 1 132 ? -12.75185 -1.69673  -1.58700  1.000 9.71682  ? 156 THR A OG1 1 
ATOM   1014 C CG2 . THR A 1 132 ? -11.10090 -2.76932  -0.15760  1.000 7.14169  ? 156 THR A CG2 1 
ATOM   1015 N N   . LEU A 1 133 ? -8.11798  -1.54622  -1.44152  1.000 3.14489  ? 157 LEU A N   1 
ATOM   1016 C CA  . LEU A 1 133 ? -6.77939  -2.08078  -1.23680  1.000 5.13197  ? 157 LEU A CA  1 
ATOM   1017 C C   . LEU A 1 133 ? -6.66913  -2.69918  0.14922   1.000 8.52086  ? 157 LEU A C   1 
ATOM   1018 O O   . LEU A 1 133 ? -7.36017  -2.28723  1.09111   1.000 6.81922  ? 157 LEU A O   1 
ATOM   1019 C CB  . LEU A 1 133 ? -5.77718  -0.96503  -1.36282  1.000 4.82340  ? 157 LEU A CB  1 
ATOM   1020 C CG  . LEU A 1 133 ? -5.79387  -0.37180  -2.75833  1.000 6.92370  ? 157 LEU A CG  1 
ATOM   1021 C CD1 . LEU A 1 133 ? -4.93260  0.87287   -2.69159  1.000 13.76064 ? 157 LEU A CD1 1 
ATOM   1022 C CD2 . LEU A 1 133 ? -5.25746  -1.40744  -3.75947  1.000 7.88804  ? 157 LEU A CD2 1 
ATOM   1023 N N   . PHE A 1 134 ? -5.75189  -3.66505  0.29445   1.000 6.38971  ? 158 PHE A N   1 
ATOM   1024 C CA  . PHE A 1 134 ? -5.57994  -4.38539  1.54689   1.000 6.70862  ? 158 PHE A CA  1 
ATOM   1025 C C   . PHE A 1 134 ? -4.07037  -4.51681  1.75797   1.000 7.34919  ? 158 PHE A C   1 
ATOM   1026 O O   . PHE A 1 134 ? -3.32558  -4.84765  0.81732   1.000 9.33431  ? 158 PHE A O   1 
ATOM   1027 C CB  . PHE A 1 134 ? -6.29085  -5.74438  1.45681   1.000 8.15489  ? 158 PHE A CB  1 
ATOM   1028 C CG  . PHE A 1 134 ? -6.41852  -6.48688  2.74447   1.000 9.04381  ? 158 PHE A CG  1 
ATOM   1029 C CD1 . PHE A 1 134 ? -7.17237  -5.96879  3.81188   1.000 14.51616 ? 158 PHE A CD1 1 
ATOM   1030 C CD2 . PHE A 1 134 ? -5.86643  -7.75311  2.87021   1.000 12.87516 ? 158 PHE A CD2 1 
ATOM   1031 C CE1 . PHE A 1 134 ? -7.31011  -6.72320  4.98639   1.000 15.80345 ? 158 PHE A CE1 1 
ATOM   1032 C CE2 . PHE A 1 134 ? -6.00459  -8.49236  4.03341   1.000 17.57853 ? 158 PHE A CE2 1 
ATOM   1033 C CZ  . PHE A 1 134 ? -6.71389  -7.96464  5.09468   1.000 13.93572 ? 158 PHE A CZ  1 
ATOM   1034 N N   . CYS A 1 135 ? -3.59547  -4.06115  2.91560   1.000 6.43446  ? 159 CYS A N   1 
ATOM   1035 C CA  . CYS A 1 135 ? -2.16305  -4.07969  3.20710   1.000 5.50592  ? 159 CYS A CA  1 
ATOM   1036 C C   . CYS A 1 135 ? -1.97650  -4.84261  4.51100   1.000 10.98189 ? 159 CYS A C   1 
ATOM   1037 O O   . CYS A 1 135 ? -2.49855  -4.40802  5.53900   1.000 10.19919 ? 159 CYS A O   1 
ATOM   1038 C CB  . CYS A 1 135 ? -1.63100  -2.64069  3.34376   1.000 9.16058  ? 159 CYS A CB  1 
ATOM   1039 S SG  . CYS A 1 135 ? 0.12827   -2.51745  3.85248   1.000 14.07080 ? 159 CYS A SG  1 
ATOM   1040 N N   . GLU A 1 136 ? -1.15485  -5.90237  4.51131   1.000 5.51200  ? 160 GLU A N   1 
ATOM   1041 C CA  . GLU A 1 136 ? -0.85175  -6.64941  5.73697   1.000 3.99100  ? 160 GLU A CA  1 
ATOM   1042 C C   . GLU A 1 136 ? 0.61830   -6.43425  6.06728   1.000 7.15501  ? 160 GLU A C   1 
ATOM   1043 O O   . GLU A 1 136 ? 1.47461   -6.53837  5.16783   1.000 7.25206  ? 160 GLU A O   1 
ATOM   1044 C CB  . GLU A 1 136 ? -1.16549  -8.13954  5.56241   1.000 12.25355 ? 160 GLU A CB  1 
ATOM   1045 C CG  . GLU A 1 136 ? -2.64073  -8.42037  5.13567   1.000 14.05606 ? 160 GLU A CG  1 
ATOM   1046 C CD  . GLU A 1 136 ? -3.22522  -9.77738  5.58001   1.000 39.05998 ? 160 GLU A CD  1 
ATOM   1047 O OE1 . GLU A 1 136 ? -2.94696  -10.75787 4.85829   1.000 25.16668 ? 160 GLU A OE1 1 
ATOM   1048 O OE2 . GLU A 1 136 ? -3.97775  -9.85246  6.61295   1.000 18.87058 ? 160 GLU A OE2 1 
ATOM   1049 N N   . VAL A 1 137 ? 0.90341   -6.05712  7.32025   1.000 4.36916  ? 161 VAL A N   1 
ATOM   1050 C CA  . VAL A 1 137 ? 2.26620   -5.70363  7.74023   1.000 5.52160  ? 161 VAL A CA  1 
ATOM   1051 C C   . VAL A 1 137 ? 2.68959   -6.53265  8.92827   1.000 11.46547 ? 161 VAL A C   1 
ATOM   1052 O O   . VAL A 1 137 ? 1.88029   -6.79394  9.82451   1.000 9.00660  ? 161 VAL A O   1 
ATOM   1053 C CB  . VAL A 1 137 ? 2.33694   -4.20330  8.09533   1.000 4.43548  ? 161 VAL A CB  1 
ATOM   1054 C CG1 . VAL A 1 137 ? 3.78426   -3.78863  8.44956   1.000 4.82114  ? 161 VAL A CG1 1 
ATOM   1055 C CG2 . VAL A 1 137 ? 1.84239   -3.38523  6.91421   1.000 5.86381  ? 161 VAL A CG2 1 
ATOM   1056 N N   . SER A 1 138 ? 3.95781   -6.97681  8.93170   1.000 3.83646  ? 162 SER A N   1 
ATOM   1057 C CA  . SER A 1 138 ? 4.50381   -7.66670  10.09232  1.000 7.87639  ? 162 SER A CA  1 
ATOM   1058 C C   . SER A 1 138 ? 5.80095   -6.96642  10.44955  1.000 5.84938  ? 162 SER A C   1 
ATOM   1059 O O   . SER A 1 138 ? 6.72690   -6.93089  9.61365   1.000 8.92592  ? 162 SER A O   1 
ATOM   1060 C CB  . SER A 1 138 ? 4.76583   -9.14955  9.80723   1.000 12.85185 ? 162 SER A CB  1 
ATOM   1061 O OG  . SER A 1 138 ? 5.36783   -9.70197  10.96711  1.000 19.28893 ? 162 SER A OG  1 
ATOM   1062 N N   . VAL A 1 139 ? 5.84580   -6.38210  11.65038  1.000 4.37342  ? 163 VAL A N   1 
ATOM   1063 C CA  . VAL A 1 139 ? 6.99906   -5.62335  12.09264  1.000 4.35112  ? 163 VAL A CA  1 
ATOM   1064 C C   . VAL A 1 139 ? 7.91774   -6.54253  12.86872  1.000 10.69804 ? 163 VAL A C   1 
ATOM   1065 O O   . VAL A 1 139 ? 7.52267   -7.12409  13.89279  1.000 11.28346 ? 163 VAL A O   1 
ATOM   1066 C CB  . VAL A 1 139 ? 6.60348   -4.39806  12.93564  1.000 6.17318  ? 163 VAL A CB  1 
ATOM   1067 C CG1 . VAL A 1 139 ? 7.87388   -3.79609  13.50076  1.000 11.06467 ? 163 VAL A CG1 1 
ATOM   1068 C CG2 . VAL A 1 139 ? 5.84693   -3.41461  12.15004  1.000 7.48137  ? 163 VAL A CG2 1 
ATOM   1069 N N   . VAL A 1 140 ? 9.15935   -6.64462  12.42095  1.000 13.56924 ? 164 VAL A N   1 
ATOM   1070 C CA  . VAL A 1 140 ? 10.06423  -7.62926  12.99851  1.000 17.12352 ? 164 VAL A CA  1 
ATOM   1071 C C   . VAL A 1 140 ? 11.11963  -6.97407  13.86131  1.000 23.02109 ? 164 VAL A C   1 
ATOM   1072 O O   . VAL A 1 140 ? 11.72898  -7.66324  14.69414  1.000 26.21323 ? 164 VAL A O   1 
ATOM   1073 C CB  . VAL A 1 140 ? 10.72457  -8.51855  11.91831  1.000 14.61309 ? 164 VAL A CB  1 
ATOM   1074 C CG1 . VAL A 1 140 ? 9.66960   -9.34676  11.11784  1.000 17.00028 ? 164 VAL A CG1 1 
ATOM   1075 C CG2 . VAL A 1 140 ? 11.58385  -7.70125  10.99428  1.000 15.02047 ? 164 VAL A CG2 1 
ATOM   1076 N N   . GLN A 1 141 ? 11.32700  -5.67484  13.72656  1.000 14.31638 ? 165 GLN A N   1 
ATOM   1077 C CA  . GLN A 1 141 ? 12.22727  -4.92023  14.61767  1.000 24.96899 ? 165 GLN A CA  1 
ATOM   1078 C C   . GLN A 1 141 ? 11.71545  -3.50466  14.77358  1.000 27.13241 ? 165 GLN A C   1 
ATOM   1079 O O   . GLN A 1 141 ? 11.48810  -2.83352  13.75995  1.000 19.17280 ? 165 GLN A O   1 
ATOM   1080 C CB  . GLN A 1 141 ? 13.66854  -4.89163  14.06791  1.000 31.60830 ? 165 GLN A CB  1 
ATOM   1081 C CG  . GLN A 1 141 ? 14.73532  -4.30926  15.03932  1.000 30.27542 ? 165 GLN A CG  1 
ATOM   1082 C CD  . GLN A 1 141 ? 16.16986  -4.46479  14.51307  1.000 46.36380 ? 165 GLN A CD  1 
ATOM   1083 O OE1 . GLN A 1 141 ? 16.40756  -5.09620  13.48016  1.000 44.67605 ? 165 GLN A OE1 1 
ATOM   1084 N NE2 . GLN A 1 141 ? 17.13120  -3.91452  15.24665  1.000 64.13996 ? 165 GLN A NE2 1 
ATOM   1085 N N   . ALA B 2 3   ? 10.59703  -6.02114  -10.05883 1.000 36.73825 ? 3   ALA B N   1 
ATOM   1086 C CA  . ALA B 2 3   ? 9.40624   -6.42527  -9.32005  1.000 34.69303 ? 3   ALA B CA  1 
ATOM   1087 C C   . ALA B 2 3   ? 9.62506   -6.41017  -7.79377  1.000 39.21170 ? 3   ALA B C   1 
ATOM   1088 O O   . ALA B 2 3   ? 8.70396   -6.68215  -7.01444  1.000 32.40281 ? 3   ALA B O   1 
ATOM   1089 C CB  . ALA B 2 3   ? 8.96068   -7.81172  -9.77813  1.000 41.69080 ? 3   ALA B CB  1 
ATOM   1090 N N   . SER B 2 4   ? 10.85879  -6.10490  -7.36761  1.000 41.12340 ? 4   SER B N   1 
ATOM   1091 C CA  . SER B 2 4   ? 11.17121  -5.99471  -5.94735  1.000 36.42083 ? 4   SER B CA  1 
ATOM   1092 C C   . SER B 2 4   ? 10.72756  -4.62814  -5.41752  1.000 19.29670 ? 4   SER B C   1 
ATOM   1093 O O   . SER B 2 4   ? 10.65039  -3.66185  -6.17841  1.000 22.21028 ? 4   SER B O   1 
ATOM   1094 C CB  . SER B 2 4   ? 12.67002  -6.15940  -5.72293  1.000 36.32611 ? 4   SER B CB  1 
ATOM   1095 O OG  . SER B 2 4   ? 12.93695  -6.73706  -4.45993  1.000 49.26424 ? 4   SER B OG  1 
ATOM   1096 N N   . PRO B 2 5   ? 10.40813  -4.50880  -4.11676  1.000 14.69330 ? 5   PRO B N   1 
ATOM   1097 C CA  . PRO B 2 5   ? 10.03465  -3.18262  -3.60174  1.000 19.09800 ? 5   PRO B CA  1 
ATOM   1098 C C   . PRO B 2 5   ? 11.15617  -2.17795  -3.80405  1.000 17.39944 ? 5   PRO B C   1 
ATOM   1099 O O   . PRO B 2 5   ? 12.33360  -2.51157  -3.72709  1.000 17.40256 ? 5   PRO B O   1 
ATOM   1100 C CB  . PRO B 2 5   ? 9.78870   -3.43212  -2.10956  1.000 14.75535 ? 5   PRO B CB  1 
ATOM   1101 C CG  . PRO B 2 5   ? 9.40154   -4.82532  -2.01196  1.000 17.89514 ? 5   PRO B CG  1 
ATOM   1102 C CD  . PRO B 2 5   ? 10.20732  -5.55274  -3.08994  1.000 16.35445 ? 5   PRO B CD  1 
ATOM   1103 N N   . GLN B 2 6   ? 10.76528  -0.93463  -4.05364  1.000 11.07666 ? 6   GLN B N   1 
ATOM   1104 C CA  . GLN B 2 6   ? 11.68270  0.19378   -4.09848  1.000 23.51530 ? 6   GLN B CA  1 
ATOM   1105 C C   . GLN B 2 6   ? 10.98916  1.37988   -3.46577  1.000 16.18489 ? 6   GLN B C   1 
ATOM   1106 O O   . GLN B 2 6   ? 9.74417   1.42699   -3.43684  1.000 13.23932 ? 6   GLN B O   1 
ATOM   1107 C CB  . GLN B 2 6   ? 12.08944  0.55632   -5.52878  1.000 16.82842 ? 6   GLN B CB  1 
ATOM   1108 C CG  . GLN B 2 6   ? 12.57774  -0.62627  -6.33279  1.000 25.37544 ? 6   GLN B CG  1 
ATOM   1109 C CD  . GLN B 2 6   ? 14.04216  -0.91067  -6.04969  1.000 39.49474 ? 6   GLN B CD  1 
ATOM   1110 O OE1 . GLN B 2 6   ? 14.49411  -2.04824  -6.17178  1.000 41.86316 ? 6   GLN B OE1 1 
ATOM   1111 N NE2 . GLN B 2 6   ? 14.78104  0.11590   -5.62623  1.000 41.12019 ? 6   GLN B NE2 1 
ATOM   1112 N N   . PRO B 2 7   ? 11.74302  2.36538   -2.97989  1.000 12.22233 ? 7   PRO B N   1 
ATOM   1113 C CA  . PRO B 2 7   ? 11.09936  3.59386   -2.48028  1.000 15.21386 ? 7   PRO B CA  1 
ATOM   1114 C C   . PRO B 2 7   ? 10.58193  4.42756   -3.63929  1.000 21.19323 ? 7   PRO B C   1 
ATOM   1115 O O   . PRO B 2 7   ? 10.98047  4.24729   -4.78931  1.000 17.39302 ? 7   PRO B O   1 
ATOM   1116 C CB  . PRO B 2 7   ? 12.21703  4.33435   -1.71374  1.000 20.17682 ? 7   PRO B CB  1 
ATOM   1117 C CG  . PRO B 2 7   ? 13.50280  3.57800   -2.00523  1.000 19.96191 ? 7   PRO B CG  1 
ATOM   1118 C CD  . PRO B 2 7   ? 13.17387  2.25710   -2.61366  1.000 31.30734 ? 7   PRO B CD  1 
ATOM   1119 N N   . SER B 2 8   ? 9.67404   5.35740   -3.32803  1.000 15.22918 ? 8   SER B N   1 
ATOM   1120 C CA  . SER B 2 8   ? 9.05127   6.11499   -4.40837  1.000 16.30554 ? 8   SER B CA  1 
ATOM   1121 C C   . SER B 2 8   ? 9.89557   7.31918   -4.83930  1.000 27.79281 ? 8   SER B C   1 
ATOM   1122 O O   . SER B 2 8   ? 9.59463   7.93665   -5.87338  1.000 32.75882 ? 8   SER B O   1 
ATOM   1123 C CB  . SER B 2 8   ? 7.64583   6.56574   -3.98966  1.000 22.53140 ? 8   SER B CB  1 
ATOM   1124 O OG  . SER B 2 8   ? 7.72287   7.53823   -2.94301  1.000 22.21861 ? 8   SER B OG  1 
ATOM   1125 N N   . SER B 2 9   ? 10.95153  7.64371   -4.09535  1.000 23.58133 ? 9   SER B N   1 
ATOM   1126 C CA  . SER B 2 9   ? 11.69388  8.89316   -4.26836  1.000 35.83623 ? 9   SER B CA  1 
ATOM   1127 C C   . SER B 2 9   ? 13.18631  8.69082   -4.02936  1.000 29.56607 ? 9   SER B C   1 
ATOM   1128 O O   . SER B 2 9   ? 13.56377  7.96441   -3.09982  1.000 31.60964 ? 9   SER B O   1 
ATOM   1129 C CB  . SER B 2 9   ? 11.13927  9.94477   -3.30434  1.000 32.46032 ? 9   SER B CB  1 
ATOM   1130 O OG  . SER B 2 9   ? 11.67820  9.75697   -2.00105  1.000 59.22613 ? 9   SER B OG  1 
HETATM 1131 O O   . HOH C 3 .   ? -2.07799  0.35829   18.18251  1.000 25.75035 ? 201 HOH A O   1 
HETATM 1132 O O   . HOH C 3 .   ? 15.72712  -7.23716  13.33822  1.000 41.65923 ? 202 HOH A O   1 
HETATM 1133 O O   . HOH C 3 .   ? -13.36462 4.99454   1.19358   1.000 48.41004 ? 203 HOH A O   1 
HETATM 1134 O O   . HOH C 3 .   ? -17.70637 6.59130   -9.85341  1.000 38.89755 ? 204 HOH A O   1 
HETATM 1135 O O   . HOH C 3 .   ? 6.60569   7.83723   16.60677  1.000 28.18818 ? 205 HOH A O   1 
HETATM 1136 O O   . HOH C 3 .   ? -1.01421  3.13484   24.92644  1.000 28.56264 ? 206 HOH A O   1 
HETATM 1137 O O   . HOH C 3 .   ? 19.24512  2.64920   11.77915  1.000 30.64886 ? 207 HOH A O   1 
HETATM 1138 O O   . HOH C 3 .   ? -1.54992  8.38170   18.56981  1.000 38.65850 ? 208 HOH A O   1 
HETATM 1139 O O   . HOH C 3 .   ? -3.40662  4.03803   22.29868  1.000 39.89225 ? 209 HOH A O   1 
HETATM 1140 O O   . HOH C 3 .   ? 4.44383   -2.59023  14.95108  1.000 9.51957  ? 210 HOH A O   1 
HETATM 1141 O O   . HOH C 3 .   ? -9.01190  -7.14045  -18.88072 1.000 27.30209 ? 211 HOH A O   1 
HETATM 1142 O O   . HOH C 3 .   ? -7.62808  6.50744   -12.35007 1.000 33.00971 ? 212 HOH A O   1 
HETATM 1143 O O   . HOH C 3 .   ? 9.49648   3.12393   -7.07854  1.000 19.93137 ? 213 HOH A O   1 
HETATM 1144 O O   . HOH C 3 .   ? -15.71867 10.51412  -3.84556  1.000 46.07615 ? 214 HOH A O   1 
HETATM 1145 O O   . HOH C 3 .   ? -2.61276  -7.85898  1.36281   1.000 16.02681 ? 215 HOH A O   1 
HETATM 1146 O O   . HOH C 3 .   ? 11.92846  -8.42514  -1.92660  1.000 32.01043 ? 216 HOH A O   1 
HETATM 1147 O O   . HOH C 3 .   ? 10.70711  7.24296   0.09685   1.000 25.57386 ? 217 HOH A O   1 
HETATM 1148 O O   . HOH C 3 .   ? -12.05383 -4.53986  -12.86302 1.000 11.81796 ? 218 HOH A O   1 
HETATM 1149 O O   . HOH C 3 .   ? -3.86025  -0.10857  14.36323  1.000 24.01662 ? 219 HOH A O   1 
HETATM 1150 O O   . HOH C 3 .   ? -11.60555 -3.31377  -5.26555  1.000 8.82039  ? 220 HOH A O   1 
HETATM 1151 O O   . HOH C 3 .   ? 19.91808  5.72842   9.09699   1.000 52.52828 ? 221 HOH A O   1 
HETATM 1152 O O   . HOH C 3 .   ? -0.93108  -6.77307  -8.31836  1.000 14.84986 ? 222 HOH A O   1 
HETATM 1153 O O   . HOH C 3 .   ? 16.07221  -6.78006  6.19076   1.000 31.46464 ? 223 HOH A O   1 
HETATM 1154 O O   . HOH C 3 .   ? -2.06963  10.23617  6.27216   1.000 23.52968 ? 224 HOH A O   1 
HETATM 1155 O O   . HOH C 3 .   ? -9.95641  -10.45403 -18.01553 1.000 30.74647 ? 225 HOH A O   1 
HETATM 1156 O O   . HOH C 3 .   ? -12.79813 -0.67570  2.95750   1.000 34.55775 ? 226 HOH A O   1 
HETATM 1157 O O   . HOH C 3 .   ? -16.65230 3.79563   0.36126   1.000 35.32794 ? 227 HOH A O   1 
HETATM 1158 O O   . HOH C 3 .   ? 5.67968   -9.41051  13.65205  1.000 19.17256 ? 228 HOH A O   1 
HETATM 1159 O O   . HOH C 3 .   ? 9.49613   11.32773  15.18266  1.000 16.26795 ? 229 HOH A O   1 
HETATM 1160 O O   . HOH C 3 .   ? 13.64614  7.40954   11.40065  1.000 13.47326 ? 230 HOH A O   1 
HETATM 1161 O O   . HOH C 3 .   ? -14.06156 -1.93092  -3.97923  1.000 16.61371 ? 231 HOH A O   1 
HETATM 1162 O O   . HOH C 3 .   ? -7.74003  6.59476   4.07384   1.000 16.64042 ? 232 HOH A O   1 
HETATM 1163 O O   . HOH C 3 .   ? -0.12576  0.37887   20.42711  1.000 19.70365 ? 233 HOH A O   1 
HETATM 1164 O O   . HOH C 3 .   ? -15.28046 -1.76753  -18.15146 1.000 34.29220 ? 234 HOH A O   1 
HETATM 1165 O O   . HOH C 3 .   ? -9.71971  -1.17134  -19.55145 1.000 22.14267 ? 235 HOH A O   1 
HETATM 1166 O O   . HOH C 3 .   ? 7.61775   -2.22429  24.95459  1.000 32.57784 ? 236 HOH A O   1 
HETATM 1167 O O   . HOH C 3 .   ? -0.52621  9.40704   -10.42520 1.000 22.89991 ? 237 HOH A O   1 
HETATM 1168 O O   . HOH C 3 .   ? -2.75107  -0.08824  -18.34910 1.000 15.83333 ? 238 HOH A O   1 
HETATM 1169 O O   . HOH C 3 .   ? 2.72657   -12.02253 -6.11475  1.000 10.65573 ? 239 HOH A O   1 
HETATM 1170 O O   . HOH C 3 .   ? -17.56238 5.07784   -6.44100  1.000 20.72600 ? 240 HOH A O   1 
HETATM 1171 O O   . HOH C 3 .   ? 15.24729  -8.63895  6.37091   1.000 30.27962 ? 241 HOH A O   1 
HETATM 1172 O O   . HOH C 3 .   ? -11.76092 2.93620   3.37017   1.000 19.18091 ? 242 HOH A O   1 
HETATM 1173 O O   . HOH C 3 .   ? 9.54317   9.20711   0.85853   1.000 32.50633 ? 243 HOH A O   1 
HETATM 1174 O O   . HOH C 3 .   ? 12.70593  11.86062  6.82835   1.000 15.41608 ? 244 HOH A O   1 
HETATM 1175 O O   . HOH C 3 .   ? 5.10127   -11.07943 -4.47985  1.000 23.57080 ? 245 HOH A O   1 
HETATM 1176 O O   . HOH C 3 .   ? -23.35371 0.88132   -9.36719  1.000 11.67631 ? 246 HOH A O   1 
HETATM 1177 O O   . HOH C 3 .   ? -7.47391  9.54769   1.34688   1.000 33.89922 ? 247 HOH A O   1 
HETATM 1178 O O   . HOH C 3 .   ? 16.99460  -3.15041  1.20748   1.000 33.00007 ? 248 HOH A O   1 
HETATM 1179 O O   . HOH C 3 .   ? -14.23399 -4.55845  -3.25467  1.000 23.56017 ? 249 HOH A O   1 
HETATM 1180 O O   . HOH C 3 .   ? 9.00655   -8.57233  -3.86918  1.000 30.10772 ? 250 HOH A O   1 
HETATM 1181 O O   . HOH C 3 .   ? -1.73708  -6.08219  -13.77955 1.000 22.30748 ? 251 HOH A O   1 
HETATM 1182 O O   . HOH C 3 .   ? 14.26879  9.76589   9.05972   1.000 15.39677 ? 252 HOH A O   1 
HETATM 1183 O O   . HOH C 3 .   ? 13.45621  -10.79386 6.36336   1.000 26.94689 ? 253 HOH A O   1 
HETATM 1184 O O   . HOH C 3 .   ? -9.77180  6.54365   -15.94463 1.000 39.61238 ? 254 HOH A O   1 
HETATM 1185 O O   . HOH C 3 .   ? -12.39604 7.71042   -1.31093  1.000 30.56951 ? 255 HOH A O   1 
HETATM 1186 O O   . HOH C 3 .   ? -7.83969  -10.70861 -10.64953 1.000 24.95660 ? 256 HOH A O   1 
HETATM 1187 O O   . HOH C 3 .   ? -2.56517  -8.89461  10.36754  1.000 12.85249 ? 257 HOH A O   1 
HETATM 1188 O O   . HOH C 3 .   ? 6.96792   0.69913   19.25097  1.000 24.25435 ? 258 HOH A O   1 
HETATM 1189 O O   . HOH C 3 .   ? -7.04897  -14.31104 -7.64270  1.000 33.61279 ? 259 HOH A O   1 
HETATM 1190 O O   . HOH C 3 .   ? 6.96687   -2.69522  -9.37216  1.000 20.47363 ? 260 HOH A O   1 
HETATM 1191 O O   . HOH C 3 .   ? -4.97089  10.49900  9.07114   1.000 20.71641 ? 261 HOH A O   1 
HETATM 1192 O O   . HOH C 3 .   ? 8.88127   -0.83848  -7.42498  1.000 26.58842 ? 262 HOH A O   1 
HETATM 1193 O O   . HOH C 3 .   ? -3.80426  12.73286  -0.51891  1.000 33.20893 ? 263 HOH A O   1 
HETATM 1194 O O   . HOH C 3 .   ? 3.82686   1.52546   -17.98738 1.000 32.43416 ? 264 HOH A O   1 
HETATM 1195 O O   . HOH C 3 .   ? -5.30916  4.21201   -18.29835 1.000 34.99145 ? 265 HOH A O   1 
HETATM 1196 O O   . HOH C 3 .   ? 16.45717  -3.48364  -1.75507  1.000 40.41032 ? 266 HOH A O   1 
HETATM 1197 O O   . HOH C 3 .   ? -15.12020 -3.85996  -11.77333 1.000 20.90014 ? 267 HOH A O   1 
HETATM 1198 O O   . HOH C 3 .   ? 16.78450  1.76587   4.78761   1.000 33.74936 ? 268 HOH A O   1 
HETATM 1199 O O   . HOH C 3 .   ? -6.67640  5.07245   9.92485   1.000 23.78320 ? 269 HOH A O   1 
HETATM 1200 O O   . HOH C 3 .   ? -10.53153 -11.49330 -13.78348 1.000 30.30908 ? 270 HOH A O   1 
HETATM 1201 O O   . HOH C 3 .   ? -9.90674  -10.46492 -11.37547 1.000 35.95220 ? 271 HOH A O   1 
HETATM 1202 O O   . HOH C 3 .   ? -0.04738  -9.01928  9.20812   1.000 16.39482 ? 272 HOH A O   1 
HETATM 1203 O O   . HOH C 3 .   ? 6.07510   -10.48112 2.78699   1.000 30.28192 ? 273 HOH A O   1 
HETATM 1204 O O   . HOH C 3 .   ? 11.77150  3.30805   15.53500  1.000 19.13771 ? 274 HOH A O   1 
HETATM 1205 O O   . HOH C 3 .   ? 5.38301   3.76734   27.82569  1.000 38.19301 ? 275 HOH A O   1 
HETATM 1206 O O   . HOH C 3 .   ? -2.59713  1.82632   -20.36875 1.000 24.33976 ? 276 HOH A O   1 
HETATM 1207 O O   . HOH C 3 .   ? -10.99714 7.26871   0.62152   1.000 28.81291 ? 277 HOH A O   1 
HETATM 1208 O O   . HOH C 3 .   ? 11.15059  6.46548   -15.69947 1.000 54.80933 ? 278 HOH A O   1 
HETATM 1209 O O   . HOH C 3 .   ? -17.92291 1.76896   0.98437   1.000 49.88670 ? 279 HOH A O   1 
HETATM 1210 O O   . HOH C 3 .   ? -3.52054  6.82363   18.30740  0.50  41.75531 ? 280 HOH A O   1 
HETATM 1211 O O   . HOH C 3 .   ? 7.77814   -5.65072  16.70759  1.000 28.16808 ? 281 HOH A O   1 
HETATM 1212 O O   . HOH C 3 .   ? -20.29981 9.56220   -6.49233  1.000 36.33067 ? 282 HOH A O   1 
HETATM 1213 O O   . HOH C 3 .   ? 1.68732   -6.26209  -15.48728 1.000 28.23782 ? 283 HOH A O   1 
HETATM 1214 O O   . HOH C 3 .   ? -6.09496  -12.51873 -10.62725 1.000 29.87308 ? 284 HOH A O   1 
HETATM 1215 O O   . HOH C 3 .   ? -10.75610 -11.63715 -9.26508  1.000 43.67249 ? 285 HOH A O   1 
HETATM 1216 O O   . HOH C 3 .   ? -6.12474  -15.07022 -5.57562  1.000 42.44551 ? 286 HOH A O   1 
HETATM 1217 O O   . HOH C 3 .   ? 16.23673  5.93355   -1.33304  1.000 35.63618 ? 287 HOH A O   1 
HETATM 1218 O O   . HOH C 3 .   ? 0.15623   12.46141  9.23608   1.000 35.30036 ? 288 HOH A O   1 
HETATM 1219 O O   . HOH C 3 .   ? 2.98395   -9.58613  5.79513   1.000 28.14432 ? 289 HOH A O   1 
HETATM 1220 O O   . HOH C 3 .   ? 11.54524  3.29253   -8.49939  1.000 50.18810 ? 290 HOH A O   1 
HETATM 1221 O O   . HOH C 3 .   ? -16.28362 -2.38798  -2.04407  1.000 45.69598 ? 291 HOH A O   1 
HETATM 1222 O O   . HOH C 3 .   ? -8.52182  8.64914   3.08341   1.000 36.42366 ? 292 HOH A O   1 
HETATM 1223 O O   . HOH C 3 .   ? 3.34544   12.15166  5.02043   1.000 31.09987 ? 293 HOH A O   1 
HETATM 1224 O O   . HOH C 3 .   ? 6.34994   -3.06645  16.83752  1.000 15.99755 ? 294 HOH A O   1 
HETATM 1225 O O   . HOH C 3 .   ? -7.11015  -5.92205  -19.89329 1.000 39.18011 ? 295 HOH A O   1 
HETATM 1226 O O   . HOH C 3 .   ? -13.14245 0.73167   4.72704   1.000 36.50271 ? 296 HOH A O   1 
HETATM 1227 O O   . HOH C 3 .   ? 1.98312   -10.50536 7.60512   1.000 37.64393 ? 297 HOH A O   1 
HETATM 1228 O O   . HOH C 3 .   ? -10.11627 -11.15074 3.61956   1.000 42.26682 ? 298 HOH A O   1 
HETATM 1229 O O   . HOH C 3 .   ? 17.85369  6.18831   4.55794   1.000 37.74240 ? 299 HOH A O   1 
HETATM 1230 O O   . HOH C 3 .   ? -12.42038 -18.43390 1.39130   1.000 42.71392 ? 300 HOH A O   1 
HETATM 1231 O O   . HOH C 3 .   ? 18.55568  7.51251   8.40383   1.000 34.88812 ? 301 HOH A O   1 
HETATM 1232 O O   . HOH C 3 .   ? -11.21657 -13.10283 3.64791   1.000 42.26093 ? 302 HOH A O   1 
HETATM 1233 O O   . HOH C 3 .   ? -6.90149  2.76679   -19.59929 0.50  38.07946 ? 303 HOH A O   1 
HETATM 1234 O O   . HOH C 3 .   ? 1.72019   -11.36869 5.04196   1.000 46.12859 ? 304 HOH A O   1 
HETATM 1235 O O   . HOH D 3 .   ? 13.28186  5.21960   -5.70468  1.000 33.06656 ? 101 HOH B O   1 
HETATM 1236 O O   . HOH D 3 .   ? 14.16864  -4.42574  -3.23596  1.000 18.14485 ? 102 HOH B O   1 
HETATM 1237 O O   . HOH D 3 .   ? 13.56959  7.21370   -0.16390  1.000 36.88607 ? 103 HOH B O   1 
HETATM 1238 O O   . HOH D 3 .   ? 7.10430   -9.44567  -5.86345  1.000 43.60704 ? 104 HOH B O   1 
# 
loop_
_pdbx_poly_seq_scheme.asym_id 
_pdbx_poly_seq_scheme.entity_id 
_pdbx_poly_seq_scheme.seq_id 
_pdbx_poly_seq_scheme.mon_id 
_pdbx_poly_seq_scheme.ndb_seq_num 
_pdbx_poly_seq_scheme.pdb_seq_num 
_pdbx_poly_seq_scheme.auth_seq_num 
_pdbx_poly_seq_scheme.pdb_mon_id 
_pdbx_poly_seq_scheme.auth_mon_id 
_pdbx_poly_seq_scheme.pdb_strand_id 
_pdbx_poly_seq_scheme.pdb_ins_code 
_pdbx_poly_seq_scheme.hetero 
A 1 1   GLY 1   25  ?   ?   ?   A . n 
A 1 2   PRO 2   26  26  PRO PRO A . n 
A 1 3   GLY 3   27  27  GLY GLY A . n 
A 1 4   LYS 4   28  28  LYS LYS A . n 
A 1 5   VAL 5   29  29  VAL VAL A . n 
A 1 6   VAL 6   30  30  VAL VAL A . n 
A 1 7   LYS 7   31  31  LYS LYS A . n 
A 1 8   PHE 8   32  32  PHE PHE A . n 
A 1 9   SER 9   33  33  SER SER A . n 
A 1 10  TYR 10  34  34  TYR TYR A . n 
A 1 11  MET 11  35  35  MET MET A . n 
A 1 12  TRP 12  36  36  TRP TRP A . n 
A 1 13  THR 13  37  37  THR THR A . n 
A 1 14  ILE 14  38  38  ILE ILE A . n 
A 1 15  ASN 15  39  39  ASN ASN A . n 
A 1 16  ASN 16  40  40  ASN ASN A . n 
A 1 17  PHE 17  41  41  PHE PHE A . n 
A 1 18  SER 18  42  42  SER SER A . n 
A 1 19  PHE 19  43  43  PHE PHE A . n 
A 1 20  CYS 20  44  ?   ?   ?   A . n 
A 1 21  ARG 21  45  ?   ?   ?   A . n 
A 1 22  GLU 22  46  ?   ?   ?   A . n 
A 1 23  GLU 23  47  ?   ?   ?   A . n 
A 1 24  MET 24  48  ?   ?   ?   A . n 
A 1 25  GLY 25  49  49  GLY GLY A . n 
A 1 26  GLU 26  50  50  GLU GLU A . n 
A 1 27  VAL 27  51  51  VAL VAL A . n 
A 1 28  ILE 28  52  52  ILE ILE A . n 
A 1 29  LYS 29  53  53  LYS LYS A . n 
A 1 30  SER 30  54  54  SER SER A . n 
A 1 31  SER 31  55  55  SER SER A . n 
A 1 32  THR 32  56  56  THR THR A . n 
A 1 33  PHE 33  57  57  PHE PHE A . n 
A 1 34  SER 34  58  58  SER SER A . n 
A 1 35  SER 35  59  59  SER SER A . n 
A 1 36  GLY 36  60  60  GLY GLY A . n 
A 1 37  ALA 37  61  61  ALA ALA A . n 
A 1 38  ASN 38  62  62  ASN ASN A . n 
A 1 39  ASP 39  63  63  ASP ASP A . n 
A 1 40  LYS 40  64  64  LYS LYS A . n 
A 1 41  LEU 41  65  65  LEU LEU A . n 
A 1 42  LYS 42  66  66  LYS LYS A . n 
A 1 43  TRP 43  67  67  TRP TRP A . n 
A 1 44  CYS 44  68  68  CYS CYS A . n 
A 1 45  LEU 45  69  69  LEU LEU A . n 
A 1 46  ARG 46  70  70  ARG ARG A . n 
A 1 47  VAL 47  71  71  VAL VAL A . n 
A 1 48  ASN 48  72  72  ASN ASN A . n 
A 1 49  PRO 49  73  73  PRO PRO A . n 
A 1 50  LYS 50  74  74  LYS LYS A . n 
A 1 51  GLY 51  75  75  GLY GLY A . n 
A 1 52  LEU 52  76  76  LEU LEU A . n 
A 1 53  ASP 53  77  77  ASP ASP A . n 
A 1 54  GLU 54  78  78  GLU GLU A . n 
A 1 55  GLU 55  79  79  GLU GLU A . n 
A 1 56  SER 56  80  80  SER SER A . n 
A 1 57  LYS 57  81  81  LYS LYS A . n 
A 1 58  ASP 58  82  82  ASP ASP A . n 
A 1 59  TYR 59  83  83  TYR TYR A . n 
A 1 60  LEU 60  84  84  LEU LEU A . n 
A 1 61  SER 61  85  85  SER SER A . n 
A 1 62  LEU 62  86  86  LEU LEU A . n 
A 1 63  TYR 63  87  87  TYR TYR A . n 
A 1 64  LEU 64  88  88  LEU LEU A . n 
A 1 65  LEU 65  89  89  LEU LEU A . n 
A 1 66  LEU 66  90  90  LEU LEU A . n 
A 1 67  VAL 67  91  91  VAL VAL A . n 
A 1 68  SER 68  92  92  SER SER A . n 
A 1 69  CYS 69  93  93  CYS CYS A . n 
A 1 70  PRO 70  94  94  PRO PRO A . n 
A 1 71  LYS 71  95  95  LYS LYS A . n 
A 1 72  SER 72  96  96  SER SER A . n 
A 1 73  GLU 73  97  97  GLU GLU A . n 
A 1 74  VAL 74  98  98  VAL VAL A . n 
A 1 75  ARG 75  99  99  ARG ARG A . n 
A 1 76  ALA 76  100 100 ALA ALA A . n 
A 1 77  LYS 77  101 101 LYS LYS A . n 
A 1 78  PHE 78  102 102 PHE PHE A . n 
A 1 79  LYS 79  103 103 LYS LYS A . n 
A 1 80  PHE 80  104 104 PHE PHE A . n 
A 1 81  SER 81  105 105 SER SER A . n 
A 1 82  ILE 82  106 106 ILE ILE A . n 
A 1 83  LEU 83  107 107 LEU LEU A . n 
A 1 84  ASN 84  108 108 ASN ASN A . n 
A 1 85  ALA 85  109 109 ALA ALA A . n 
A 1 86  LYS 86  110 110 LYS LYS A . n 
A 1 87  GLY 87  111 111 GLY GLY A . n 
A 1 88  GLU 88  112 112 GLU GLU A . n 
A 1 89  GLU 89  113 113 GLU GLU A . n 
A 1 90  THR 90  114 114 THR THR A . n 
A 1 91  LYS 91  115 115 LYS LYS A . n 
A 1 92  ALA 92  116 116 ALA ALA A . n 
A 1 93  MET 93  117 117 MET MET A . n 
A 1 94  GLU 94  118 118 GLU GLU A . n 
A 1 95  SER 95  119 119 SER SER A . n 
A 1 96  GLN 96  120 ?   ?   ?   A . n 
A 1 97  ARG 97  121 121 ARG ARG A . n 
A 1 98  ALA 98  122 122 ALA ALA A . n 
A 1 99  TYR 99  123 123 TYR TYR A . n 
A 1 100 ARG 100 124 124 ARG ARG A . n 
A 1 101 PHE 101 125 125 PHE PHE A . n 
A 1 102 VAL 102 126 126 VAL VAL A . n 
A 1 103 GLN 103 127 127 GLN GLN A . n 
A 1 104 GLY 104 128 128 GLY GLY A . n 
A 1 105 LYS 105 129 129 LYS LYS A . n 
A 1 106 ASP 106 130 130 ASP ASP A . n 
A 1 107 TRP 107 131 131 TRP TRP A . n 
A 1 108 GLY 108 132 132 GLY GLY A . n 
A 1 109 PHE 109 133 133 PHE PHE A . n 
A 1 110 LYS 110 134 134 LYS LYS A . n 
A 1 111 LYS 111 135 135 LYS LYS A . n 
A 1 112 PHE 112 136 136 PHE PHE A . n 
A 1 113 ILE 113 137 137 ILE ILE A . n 
A 1 114 ARG 114 138 138 ARG ARG A . n 
A 1 115 ARG 115 139 139 ARG ARG A . n 
A 1 116 ASP 116 140 140 ASP ASP A . n 
A 1 117 PHE 117 141 141 PHE PHE A . n 
A 1 118 LEU 118 142 142 LEU LEU A . n 
A 1 119 LEU 119 143 143 LEU LEU A . n 
A 1 120 ASP 120 144 144 ASP ASP A . n 
A 1 121 GLU 121 145 145 GLU GLU A . n 
A 1 122 ALA 122 146 146 ALA ALA A . n 
A 1 123 ASN 123 147 147 ASN ASN A . n 
A 1 124 GLY 124 148 148 GLY GLY A . n 
A 1 125 LEU 125 149 149 LEU LEU A . n 
A 1 126 LEU 126 150 150 LEU LEU A . n 
A 1 127 PRO 127 151 151 PRO PRO A . n 
A 1 128 ASP 128 152 152 ASP ASP A . n 
A 1 129 ASP 129 153 153 ASP ASP A . n 
A 1 130 LYS 130 154 154 LYS LYS A . n 
A 1 131 LEU 131 155 155 LEU LEU A . n 
A 1 132 THR 132 156 156 THR THR A . n 
A 1 133 LEU 133 157 157 LEU LEU A . n 
A 1 134 PHE 134 158 158 PHE PHE A . n 
A 1 135 CYS 135 159 159 CYS CYS A . n 
A 1 136 GLU 136 160 160 GLU GLU A . n 
A 1 137 VAL 137 161 161 VAL VAL A . n 
A 1 138 SER 138 162 162 SER SER A . n 
A 1 139 VAL 139 163 163 VAL VAL A . n 
A 1 140 VAL 140 164 164 VAL VAL A . n 
A 1 141 GLN 141 165 165 GLN GLN A . n 
A 1 142 ASP 142 166 ?   ?   ?   A . n 
B 2 1   LEU 1   1   ?   ?   ?   B . n 
B 2 2   SER 2   2   ?   ?   ?   B . n 
B 2 3   ALA 3   3   3   ALA ALA B . n 
B 2 4   SER 4   4   4   SER SER B . n 
B 2 5   PRO 5   5   5   PRO PRO B . n 
B 2 6   GLN 6   6   6   GLN GLN B . n 
B 2 7   PRO 7   7   7   PRO PRO B . n 
B 2 8   SER 8   8   8   SER SER B . n 
B 2 9   SER 9   9   9   SER SER B . n 
B 2 10  VAL 10  10  ?   ?   ?   B . n 
B 2 11  ALA 11  11  ?   ?   ?   B . n 
B 2 12  PRO 12  12  ?   ?   ?   B . n 
B 2 13  ARG 13  13  ?   ?   ?   B . n 
B 2 14  ARG 14  14  ?   ?   ?   B . n 
B 2 15  PRO 15  15  ?   ?   ?   B . n 
B 2 16  GLN 16  16  ?   ?   ?   B . n 
B 2 17  GLU 17  17  ?   ?   ?   B . n 
B 2 18  PRO 18  18  ?   ?   ?   B . n 
B 2 19  ARG 19  19  ?   ?   ?   B . n 
# 
loop_
_pdbx_nonpoly_scheme.asym_id 
_pdbx_nonpoly_scheme.entity_id 
_pdbx_nonpoly_scheme.mon_id 
_pdbx_nonpoly_scheme.ndb_seq_num 
_pdbx_nonpoly_scheme.pdb_seq_num 
_pdbx_nonpoly_scheme.auth_seq_num 
_pdbx_nonpoly_scheme.pdb_mon_id 
_pdbx_nonpoly_scheme.auth_mon_id 
_pdbx_nonpoly_scheme.pdb_strand_id 
_pdbx_nonpoly_scheme.pdb_ins_code 
C 3 HOH 1   201 201 HOH HOH A . 
C 3 HOH 2   202 202 HOH HOH A . 
C 3 HOH 3   203 203 HOH HOH A . 
C 3 HOH 4   204 204 HOH HOH A . 
C 3 HOH 5   205 205 HOH HOH A . 
C 3 HOH 6   206 206 HOH HOH A . 
C 3 HOH 7   207 207 HOH HOH A . 
C 3 HOH 8   208 208 HOH HOH A . 
C 3 HOH 9   209 209 HOH HOH A . 
C 3 HOH 10  210 210 HOH HOH A . 
C 3 HOH 11  211 211 HOH HOH A . 
C 3 HOH 12  212 212 HOH HOH A . 
C 3 HOH 13  213 213 HOH HOH A . 
C 3 HOH 14  214 214 HOH HOH A . 
C 3 HOH 15  215 215 HOH HOH A . 
C 3 HOH 16  216 216 HOH HOH A . 
C 3 HOH 17  217 217 HOH HOH A . 
C 3 HOH 18  218 219 HOH HOH A . 
C 3 HOH 19  219 218 HOH HOH A . 
C 3 HOH 20  220 220 HOH HOH A . 
C 3 HOH 21  221 221 HOH HOH A . 
C 3 HOH 22  222 222 HOH HOH A . 
C 3 HOH 23  223 223 HOH HOH A . 
C 3 HOH 24  224 224 HOH HOH A . 
C 3 HOH 25  225 225 HOH HOH A . 
C 3 HOH 26  226 226 HOH HOH A . 
C 3 HOH 27  227 227 HOH HOH A . 
C 3 HOH 28  228 228 HOH HOH A . 
C 3 HOH 29  229 229 HOH HOH A . 
C 3 HOH 30  230 230 HOH HOH A . 
C 3 HOH 31  231 231 HOH HOH A . 
C 3 HOH 32  232 232 HOH HOH A . 
C 3 HOH 33  233 233 HOH HOH A . 
C 3 HOH 34  234 234 HOH HOH A . 
C 3 HOH 35  235 235 HOH HOH A . 
C 3 HOH 36  236 236 HOH HOH A . 
C 3 HOH 37  237 237 HOH HOH A . 
C 3 HOH 38  238 238 HOH HOH A . 
C 3 HOH 39  239 239 HOH HOH A . 
C 3 HOH 40  240 240 HOH HOH A . 
C 3 HOH 41  241 241 HOH HOH A . 
C 3 HOH 42  242 242 HOH HOH A . 
C 3 HOH 43  243 243 HOH HOH A . 
C 3 HOH 44  244 244 HOH HOH A . 
C 3 HOH 45  245 245 HOH HOH A . 
C 3 HOH 46  246 246 HOH HOH A . 
C 3 HOH 47  247 247 HOH HOH A . 
C 3 HOH 48  248 248 HOH HOH A . 
C 3 HOH 49  249 249 HOH HOH A . 
C 3 HOH 50  250 250 HOH HOH A . 
C 3 HOH 51  251 251 HOH HOH A . 
C 3 HOH 52  252 252 HOH HOH A . 
C 3 HOH 53  253 253 HOH HOH A . 
C 3 HOH 54  254 254 HOH HOH A . 
C 3 HOH 55  255 255 HOH HOH A . 
C 3 HOH 56  256 256 HOH HOH A . 
C 3 HOH 57  257 257 HOH HOH A . 
C 3 HOH 58  258 258 HOH HOH A . 
C 3 HOH 59  259 259 HOH HOH A . 
C 3 HOH 60  260 260 HOH HOH A . 
C 3 HOH 61  261 261 HOH HOH A . 
C 3 HOH 62  262 262 HOH HOH A . 
C 3 HOH 63  263 263 HOH HOH A . 
C 3 HOH 64  264 264 HOH HOH A . 
C 3 HOH 65  265 265 HOH HOH A . 
C 3 HOH 66  266 266 HOH HOH A . 
C 3 HOH 67  267 267 HOH HOH A . 
C 3 HOH 68  268 268 HOH HOH A . 
C 3 HOH 69  269 269 HOH HOH A . 
C 3 HOH 70  270 270 HOH HOH A . 
C 3 HOH 71  271 271 HOH HOH A . 
C 3 HOH 72  272 272 HOH HOH A . 
C 3 HOH 73  273 273 HOH HOH A . 
C 3 HOH 74  274 274 HOH HOH A . 
C 3 HOH 75  275 275 HOH HOH A . 
C 3 HOH 76  276 276 HOH HOH A . 
C 3 HOH 77  277 277 HOH HOH A . 
C 3 HOH 78  278 278 HOH HOH A . 
C 3 HOH 79  279 279 HOH HOH A . 
C 3 HOH 80  280 280 HOH HOH A . 
C 3 HOH 81  281 281 HOH HOH A . 
C 3 HOH 82  282 282 HOH HOH A . 
C 3 HOH 83  283 283 HOH HOH A . 
C 3 HOH 84  284 284 HOH HOH A . 
C 3 HOH 85  285 285 HOH HOH A . 
C 3 HOH 86  286 286 HOH HOH A . 
C 3 HOH 87  287 287 HOH HOH A . 
C 3 HOH 88  288 288 HOH HOH A . 
C 3 HOH 89  289 289 HOH HOH A . 
C 3 HOH 90  290 290 HOH HOH A . 
C 3 HOH 91  291 291 HOH HOH A . 
C 3 HOH 92  292 292 HOH HOH A . 
C 3 HOH 93  293 293 HOH HOH A . 
C 3 HOH 94  294 294 HOH HOH A . 
C 3 HOH 95  295 295 HOH HOH A . 
C 3 HOH 96  296 296 HOH HOH A . 
C 3 HOH 97  297 297 HOH HOH A . 
C 3 HOH 98  298 298 HOH HOH A . 
C 3 HOH 99  299 299 HOH HOH A . 
C 3 HOH 100 300 300 HOH HOH A . 
C 3 HOH 101 301 301 HOH HOH A . 
C 3 HOH 102 302 302 HOH HOH A . 
C 3 HOH 103 303 303 HOH HOH A . 
C 3 HOH 104 304 304 HOH HOH A . 
D 3 HOH 1   101 101 HOH HOH B . 
D 3 HOH 2   102 102 HOH HOH B . 
D 3 HOH 3   103 103 HOH HOH B . 
D 3 HOH 4   104 104 HOH HOH B . 
# 
_pdbx_struct_assembly.id                   1 
_pdbx_struct_assembly.details              author_and_software_defined_assembly 
_pdbx_struct_assembly.method_details       PISA 
_pdbx_struct_assembly.oligomeric_details   dimeric 
_pdbx_struct_assembly.oligomeric_count     2 
# 
_pdbx_struct_assembly_gen.assembly_id       1 
_pdbx_struct_assembly_gen.oper_expression   1 
_pdbx_struct_assembly_gen.asym_id_list      A,B,C,D 
# 
loop_
_pdbx_struct_assembly_prop.biol_id 
_pdbx_struct_assembly_prop.type 
_pdbx_struct_assembly_prop.value 
_pdbx_struct_assembly_prop.details 
1 'ABSA (A^2)' 690  ? 
1 MORE         -4   ? 
1 'SSA (A^2)'  7700 ? 
# 
_pdbx_struct_oper_list.id                   1 
_pdbx_struct_oper_list.type                 'identity operation' 
_pdbx_struct_oper_list.name                 1_555 
_pdbx_struct_oper_list.symmetry_operation   x,y,z 
_pdbx_struct_oper_list.matrix[1][1]         1.0000000000 
_pdbx_struct_oper_list.matrix[1][2]         0.0000000000 
_pdbx_struct_oper_list.matrix[1][3]         0.0000000000 
_pdbx_struct_oper_list.vector[1]            0.0000000000 
_pdbx_struct_oper_list.matrix[2][1]         0.0000000000 
_pdbx_struct_oper_list.matrix[2][2]         1.0000000000 
_pdbx_struct_oper_list.matrix[2][3]         0.0000000000 
_pdbx_struct_oper_list.vector[2]            0.0000000000 
_pdbx_struct_oper_list.matrix[3][1]         0.0000000000 
_pdbx_struct_oper_list.matrix[3][2]         0.0000000000 
_pdbx_struct_oper_list.matrix[3][3]         1.0000000000 
_pdbx_struct_oper_list.vector[3]            0.0000000000 
# 
loop_
_pdbx_struct_special_symmetry.id 
_pdbx_struct_special_symmetry.PDB_model_num 
_pdbx_struct_special_symmetry.auth_asym_id 
_pdbx_struct_special_symmetry.auth_comp_id 
_pdbx_struct_special_symmetry.auth_seq_id 
_pdbx_struct_special_symmetry.PDB_ins_code 
_pdbx_struct_special_symmetry.label_asym_id 
_pdbx_struct_special_symmetry.label_comp_id 
_pdbx_struct_special_symmetry.label_seq_id 
1 1 A HOH 280 ? C HOH . 
2 1 A HOH 303 ? C HOH . 
# 
loop_
_pdbx_audit_revision_history.ordinal 
_pdbx_audit_revision_history.data_content_type 
_pdbx_audit_revision_history.major_revision 
_pdbx_audit_revision_history.minor_revision 
_pdbx_audit_revision_history.revision_date 
1 'Structure model' 1 0 2021-04-28 
2 'Structure model' 1 1 2021-05-05 
3 'Structure model' 1 2 2021-07-21 
4 'Structure model' 1 3 2023-10-18 
# 
_pdbx_audit_revision_details.ordinal             1 
_pdbx_audit_revision_details.revision_ordinal    1 
_pdbx_audit_revision_details.data_content_type   'Structure model' 
_pdbx_audit_revision_details.provider            repository 
_pdbx_audit_revision_details.type                'Initial release' 
_pdbx_audit_revision_details.description         ? 
_pdbx_audit_revision_details.details             ? 
# 
loop_
_pdbx_audit_revision_group.ordinal 
_pdbx_audit_revision_group.revision_ordinal 
_pdbx_audit_revision_group.data_content_type 
_pdbx_audit_revision_group.group 
1 2 'Structure model' 'Database references'    
2 3 'Structure model' 'Database references'    
3 4 'Structure model' 'Data collection'        
4 4 'Structure model' 'Database references'    
5 4 'Structure model' 'Refinement description' 
# 
loop_
_pdbx_audit_revision_category.ordinal 
_pdbx_audit_revision_category.revision_ordinal 
_pdbx_audit_revision_category.data_content_type 
_pdbx_audit_revision_category.category 
1 2 'Structure model' citation                      
2 3 'Structure model' citation                      
3 4 'Structure model' chem_comp_atom                
4 4 'Structure model' chem_comp_bond                
5 4 'Structure model' database_2                    
6 4 'Structure model' pdbx_initial_refinement_model 
# 
loop_
_pdbx_audit_revision_item.ordinal 
_pdbx_audit_revision_item.revision_ordinal 
_pdbx_audit_revision_item.data_content_type 
_pdbx_audit_revision_item.item 
1  2 'Structure model' '_citation.country'                   
2  2 'Structure model' '_citation.journal_abbrev'            
3  2 'Structure model' '_citation.journal_id_ASTM'           
4  2 'Structure model' '_citation.journal_id_CSD'            
5  2 'Structure model' '_citation.journal_id_ISSN'           
6  2 'Structure model' '_citation.page_first'                
7  2 'Structure model' '_citation.page_last'                 
8  2 'Structure model' '_citation.pdbx_database_id_DOI'      
9  2 'Structure model' '_citation.pdbx_database_id_PubMed'   
10 2 'Structure model' '_citation.title'                     
11 2 'Structure model' '_citation.year'                      
12 3 'Structure model' '_citation.journal_volume'            
13 4 'Structure model' '_database_2.pdbx_DOI'                
14 4 'Structure model' '_database_2.pdbx_database_accession' 
# 
loop_
_software.citation_id 
_software.classification 
_software.compiler_name 
_software.compiler_version 
_software.contact_author 
_software.contact_author_email 
_software.date 
_software.description 
_software.dependencies 
_software.hardware 
_software.language 
_software.location 
_software.mods 
_software.name 
_software.os 
_software.os_version 
_software.type 
_software.version 
_software.pdbx_ordinal 
? refinement       ? ? ? ? ? ? ? ? ? ? ? PHENIX    ? ? ? 1.14_3260 1 
? 'data reduction' ? ? ? ? ? ? ? ? ? ? ? HKL-2000  ? ? ? .         2 
? 'data scaling'   ? ? ? ? ? ? ? ? ? ? ? SCALEPACK ? ? ? .         3 
? phasing          ? ? ? ? ? ? ? ? ? ? ? PHASER    ? ? ? .         4 
# 
loop_
_pdbx_validate_close_contact.id 
_pdbx_validate_close_contact.PDB_model_num 
_pdbx_validate_close_contact.auth_atom_id_1 
_pdbx_validate_close_contact.auth_asym_id_1 
_pdbx_validate_close_contact.auth_comp_id_1 
_pdbx_validate_close_contact.auth_seq_id_1 
_pdbx_validate_close_contact.PDB_ins_code_1 
_pdbx_validate_close_contact.label_alt_id_1 
_pdbx_validate_close_contact.auth_atom_id_2 
_pdbx_validate_close_contact.auth_asym_id_2 
_pdbx_validate_close_contact.auth_comp_id_2 
_pdbx_validate_close_contact.auth_seq_id_2 
_pdbx_validate_close_contact.PDB_ins_code_2 
_pdbx_validate_close_contact.label_alt_id_2 
_pdbx_validate_close_contact.dist 
1 1 O   A HOH 223 ? ? O A HOH 241 ? ? 2.04 
2 1 OD1 A ASP 63  ? ? O A HOH 201 ? ? 2.09 
3 1 NH2 A ARG 99  ? ? O A HOH 202 ? ? 2.14 
4 1 O   A THR 37  ? ? O A HOH 203 ? ? 2.14 
# 
loop_
_pdbx_validate_torsion.id 
_pdbx_validate_torsion.PDB_model_num 
_pdbx_validate_torsion.auth_comp_id 
_pdbx_validate_torsion.auth_asym_id 
_pdbx_validate_torsion.auth_seq_id 
_pdbx_validate_torsion.PDB_ins_code 
_pdbx_validate_torsion.label_alt_id 
_pdbx_validate_torsion.phi 
_pdbx_validate_torsion.psi 
1 1 ASP A 77  ? ? -163.88 -159.94 
2 1 LYS A 95  ? ? -117.80 -147.10 
3 1 LYS A 135 ? ? -114.54 66.32   
# 
loop_
_pdbx_unobs_or_zero_occ_residues.id 
_pdbx_unobs_or_zero_occ_residues.PDB_model_num 
_pdbx_unobs_or_zero_occ_residues.polymer_flag 
_pdbx_unobs_or_zero_occ_residues.occupancy_flag 
_pdbx_unobs_or_zero_occ_residues.auth_asym_id 
_pdbx_unobs_or_zero_occ_residues.auth_comp_id 
_pdbx_unobs_or_zero_occ_residues.auth_seq_id 
_pdbx_unobs_or_zero_occ_residues.PDB_ins_code 
_pdbx_unobs_or_zero_occ_residues.label_asym_id 
_pdbx_unobs_or_zero_occ_residues.label_comp_id 
_pdbx_unobs_or_zero_occ_residues.label_seq_id 
1  1 Y 1 A GLY 25  ? A GLY 1   
2  1 Y 1 A CYS 44  ? A CYS 20  
3  1 Y 1 A ARG 45  ? A ARG 21  
4  1 Y 1 A GLU 46  ? A GLU 22  
5  1 Y 1 A GLU 47  ? A GLU 23  
6  1 Y 1 A MET 48  ? A MET 24  
7  1 Y 1 A GLN 120 ? A GLN 96  
8  1 Y 1 A ASP 166 ? A ASP 142 
9  1 Y 1 B LEU 1   ? B LEU 1   
10 1 Y 1 B SER 2   ? B SER 2   
11 1 Y 1 B VAL 10  ? B VAL 10  
12 1 Y 1 B ALA 11  ? B ALA 11  
13 1 Y 1 B PRO 12  ? B PRO 12  
14 1 Y 1 B ARG 13  ? B ARG 13  
15 1 Y 1 B ARG 14  ? B ARG 14  
16 1 Y 1 B PRO 15  ? B PRO 15  
17 1 Y 1 B GLN 16  ? B GLN 16  
18 1 Y 1 B GLU 17  ? B GLU 17  
19 1 Y 1 B PRO 18  ? B PRO 18  
20 1 Y 1 B ARG 19  ? B ARG 19  
# 
loop_
_chem_comp_atom.comp_id 
_chem_comp_atom.atom_id 
_chem_comp_atom.type_symbol 
_chem_comp_atom.pdbx_aromatic_flag 
_chem_comp_atom.pdbx_stereo_config 
_chem_comp_atom.pdbx_ordinal 
ALA N    N N N 1   
ALA CA   C N S 2   
ALA C    C N N 3   
ALA O    O N N 4   
ALA CB   C N N 5   
ALA OXT  O N N 6   
ALA H    H N N 7   
ALA H2   H N N 8   
ALA HA   H N N 9   
ALA HB1  H N N 10  
ALA HB2  H N N 11  
ALA HB3  H N N 12  
ALA HXT  H N N 13  
ARG N    N N N 14  
ARG CA   C N S 15  
ARG C    C N N 16  
ARG O    O N N 17  
ARG CB   C N N 18  
ARG CG   C N N 19  
ARG CD   C N N 20  
ARG NE   N N N 21  
ARG CZ   C N N 22  
ARG NH1  N N N 23  
ARG NH2  N N N 24  
ARG OXT  O N N 25  
ARG H    H N N 26  
ARG H2   H N N 27  
ARG HA   H N N 28  
ARG HB2  H N N 29  
ARG HB3  H N N 30  
ARG HG2  H N N 31  
ARG HG3  H N N 32  
ARG HD2  H N N 33  
ARG HD3  H N N 34  
ARG HE   H N N 35  
ARG HH11 H N N 36  
ARG HH12 H N N 37  
ARG HH21 H N N 38  
ARG HH22 H N N 39  
ARG HXT  H N N 40  
ASN N    N N N 41  
ASN CA   C N S 42  
ASN C    C N N 43  
ASN O    O N N 44  
ASN CB   C N N 45  
ASN CG   C N N 46  
ASN OD1  O N N 47  
ASN ND2  N N N 48  
ASN OXT  O N N 49  
ASN H    H N N 50  
ASN H2   H N N 51  
ASN HA   H N N 52  
ASN HB2  H N N 53  
ASN HB3  H N N 54  
ASN HD21 H N N 55  
ASN HD22 H N N 56  
ASN HXT  H N N 57  
ASP N    N N N 58  
ASP CA   C N S 59  
ASP C    C N N 60  
ASP O    O N N 61  
ASP CB   C N N 62  
ASP CG   C N N 63  
ASP OD1  O N N 64  
ASP OD2  O N N 65  
ASP OXT  O N N 66  
ASP H    H N N 67  
ASP H2   H N N 68  
ASP HA   H N N 69  
ASP HB2  H N N 70  
ASP HB3  H N N 71  
ASP HD2  H N N 72  
ASP HXT  H N N 73  
CYS N    N N N 74  
CYS CA   C N R 75  
CYS C    C N N 76  
CYS O    O N N 77  
CYS CB   C N N 78  
CYS SG   S N N 79  
CYS OXT  O N N 80  
CYS H    H N N 81  
CYS H2   H N N 82  
CYS HA   H N N 83  
CYS HB2  H N N 84  
CYS HB3  H N N 85  
CYS HG   H N N 86  
CYS HXT  H N N 87  
GLN N    N N N 88  
GLN CA   C N S 89  
GLN C    C N N 90  
GLN O    O N N 91  
GLN CB   C N N 92  
GLN CG   C N N 93  
GLN CD   C N N 94  
GLN OE1  O N N 95  
GLN NE2  N N N 96  
GLN OXT  O N N 97  
GLN H    H N N 98  
GLN H2   H N N 99  
GLN HA   H N N 100 
GLN HB2  H N N 101 
GLN HB3  H N N 102 
GLN HG2  H N N 103 
GLN HG3  H N N 104 
GLN HE21 H N N 105 
GLN HE22 H N N 106 
GLN HXT  H N N 107 
GLU N    N N N 108 
GLU CA   C N S 109 
GLU C    C N N 110 
GLU O    O N N 111 
GLU CB   C N N 112 
GLU CG   C N N 113 
GLU CD   C N N 114 
GLU OE1  O N N 115 
GLU OE2  O N N 116 
GLU OXT  O N N 117 
GLU H    H N N 118 
GLU H2   H N N 119 
GLU HA   H N N 120 
GLU HB2  H N N 121 
GLU HB3  H N N 122 
GLU HG2  H N N 123 
GLU HG3  H N N 124 
GLU HE2  H N N 125 
GLU HXT  H N N 126 
GLY N    N N N 127 
GLY CA   C N N 128 
GLY C    C N N 129 
GLY O    O N N 130 
GLY OXT  O N N 131 
GLY H    H N N 132 
GLY H2   H N N 133 
GLY HA2  H N N 134 
GLY HA3  H N N 135 
GLY HXT  H N N 136 
HOH O    O N N 137 
HOH H1   H N N 138 
HOH H2   H N N 139 
ILE N    N N N 140 
ILE CA   C N S 141 
ILE C    C N N 142 
ILE O    O N N 143 
ILE CB   C N S 144 
ILE CG1  C N N 145 
ILE CG2  C N N 146 
ILE CD1  C N N 147 
ILE OXT  O N N 148 
ILE H    H N N 149 
ILE H2   H N N 150 
ILE HA   H N N 151 
ILE HB   H N N 152 
ILE HG12 H N N 153 
ILE HG13 H N N 154 
ILE HG21 H N N 155 
ILE HG22 H N N 156 
ILE HG23 H N N 157 
ILE HD11 H N N 158 
ILE HD12 H N N 159 
ILE HD13 H N N 160 
ILE HXT  H N N 161 
LEU N    N N N 162 
LEU CA   C N S 163 
LEU C    C N N 164 
LEU O    O N N 165 
LEU CB   C N N 166 
LEU CG   C N N 167 
LEU CD1  C N N 168 
LEU CD2  C N N 169 
LEU OXT  O N N 170 
LEU H    H N N 171 
LEU H2   H N N 172 
LEU HA   H N N 173 
LEU HB2  H N N 174 
LEU HB3  H N N 175 
LEU HG   H N N 176 
LEU HD11 H N N 177 
LEU HD12 H N N 178 
LEU HD13 H N N 179 
LEU HD21 H N N 180 
LEU HD22 H N N 181 
LEU HD23 H N N 182 
LEU HXT  H N N 183 
LYS N    N N N 184 
LYS CA   C N S 185 
LYS C    C N N 186 
LYS O    O N N 187 
LYS CB   C N N 188 
LYS CG   C N N 189 
LYS CD   C N N 190 
LYS CE   C N N 191 
LYS NZ   N N N 192 
LYS OXT  O N N 193 
LYS H    H N N 194 
LYS H2   H N N 195 
LYS HA   H N N 196 
LYS HB2  H N N 197 
LYS HB3  H N N 198 
LYS HG2  H N N 199 
LYS HG3  H N N 200 
LYS HD2  H N N 201 
LYS HD3  H N N 202 
LYS HE2  H N N 203 
LYS HE3  H N N 204 
LYS HZ1  H N N 205 
LYS HZ2  H N N 206 
LYS HZ3  H N N 207 
LYS HXT  H N N 208 
MET N    N N N 209 
MET CA   C N S 210 
MET C    C N N 211 
MET O    O N N 212 
MET CB   C N N 213 
MET CG   C N N 214 
MET SD   S N N 215 
MET CE   C N N 216 
MET OXT  O N N 217 
MET H    H N N 218 
MET H2   H N N 219 
MET HA   H N N 220 
MET HB2  H N N 221 
MET HB3  H N N 222 
MET HG2  H N N 223 
MET HG3  H N N 224 
MET HE1  H N N 225 
MET HE2  H N N 226 
MET HE3  H N N 227 
MET HXT  H N N 228 
PHE N    N N N 229 
PHE CA   C N S 230 
PHE C    C N N 231 
PHE O    O N N 232 
PHE CB   C N N 233 
PHE CG   C Y N 234 
PHE CD1  C Y N 235 
PHE CD2  C Y N 236 
PHE CE1  C Y N 237 
PHE CE2  C Y N 238 
PHE CZ   C Y N 239 
PHE OXT  O N N 240 
PHE H    H N N 241 
PHE H2   H N N 242 
PHE HA   H N N 243 
PHE HB2  H N N 244 
PHE HB3  H N N 245 
PHE HD1  H N N 246 
PHE HD2  H N N 247 
PHE HE1  H N N 248 
PHE HE2  H N N 249 
PHE HZ   H N N 250 
PHE HXT  H N N 251 
PRO N    N N N 252 
PRO CA   C N S 253 
PRO C    C N N 254 
PRO O    O N N 255 
PRO CB   C N N 256 
PRO CG   C N N 257 
PRO CD   C N N 258 
PRO OXT  O N N 259 
PRO H    H N N 260 
PRO HA   H N N 261 
PRO HB2  H N N 262 
PRO HB3  H N N 263 
PRO HG2  H N N 264 
PRO HG3  H N N 265 
PRO HD2  H N N 266 
PRO HD3  H N N 267 
PRO HXT  H N N 268 
SER N    N N N 269 
SER CA   C N S 270 
SER C    C N N 271 
SER O    O N N 272 
SER CB   C N N 273 
SER OG   O N N 274 
SER OXT  O N N 275 
SER H    H N N 276 
SER H2   H N N 277 
SER HA   H N N 278 
SER HB2  H N N 279 
SER HB3  H N N 280 
SER HG   H N N 281 
SER HXT  H N N 282 
THR N    N N N 283 
THR CA   C N S 284 
THR C    C N N 285 
THR O    O N N 286 
THR CB   C N R 287 
THR OG1  O N N 288 
THR CG2  C N N 289 
THR OXT  O N N 290 
THR H    H N N 291 
THR H2   H N N 292 
THR HA   H N N 293 
THR HB   H N N 294 
THR HG1  H N N 295 
THR HG21 H N N 296 
THR HG22 H N N 297 
THR HG23 H N N 298 
THR HXT  H N N 299 
TRP N    N N N 300 
TRP CA   C N S 301 
TRP C    C N N 302 
TRP O    O N N 303 
TRP CB   C N N 304 
TRP CG   C Y N 305 
TRP CD1  C Y N 306 
TRP CD2  C Y N 307 
TRP NE1  N Y N 308 
TRP CE2  C Y N 309 
TRP CE3  C Y N 310 
TRP CZ2  C Y N 311 
TRP CZ3  C Y N 312 
TRP CH2  C Y N 313 
TRP OXT  O N N 314 
TRP H    H N N 315 
TRP H2   H N N 316 
TRP HA   H N N 317 
TRP HB2  H N N 318 
TRP HB3  H N N 319 
TRP HD1  H N N 320 
TRP HE1  H N N 321 
TRP HE3  H N N 322 
TRP HZ2  H N N 323 
TRP HZ3  H N N 324 
TRP HH2  H N N 325 
TRP HXT  H N N 326 
TYR N    N N N 327 
TYR CA   C N S 328 
TYR C    C N N 329 
TYR O    O N N 330 
TYR CB   C N N 331 
TYR CG   C Y N 332 
TYR CD1  C Y N 333 
TYR CD2  C Y N 334 
TYR CE1  C Y N 335 
TYR CE2  C Y N 336 
TYR CZ   C Y N 337 
TYR OH   O N N 338 
TYR OXT  O N N 339 
TYR H    H N N 340 
TYR H2   H N N 341 
TYR HA   H N N 342 
TYR HB2  H N N 343 
TYR HB3  H N N 344 
TYR HD1  H N N 345 
TYR HD2  H N N 346 
TYR HE1  H N N 347 
TYR HE2  H N N 348 
TYR HH   H N N 349 
TYR HXT  H N N 350 
VAL N    N N N 351 
VAL CA   C N S 352 
VAL C    C N N 353 
VAL O    O N N 354 
VAL CB   C N N 355 
VAL CG1  C N N 356 
VAL CG2  C N N 357 
VAL OXT  O N N 358 
VAL H    H N N 359 
VAL H2   H N N 360 
VAL HA   H N N 361 
VAL HB   H N N 362 
VAL HG11 H N N 363 
VAL HG12 H N N 364 
VAL HG13 H N N 365 
VAL HG21 H N N 366 
VAL HG22 H N N 367 
VAL HG23 H N N 368 
VAL HXT  H N N 369 
# 
loop_
_chem_comp_bond.comp_id 
_chem_comp_bond.atom_id_1 
_chem_comp_bond.atom_id_2 
_chem_comp_bond.value_order 
_chem_comp_bond.pdbx_aromatic_flag 
_chem_comp_bond.pdbx_stereo_config 
_chem_comp_bond.pdbx_ordinal 
ALA N   CA   sing N N 1   
ALA N   H    sing N N 2   
ALA N   H2   sing N N 3   
ALA CA  C    sing N N 4   
ALA CA  CB   sing N N 5   
ALA CA  HA   sing N N 6   
ALA C   O    doub N N 7   
ALA C   OXT  sing N N 8   
ALA CB  HB1  sing N N 9   
ALA CB  HB2  sing N N 10  
ALA CB  HB3  sing N N 11  
ALA OXT HXT  sing N N 12  
ARG N   CA   sing N N 13  
ARG N   H    sing N N 14  
ARG N   H2   sing N N 15  
ARG CA  C    sing N N 16  
ARG CA  CB   sing N N 17  
ARG CA  HA   sing N N 18  
ARG C   O    doub N N 19  
ARG C   OXT  sing N N 20  
ARG CB  CG   sing N N 21  
ARG CB  HB2  sing N N 22  
ARG CB  HB3  sing N N 23  
ARG CG  CD   sing N N 24  
ARG CG  HG2  sing N N 25  
ARG CG  HG3  sing N N 26  
ARG CD  NE   sing N N 27  
ARG CD  HD2  sing N N 28  
ARG CD  HD3  sing N N 29  
ARG NE  CZ   sing N N 30  
ARG NE  HE   sing N N 31  
ARG CZ  NH1  sing N N 32  
ARG CZ  NH2  doub N N 33  
ARG NH1 HH11 sing N N 34  
ARG NH1 HH12 sing N N 35  
ARG NH2 HH21 sing N N 36  
ARG NH2 HH22 sing N N 37  
ARG OXT HXT  sing N N 38  
ASN N   CA   sing N N 39  
ASN N   H    sing N N 40  
ASN N   H2   sing N N 41  
ASN CA  C    sing N N 42  
ASN CA  CB   sing N N 43  
ASN CA  HA   sing N N 44  
ASN C   O    doub N N 45  
ASN C   OXT  sing N N 46  
ASN CB  CG   sing N N 47  
ASN CB  HB2  sing N N 48  
ASN CB  HB3  sing N N 49  
ASN CG  OD1  doub N N 50  
ASN CG  ND2  sing N N 51  
ASN ND2 HD21 sing N N 52  
ASN ND2 HD22 sing N N 53  
ASN OXT HXT  sing N N 54  
ASP N   CA   sing N N 55  
ASP N   H    sing N N 56  
ASP N   H2   sing N N 57  
ASP CA  C    sing N N 58  
ASP CA  CB   sing N N 59  
ASP CA  HA   sing N N 60  
ASP C   O    doub N N 61  
ASP C   OXT  sing N N 62  
ASP CB  CG   sing N N 63  
ASP CB  HB2  sing N N 64  
ASP CB  HB3  sing N N 65  
ASP CG  OD1  doub N N 66  
ASP CG  OD2  sing N N 67  
ASP OD2 HD2  sing N N 68  
ASP OXT HXT  sing N N 69  
CYS N   CA   sing N N 70  
CYS N   H    sing N N 71  
CYS N   H2   sing N N 72  
CYS CA  C    sing N N 73  
CYS CA  CB   sing N N 74  
CYS CA  HA   sing N N 75  
CYS C   O    doub N N 76  
CYS C   OXT  sing N N 77  
CYS CB  SG   sing N N 78  
CYS CB  HB2  sing N N 79  
CYS CB  HB3  sing N N 80  
CYS SG  HG   sing N N 81  
CYS OXT HXT  sing N N 82  
GLN N   CA   sing N N 83  
GLN N   H    sing N N 84  
GLN N   H2   sing N N 85  
GLN CA  C    sing N N 86  
GLN CA  CB   sing N N 87  
GLN CA  HA   sing N N 88  
GLN C   O    doub N N 89  
GLN C   OXT  sing N N 90  
GLN CB  CG   sing N N 91  
GLN CB  HB2  sing N N 92  
GLN CB  HB3  sing N N 93  
GLN CG  CD   sing N N 94  
GLN CG  HG2  sing N N 95  
GLN CG  HG3  sing N N 96  
GLN CD  OE1  doub N N 97  
GLN CD  NE2  sing N N 98  
GLN NE2 HE21 sing N N 99  
GLN NE2 HE22 sing N N 100 
GLN OXT HXT  sing N N 101 
GLU N   CA   sing N N 102 
GLU N   H    sing N N 103 
GLU N   H2   sing N N 104 
GLU CA  C    sing N N 105 
GLU CA  CB   sing N N 106 
GLU CA  HA   sing N N 107 
GLU C   O    doub N N 108 
GLU C   OXT  sing N N 109 
GLU CB  CG   sing N N 110 
GLU CB  HB2  sing N N 111 
GLU CB  HB3  sing N N 112 
GLU CG  CD   sing N N 113 
GLU CG  HG2  sing N N 114 
GLU CG  HG3  sing N N 115 
GLU CD  OE1  doub N N 116 
GLU CD  OE2  sing N N 117 
GLU OE2 HE2  sing N N 118 
GLU OXT HXT  sing N N 119 
GLY N   CA   sing N N 120 
GLY N   H    sing N N 121 
GLY N   H2   sing N N 122 
GLY CA  C    sing N N 123 
GLY CA  HA2  sing N N 124 
GLY CA  HA3  sing N N 125 
GLY C   O    doub N N 126 
GLY C   OXT  sing N N 127 
GLY OXT HXT  sing N N 128 
HOH O   H1   sing N N 129 
HOH O   H2   sing N N 130 
ILE N   CA   sing N N 131 
ILE N   H    sing N N 132 
ILE N   H2   sing N N 133 
ILE CA  C    sing N N 134 
ILE CA  CB   sing N N 135 
ILE CA  HA   sing N N 136 
ILE C   O    doub N N 137 
ILE C   OXT  sing N N 138 
ILE CB  CG1  sing N N 139 
ILE CB  CG2  sing N N 140 
ILE CB  HB   sing N N 141 
ILE CG1 CD1  sing N N 142 
ILE CG1 HG12 sing N N 143 
ILE CG1 HG13 sing N N 144 
ILE CG2 HG21 sing N N 145 
ILE CG2 HG22 sing N N 146 
ILE CG2 HG23 sing N N 147 
ILE CD1 HD11 sing N N 148 
ILE CD1 HD12 sing N N 149 
ILE CD1 HD13 sing N N 150 
ILE OXT HXT  sing N N 151 
LEU N   CA   sing N N 152 
LEU N   H    sing N N 153 
LEU N   H2   sing N N 154 
LEU CA  C    sing N N 155 
LEU CA  CB   sing N N 156 
LEU CA  HA   sing N N 157 
LEU C   O    doub N N 158 
LEU C   OXT  sing N N 159 
LEU CB  CG   sing N N 160 
LEU CB  HB2  sing N N 161 
LEU CB  HB3  sing N N 162 
LEU CG  CD1  sing N N 163 
LEU CG  CD2  sing N N 164 
LEU CG  HG   sing N N 165 
LEU CD1 HD11 sing N N 166 
LEU CD1 HD12 sing N N 167 
LEU CD1 HD13 sing N N 168 
LEU CD2 HD21 sing N N 169 
LEU CD2 HD22 sing N N 170 
LEU CD2 HD23 sing N N 171 
LEU OXT HXT  sing N N 172 
LYS N   CA   sing N N 173 
LYS N   H    sing N N 174 
LYS N   H2   sing N N 175 
LYS CA  C    sing N N 176 
LYS CA  CB   sing N N 177 
LYS CA  HA   sing N N 178 
LYS C   O    doub N N 179 
LYS C   OXT  sing N N 180 
LYS CB  CG   sing N N 181 
LYS CB  HB2  sing N N 182 
LYS CB  HB3  sing N N 183 
LYS CG  CD   sing N N 184 
LYS CG  HG2  sing N N 185 
LYS CG  HG3  sing N N 186 
LYS CD  CE   sing N N 187 
LYS CD  HD2  sing N N 188 
LYS CD  HD3  sing N N 189 
LYS CE  NZ   sing N N 190 
LYS CE  HE2  sing N N 191 
LYS CE  HE3  sing N N 192 
LYS NZ  HZ1  sing N N 193 
LYS NZ  HZ2  sing N N 194 
LYS NZ  HZ3  sing N N 195 
LYS OXT HXT  sing N N 196 
MET N   CA   sing N N 197 
MET N   H    sing N N 198 
MET N   H2   sing N N 199 
MET CA  C    sing N N 200 
MET CA  CB   sing N N 201 
MET CA  HA   sing N N 202 
MET C   O    doub N N 203 
MET C   OXT  sing N N 204 
MET CB  CG   sing N N 205 
MET CB  HB2  sing N N 206 
MET CB  HB3  sing N N 207 
MET CG  SD   sing N N 208 
MET CG  HG2  sing N N 209 
MET CG  HG3  sing N N 210 
MET SD  CE   sing N N 211 
MET CE  HE1  sing N N 212 
MET CE  HE2  sing N N 213 
MET CE  HE3  sing N N 214 
MET OXT HXT  sing N N 215 
PHE N   CA   sing N N 216 
PHE N   H    sing N N 217 
PHE N   H2   sing N N 218 
PHE CA  C    sing N N 219 
PHE CA  CB   sing N N 220 
PHE CA  HA   sing N N 221 
PHE C   O    doub N N 222 
PHE C   OXT  sing N N 223 
PHE CB  CG   sing N N 224 
PHE CB  HB2  sing N N 225 
PHE CB  HB3  sing N N 226 
PHE CG  CD1  doub Y N 227 
PHE CG  CD2  sing Y N 228 
PHE CD1 CE1  sing Y N 229 
PHE CD1 HD1  sing N N 230 
PHE CD2 CE2  doub Y N 231 
PHE CD2 HD2  sing N N 232 
PHE CE1 CZ   doub Y N 233 
PHE CE1 HE1  sing N N 234 
PHE CE2 CZ   sing Y N 235 
PHE CE2 HE2  sing N N 236 
PHE CZ  HZ   sing N N 237 
PHE OXT HXT  sing N N 238 
PRO N   CA   sing N N 239 
PRO N   CD   sing N N 240 
PRO N   H    sing N N 241 
PRO CA  C    sing N N 242 
PRO CA  CB   sing N N 243 
PRO CA  HA   sing N N 244 
PRO C   O    doub N N 245 
PRO C   OXT  sing N N 246 
PRO CB  CG   sing N N 247 
PRO CB  HB2  sing N N 248 
PRO CB  HB3  sing N N 249 
PRO CG  CD   sing N N 250 
PRO CG  HG2  sing N N 251 
PRO CG  HG3  sing N N 252 
PRO CD  HD2  sing N N 253 
PRO CD  HD3  sing N N 254 
PRO OXT HXT  sing N N 255 
SER N   CA   sing N N 256 
SER N   H    sing N N 257 
SER N   H2   sing N N 258 
SER CA  C    sing N N 259 
SER CA  CB   sing N N 260 
SER CA  HA   sing N N 261 
SER C   O    doub N N 262 
SER C   OXT  sing N N 263 
SER CB  OG   sing N N 264 
SER CB  HB2  sing N N 265 
SER CB  HB3  sing N N 266 
SER OG  HG   sing N N 267 
SER OXT HXT  sing N N 268 
THR N   CA   sing N N 269 
THR N   H    sing N N 270 
THR N   H2   sing N N 271 
THR CA  C    sing N N 272 
THR CA  CB   sing N N 273 
THR CA  HA   sing N N 274 
THR C   O    doub N N 275 
THR C   OXT  sing N N 276 
THR CB  OG1  sing N N 277 
THR CB  CG2  sing N N 278 
THR CB  HB   sing N N 279 
THR OG1 HG1  sing N N 280 
THR CG2 HG21 sing N N 281 
THR CG2 HG22 sing N N 282 
THR CG2 HG23 sing N N 283 
THR OXT HXT  sing N N 284 
TRP N   CA   sing N N 285 
TRP N   H    sing N N 286 
TRP N   H2   sing N N 287 
TRP CA  C    sing N N 288 
TRP CA  CB   sing N N 289 
TRP CA  HA   sing N N 290 
TRP C   O    doub N N 291 
TRP C   OXT  sing N N 292 
TRP CB  CG   sing N N 293 
TRP CB  HB2  sing N N 294 
TRP CB  HB3  sing N N 295 
TRP CG  CD1  doub Y N 296 
TRP CG  CD2  sing Y N 297 
TRP CD1 NE1  sing Y N 298 
TRP CD1 HD1  sing N N 299 
TRP CD2 CE2  doub Y N 300 
TRP CD2 CE3  sing Y N 301 
TRP NE1 CE2  sing Y N 302 
TRP NE1 HE1  sing N N 303 
TRP CE2 CZ2  sing Y N 304 
TRP CE3 CZ3  doub Y N 305 
TRP CE3 HE3  sing N N 306 
TRP CZ2 CH2  doub Y N 307 
TRP CZ2 HZ2  sing N N 308 
TRP CZ3 CH2  sing Y N 309 
TRP CZ3 HZ3  sing N N 310 
TRP CH2 HH2  sing N N 311 
TRP OXT HXT  sing N N 312 
TYR N   CA   sing N N 313 
TYR N   H    sing N N 314 
TYR N   H2   sing N N 315 
TYR CA  C    sing N N 316 
TYR CA  CB   sing N N 317 
TYR CA  HA   sing N N 318 
TYR C   O    doub N N 319 
TYR C   OXT  sing N N 320 
TYR CB  CG   sing N N 321 
TYR CB  HB2  sing N N 322 
TYR CB  HB3  sing N N 323 
TYR CG  CD1  doub Y N 324 
TYR CG  CD2  sing Y N 325 
TYR CD1 CE1  sing Y N 326 
TYR CD1 HD1  sing N N 327 
TYR CD2 CE2  doub Y N 328 
TYR CD2 HD2  sing N N 329 
TYR CE1 CZ   doub Y N 330 
TYR CE1 HE1  sing N N 331 
TYR CE2 CZ   sing Y N 332 
TYR CE2 HE2  sing N N 333 
TYR CZ  OH   sing N N 334 
TYR OH  HH   sing N N 335 
TYR OXT HXT  sing N N 336 
VAL N   CA   sing N N 337 
VAL N   H    sing N N 338 
VAL N   H2   sing N N 339 
VAL CA  C    sing N N 340 
VAL CA  CB   sing N N 341 
VAL CA  HA   sing N N 342 
VAL C   O    doub N N 343 
VAL C   OXT  sing N N 344 
VAL CB  CG1  sing N N 345 
VAL CB  CG2  sing N N 346 
VAL CB  HB   sing N N 347 
VAL CG1 HG11 sing N N 348 
VAL CG1 HG12 sing N N 349 
VAL CG1 HG13 sing N N 350 
VAL CG2 HG21 sing N N 351 
VAL CG2 HG22 sing N N 352 
VAL CG2 HG23 sing N N 353 
VAL OXT HXT  sing N N 354 
# 
loop_
_pdbx_audit_support.funding_organization 
_pdbx_audit_support.country 
_pdbx_audit_support.grant_number 
_pdbx_audit_support.ordinal 
'National Institutes of Health/National Institute of Diabetes and Digestive and Kidney Disease (NIH/NIDDK)' 'United States' 
R01DK121509 1 
'National Institutes of Health/National Institute of Diabetes and Digestive and Kidney Disease (NIH/NIDDK)' 'United States' 
F31DK124047 2 
# 
_pdbx_entity_nonpoly.entity_id   3 
_pdbx_entity_nonpoly.name        water 
_pdbx_entity_nonpoly.comp_id     HOH 
# 
_pdbx_initial_refinement_model.id               1 
_pdbx_initial_refinement_model.entity_id_list   ? 
_pdbx_initial_refinement_model.type             'experimental model' 
_pdbx_initial_refinement_model.source_name      PDB 
_pdbx_initial_refinement_model.accession_code   3IVB 
_pdbx_initial_refinement_model.details          ? 
# 
_pdbx_struct_assembly_auth_evidence.id                     1 
_pdbx_struct_assembly_auth_evidence.assembly_id            1 
_pdbx_struct_assembly_auth_evidence.experimental_support   'gel filtration' 
_pdbx_struct_assembly_auth_evidence.details                
'Purification by gel filtration ensured that SPOP-MATH existed as a monomer.' 
# 
